data_6EU4
#
_entry.id   6EU4
#
_cell.length_a   93.202
_cell.length_b   143.336
_cell.length_c   176.515
_cell.angle_alpha   90.00
_cell.angle_beta   90.00
_cell.angle_gamma   90.00
#
_symmetry.space_group_name_H-M   'P 21 21 21'
#
loop_
_entity.id
_entity.type
_entity.pdbx_description
1 polymer 'Tail spike protein'
2 non-polymer 'ZINC ION'
3 water water
#
_entity_poly.entity_id   1
_entity_poly.type   'polypeptide(L)'
_entity_poly.pdbx_seq_one_letter_code
;GSGSTPNVD(MSE)VGWAYVDVKIVNTVADLESLTANDG(MSE)VAYVKGYYQPTNFALAKPYVGGGHRIYVASRAAEND
GFLCINGWVLQIENNTVSPEHAGAKLNTPSFDSAIPIQKVLISGCKVRLNGLYHTSVPVYYNSNTTIEGTGELDCGFIKT
TNNTLSLGNRTINGKI(MSE)NFDVDAI(MSE)VAIPRVGDWYAQNNHLSGFTLQYDSALPTKGIGLYAPLIALSTYKSI
LTKNTFEGIKSVDAW(MSE)CTWERVQASASSRSFIFGHTGTAWTPNNTTQTFIGCWATDAGLYGWDLNK(MSE)QGCT
(MSE)ISCGADFVGADGSPAKALFKIVYSNVT(MSE)VTC(MSE)NEHLHAQNFLYAEGSEVNISNFNGQAIYNKYKPAT
SSWNNNNS(MSE)FCVVSNSKVKLTGGSFGFAYNSSDPTQGANCSALAYVEGGSVFEVSPETTFAVPLEEIGISSLTAFT
KLGVYYTTNASVDAYVKGVRYQDGAKFSGLV(MSE)DSYLSTSAKSLGNESITNLRGSLGNAVLVQSSTANATVANGFPS
SGVPYLVQQWSSAAGNNSYNAQLAFAISSASATFWLRTGDYGQAYASWCRLYHYRDSLIPAATNTYDLGSSGSTFRNAYL
QNAVTVVSDARKKSEVSELTEEELKCAVACGKLYRKYKLNDAIAEKGLENARYHFGVIAQEI(MSE)QCFTDYGLDWSKY
GIITYDEWEDNTEEGIEAGNIY(MSE)VRYSELNCFVNAGIDYRLSLLE
;
_entity_poly.pdbx_strand_id   A,B,C
#
loop_
_chem_comp.id
_chem_comp.type
_chem_comp.name
_chem_comp.formula
ZN non-polymer 'ZINC ION' 'Zn 2'
#
# COMPACT_ATOMS: atom_id res chain seq x y z
N VAL A 16 22.18 -17.38 59.23
CA VAL A 16 22.96 -16.27 58.67
C VAL A 16 22.07 -15.36 57.81
N ASP A 17 22.18 -14.06 58.02
CA ASP A 17 21.27 -13.07 57.47
C ASP A 17 21.92 -12.33 56.32
N VAL A 18 21.09 -11.59 55.58
CA VAL A 18 21.57 -10.71 54.52
C VAL A 18 22.14 -9.45 55.15
N LYS A 19 23.40 -9.15 54.82
CA LYS A 19 24.10 -8.00 55.37
C LYS A 19 23.88 -6.78 54.49
N ILE A 20 23.68 -5.62 55.13
CA ILE A 20 23.48 -4.36 54.42
C ILE A 20 24.83 -3.72 54.14
N VAL A 21 24.98 -3.17 52.95
CA VAL A 21 26.16 -2.43 52.53
C VAL A 21 25.68 -1.13 51.90
N ASN A 22 26.33 -0.01 52.24
CA ASN A 22 25.81 1.27 51.76
C ASN A 22 26.05 1.45 50.26
N THR A 23 27.27 1.21 49.80
CA THR A 23 27.69 1.49 48.42
C THR A 23 28.57 0.35 47.93
N VAL A 24 28.76 0.28 46.61
CA VAL A 24 29.66 -0.77 46.11
C VAL A 24 31.11 -0.50 46.51
N ALA A 25 31.48 0.75 46.79
CA ALA A 25 32.84 1.03 47.26
C ALA A 25 33.09 0.43 48.64
N ASP A 26 32.03 0.18 49.40
CA ASP A 26 32.19 -0.42 50.72
C ASP A 26 32.43 -1.92 50.66
N LEU A 27 32.24 -2.55 49.50
CA LEU A 27 32.48 -3.98 49.38
C LEU A 27 33.96 -4.32 49.57
N GLU A 28 34.87 -3.51 49.03
CA GLU A 28 36.30 -3.83 49.10
C GLU A 28 36.76 -4.12 50.52
N SER A 29 36.20 -3.42 51.51
CA SER A 29 36.62 -3.60 52.89
C SER A 29 35.57 -4.35 53.69
N LEU A 30 35.08 -5.46 53.14
CA LEU A 30 34.03 -6.26 53.76
C LEU A 30 34.61 -7.65 54.04
N THR A 31 34.80 -7.98 55.32
CA THR A 31 35.25 -9.32 55.68
C THR A 31 34.08 -10.29 55.51
N ALA A 32 34.22 -11.25 54.59
CA ALA A 32 33.12 -12.10 54.22
C ALA A 32 33.60 -13.51 53.93
N ASN A 33 32.76 -14.49 54.29
CA ASN A 33 32.98 -15.87 53.93
C ASN A 33 32.42 -16.16 52.54
N ASP A 34 32.97 -17.17 51.90
CA ASP A 34 32.48 -17.61 50.60
C ASP A 34 30.97 -17.85 50.67
N GLY A 35 30.24 -17.26 49.72
CA GLY A 35 28.80 -17.45 49.65
C GLY A 35 27.95 -16.49 50.46
N MSE A 36 28.54 -15.54 51.16
CA MSE A 36 27.81 -14.53 51.91
CA MSE A 36 27.79 -14.54 51.90
C MSE A 36 26.93 -13.69 50.97
O MSE A 36 27.30 -13.44 49.82
CB MSE A 36 28.82 -13.63 52.65
CB MSE A 36 28.73 -13.65 52.72
CG MSE A 36 28.22 -12.50 53.50
CG MSE A 36 28.02 -12.54 53.48
SE MSE A 36 29.59 -11.63 54.65
SE MSE A 36 26.65 -13.23 54.69
CE MSE A 36 29.90 -13.10 55.89
CE MSE A 36 26.05 -11.54 55.45
H MSE A 36 29.41 -15.46 51.22
H MSE A 36 29.40 -15.45 51.22
HA MSE A 36 27.25 -14.95 52.57
HA MSE A 36 27.20 -15.01 52.53
HB2 MSE A 36 29.34 -14.19 53.25
HB2 MSE A 36 29.20 -14.21 53.36
HB3 MSE A 36 29.40 -13.21 52.00
HB3 MSE A 36 29.35 -13.24 52.11
HG2 MSE A 36 27.85 -11.83 52.91
HG2 MSE A 36 28.67 -12.06 54.01
HG3 MSE A 36 27.54 -12.87 54.07
HG3 MSE A 36 27.59 -11.94 52.85
HE1 MSE A 36 30.57 -12.82 56.54
HE1 MSE A 36 25.35 -11.72 56.09
HE2 MSE A 36 29.07 -13.32 56.34
HE2 MSE A 36 26.80 -11.10 55.89
HE3 MSE A 36 30.22 -13.87 55.40
HE3 MSE A 36 25.71 -10.98 54.73
N VAL A 37 25.77 -13.24 51.45
CA VAL A 37 24.85 -12.40 50.67
C VAL A 37 24.77 -11.03 51.31
N ALA A 38 24.93 -9.99 50.50
CA ALA A 38 24.79 -8.61 50.90
C ALA A 38 23.75 -7.92 50.05
N TYR A 39 23.09 -6.91 50.63
CA TYR A 39 22.21 -6.01 49.91
C TYR A 39 22.87 -4.64 49.87
N VAL A 40 23.17 -4.16 48.65
CA VAL A 40 23.77 -2.85 48.47
C VAL A 40 22.67 -1.83 48.22
N LYS A 41 22.66 -0.76 49.03
CA LYS A 41 21.58 0.23 48.96
C LYS A 41 21.59 0.95 47.61
N GLY A 42 22.77 1.40 47.18
CA GLY A 42 22.91 2.07 45.91
C GLY A 42 24.36 2.00 45.48
N TYR A 43 24.58 2.19 44.17
CA TYR A 43 25.95 2.13 43.67
C TYR A 43 26.79 3.20 44.34
N TYR A 44 26.28 4.42 44.38
CA TYR A 44 26.88 5.56 45.06
C TYR A 44 26.01 5.98 46.23
N GLN A 45 26.61 6.73 47.16
CA GLN A 45 25.81 7.45 48.14
C GLN A 45 24.96 8.50 47.41
N PRO A 46 23.66 8.61 47.72
CA PRO A 46 22.87 9.69 47.08
C PRO A 46 23.39 11.05 47.48
N THR A 47 23.38 12.00 46.53
CA THR A 47 23.71 13.39 46.84
C THR A 47 22.47 14.27 47.01
N ASN A 48 21.28 13.78 46.65
CA ASN A 48 20.04 14.56 46.77
C ASN A 48 18.99 13.64 47.38
N PHE A 49 18.88 13.67 48.71
CA PHE A 49 17.89 12.84 49.38
C PHE A 49 16.48 13.40 49.27
N ALA A 50 16.29 14.54 48.60
CA ALA A 50 14.96 15.00 48.26
C ALA A 50 14.39 14.32 47.02
N LEU A 51 15.19 13.56 46.29
CA LEU A 51 14.67 12.83 45.15
C LEU A 51 13.68 11.77 45.60
N ALA A 52 12.70 11.52 44.72
CA ALA A 52 11.76 10.42 44.97
C ALA A 52 12.48 9.06 44.91
N LYS A 53 13.57 8.99 44.13
CA LYS A 53 14.30 7.74 43.89
C LYS A 53 15.79 7.99 44.17
N PRO A 54 16.17 8.12 45.43
CA PRO A 54 17.55 8.53 45.74
C PRO A 54 18.56 7.39 45.62
N TYR A 55 18.17 6.17 45.94
CA TYR A 55 19.07 5.03 45.93
C TYR A 55 18.89 4.29 44.61
N VAL A 56 19.94 4.24 43.79
CA VAL A 56 19.86 3.57 42.49
C VAL A 56 21.14 2.79 42.27
N GLY A 57 21.03 1.73 41.48
CA GLY A 57 22.19 0.97 41.08
C GLY A 57 22.71 -0.02 42.10
N GLY A 58 21.96 -0.31 43.15
CA GLY A 58 22.35 -1.30 44.14
C GLY A 58 21.86 -2.68 43.78
N GLY A 59 21.53 -3.46 44.80
CA GLY A 59 20.98 -4.79 44.60
C GLY A 59 21.74 -5.82 45.41
N HIS A 60 21.24 -7.04 45.36
CA HIS A 60 21.86 -8.13 46.11
C HIS A 60 23.16 -8.55 45.43
N ARG A 61 24.13 -8.92 46.26
CA ARG A 61 25.38 -9.50 45.77
C ARG A 61 25.74 -10.72 46.61
N ILE A 62 26.43 -11.65 45.97
CA ILE A 62 26.89 -12.86 46.63
C ILE A 62 28.40 -12.94 46.47
N TYR A 63 29.09 -13.17 47.58
CA TYR A 63 30.55 -13.21 47.56
C TYR A 63 31.03 -14.54 46.97
N VAL A 64 31.88 -14.45 45.94
CA VAL A 64 32.50 -15.61 45.31
C VAL A 64 34.00 -15.52 45.59
N ALA A 65 34.46 -16.24 46.61
CA ALA A 65 35.81 -16.06 47.12
C ALA A 65 36.87 -16.28 46.04
N SER A 66 36.64 -17.24 45.14
CA SER A 66 37.62 -17.51 44.09
C SER A 66 37.77 -16.36 43.12
N ARG A 67 36.89 -15.36 43.17
CA ARG A 67 36.99 -14.19 42.30
C ARG A 67 37.27 -12.91 43.09
N ALA A 68 37.81 -13.05 44.32
CA ALA A 68 37.98 -11.91 45.20
C ALA A 68 38.84 -10.82 44.57
N ALA A 69 39.75 -11.19 43.68
CA ALA A 69 40.67 -10.23 43.09
C ALA A 69 40.07 -9.49 41.90
N GLU A 70 38.90 -9.89 41.40
CA GLU A 70 38.28 -9.25 40.24
C GLU A 70 37.45 -8.05 40.66
N ASN A 71 37.59 -6.96 39.89
CA ASN A 71 36.72 -5.80 40.08
C ASN A 71 36.50 -5.17 38.71
N ASP A 72 35.35 -5.44 38.12
CA ASP A 72 34.95 -4.80 36.88
C ASP A 72 33.97 -3.66 37.10
N GLY A 73 33.75 -3.25 38.34
CA GLY A 73 32.85 -2.16 38.64
C GLY A 73 31.40 -2.41 38.32
N PHE A 74 31.03 -3.66 38.04
CA PHE A 74 29.68 -3.96 37.59
C PHE A 74 29.27 -5.35 38.08
N LEU A 75 29.47 -6.41 37.28
CA LEU A 75 28.96 -7.72 37.69
C LEU A 75 29.77 -8.36 38.81
N CYS A 76 31.04 -8.01 38.98
CA CYS A 76 31.85 -8.64 40.02
C CYS A 76 32.78 -7.59 40.61
N ILE A 77 32.52 -7.20 41.85
CA ILE A 77 33.25 -6.14 42.52
C ILE A 77 33.93 -6.77 43.73
N ASN A 78 35.24 -6.98 43.61
CA ASN A 78 36.04 -7.65 44.64
C ASN A 78 35.42 -8.98 45.05
N GLY A 79 34.95 -9.74 44.05
CA GLY A 79 34.36 -11.04 44.29
C GLY A 79 32.87 -11.03 44.53
N TRP A 80 32.26 -9.86 44.76
CA TRP A 80 30.84 -9.74 45.05
C TRP A 80 30.08 -9.69 43.72
N VAL A 81 29.35 -10.75 43.42
CA VAL A 81 28.68 -10.89 42.13
C VAL A 81 27.26 -10.35 42.21
N LEU A 82 26.89 -9.53 41.23
CA LEU A 82 25.57 -8.92 41.21
C LEU A 82 24.48 -9.94 40.91
N GLN A 83 23.43 -9.94 41.73
CA GLN A 83 22.29 -10.82 41.51
C GLN A 83 21.33 -10.10 40.58
N ILE A 84 21.21 -10.58 39.35
CA ILE A 84 20.39 -9.94 38.33
C ILE A 84 19.04 -10.63 38.28
N GLU A 85 17.99 -9.85 38.28
CA GLU A 85 16.64 -10.39 38.22
C GLU A 85 16.13 -10.35 36.78
N ASN A 86 15.73 -11.51 36.28
CA ASN A 86 15.21 -11.66 34.93
C ASN A 86 16.12 -10.99 33.91
N ASN A 87 17.43 -11.11 34.15
CA ASN A 87 18.46 -10.72 33.17
C ASN A 87 18.27 -9.30 32.67
N THR A 88 17.90 -8.40 33.58
CA THR A 88 17.69 -7.00 33.23
C THR A 88 18.48 -6.10 34.17
N VAL A 89 19.21 -5.13 33.61
CA VAL A 89 19.97 -4.17 34.41
C VAL A 89 19.80 -2.79 33.81
N SER A 90 20.30 -1.79 34.54
CA SER A 90 20.34 -0.40 34.15
C SER A 90 21.78 0.10 34.19
N PRO A 91 22.13 1.13 33.41
CA PRO A 91 23.49 1.67 33.49
C PRO A 91 23.93 2.04 34.91
N GLU A 92 22.97 2.43 35.76
CA GLU A 92 23.25 2.71 37.16
C GLU A 92 23.95 1.55 37.86
N HIS A 93 23.62 0.31 37.48
CA HIS A 93 24.21 -0.86 38.14
C HIS A 93 25.70 -0.98 37.88
N ALA A 94 26.20 -0.31 36.84
CA ALA A 94 27.61 -0.31 36.50
C ALA A 94 28.27 1.02 36.87
N GLY A 95 27.56 1.93 37.52
CA GLY A 95 28.13 3.19 37.97
C GLY A 95 27.73 4.42 37.19
N ALA A 96 26.73 4.33 36.31
CA ALA A 96 26.22 5.52 35.65
C ALA A 96 25.51 6.39 36.66
N LYS A 97 25.34 7.66 36.33
CA LYS A 97 24.51 8.56 37.10
C LYS A 97 23.39 9.11 36.22
N LEU A 98 22.22 9.28 36.82
CA LEU A 98 21.05 9.82 36.14
C LEU A 98 20.99 11.34 36.24
N ASN A 99 20.69 11.96 35.10
CA ASN A 99 20.35 13.40 35.05
C ASN A 99 21.41 14.24 35.78
N THR A 100 22.68 13.95 35.49
CA THR A 100 23.82 14.57 36.17
C THR A 100 24.79 14.98 35.07
N PRO A 101 24.61 16.18 34.50
CA PRO A 101 25.38 16.55 33.30
C PRO A 101 26.88 16.60 33.50
N SER A 102 27.35 16.78 34.73
CA SER A 102 28.78 16.85 34.97
C SER A 102 29.44 15.49 35.08
N PHE A 103 28.67 14.41 35.03
CA PHE A 103 29.21 13.07 35.24
C PHE A 103 29.21 12.31 33.93
N ASP A 104 30.36 11.73 33.59
CA ASP A 104 30.52 10.97 32.35
C ASP A 104 30.15 9.51 32.60
N SER A 105 29.01 9.09 32.08
CA SER A 105 28.50 7.74 32.25
C SER A 105 28.92 6.79 31.11
N ALA A 106 29.85 7.22 30.25
CA ALA A 106 30.23 6.43 29.07
C ALA A 106 30.67 5.01 29.42
N ILE A 107 31.53 4.86 30.41
CA ILE A 107 32.10 3.55 30.72
C ILE A 107 31.02 2.65 31.28
N PRO A 108 30.25 3.09 32.29
CA PRO A 108 29.14 2.24 32.77
C PRO A 108 28.15 1.86 31.68
N ILE A 109 27.77 2.81 30.82
CA ILE A 109 26.82 2.48 29.75
C ILE A 109 27.41 1.39 28.88
N GLN A 110 28.68 1.54 28.51
CA GLN A 110 29.29 0.57 27.61
C GLN A 110 29.30 -0.82 28.24
N LYS A 111 29.59 -0.90 29.53
CA LYS A 111 29.60 -2.20 30.21
C LYS A 111 28.24 -2.89 30.13
N VAL A 112 27.15 -2.15 30.33
CA VAL A 112 25.86 -2.85 30.35
C VAL A 112 25.43 -3.19 28.92
N LEU A 113 25.82 -2.38 27.93
CA LEU A 113 25.43 -2.68 26.56
C LEU A 113 26.03 -3.97 26.02
N ILE A 114 27.16 -4.41 26.56
CA ILE A 114 27.77 -5.66 26.10
C ILE A 114 27.68 -6.76 27.15
N SER A 115 26.81 -6.60 28.14
CA SER A 115 26.69 -7.56 29.24
C SER A 115 25.85 -8.79 28.89
N GLY A 116 25.06 -8.70 27.83
CA GLY A 116 24.08 -9.74 27.56
C GLY A 116 22.76 -9.58 28.29
N CYS A 117 22.65 -8.59 29.18
CA CYS A 117 21.38 -8.30 29.83
C CYS A 117 20.51 -7.42 28.94
N LYS A 118 19.20 -7.51 29.16
CA LYS A 118 18.31 -6.43 28.74
C LYS A 118 18.71 -5.17 29.49
N VAL A 119 18.79 -4.05 28.79
CA VAL A 119 19.23 -2.79 29.35
C VAL A 119 18.04 -1.85 29.43
N ARG A 120 17.74 -1.37 30.63
CA ARG A 120 16.72 -0.37 30.87
C ARG A 120 17.35 1.00 31.05
N LEU A 121 16.83 1.98 30.33
CA LEU A 121 17.27 3.37 30.46
C LEU A 121 16.23 4.15 31.26
N ASN A 122 16.68 4.80 32.34
CA ASN A 122 15.77 5.37 33.33
C ASN A 122 15.89 6.88 33.49
N GLY A 123 16.61 7.53 32.58
CA GLY A 123 16.78 8.97 32.62
C GLY A 123 17.79 9.32 31.56
N LEU A 124 18.37 10.52 31.68
CA LEU A 124 19.38 10.97 30.74
C LEU A 124 20.77 10.67 31.30
N TYR A 125 21.58 10.07 30.45
CA TYR A 125 22.96 9.76 30.78
C TYR A 125 23.86 10.56 29.84
N HIS A 126 24.89 11.18 30.38
CA HIS A 126 25.82 12.00 29.58
C HIS A 126 27.07 11.21 29.27
N THR A 127 27.57 11.37 28.05
CA THR A 127 28.69 10.56 27.56
CA THR A 127 28.67 10.56 27.54
C THR A 127 29.70 11.46 26.84
N SER A 128 30.98 11.14 27.03
CA SER A 128 32.05 11.87 26.36
C SER A 128 32.59 11.15 25.13
N VAL A 129 32.19 9.90 24.93
CA VAL A 129 32.57 9.13 23.75
C VAL A 129 31.31 8.43 23.23
N PRO A 130 31.35 7.92 22.00
CA PRO A 130 30.23 7.08 21.54
C PRO A 130 30.16 5.82 22.39
N VAL A 131 28.96 5.22 22.41
CA VAL A 131 28.77 3.90 23.00
C VAL A 131 28.27 2.98 21.89
N TYR A 132 28.72 1.74 21.92
CA TYR A 132 28.40 0.81 20.85
C TYR A 132 27.62 -0.39 21.39
N TYR A 133 26.89 -1.01 20.47
CA TYR A 133 26.23 -2.27 20.76
C TYR A 133 26.55 -3.22 19.62
N ASN A 134 26.44 -4.53 19.91
CA ASN A 134 26.77 -5.56 18.93
C ASN A 134 25.50 -6.22 18.47
N SER A 135 25.16 -7.42 18.96
CA SER A 135 24.02 -8.17 18.48
C SER A 135 23.23 -8.72 19.67
N ASN A 136 21.99 -9.12 19.39
CA ASN A 136 21.12 -9.68 20.41
C ASN A 136 21.00 -8.75 21.61
N THR A 137 20.87 -7.45 21.33
CA THR A 137 20.83 -6.43 22.37
C THR A 137 19.44 -5.83 22.40
N THR A 138 18.80 -5.85 23.56
CA THR A 138 17.53 -5.18 23.79
C THR A 138 17.80 -4.02 24.76
N ILE A 139 17.41 -2.81 24.34
CA ILE A 139 17.57 -1.59 25.12
C ILE A 139 16.20 -0.91 25.14
N GLU A 140 15.68 -0.64 26.34
CA GLU A 140 14.33 -0.12 26.50
C GLU A 140 14.33 1.05 27.47
N GLY A 141 13.94 2.23 26.98
CA GLY A 141 13.57 3.34 27.83
C GLY A 141 12.05 3.45 27.92
N THR A 142 11.57 4.43 28.71
CA THR A 142 10.13 4.65 28.81
C THR A 142 9.62 5.76 27.90
N GLY A 143 10.50 6.42 27.16
CA GLY A 143 10.07 7.46 26.25
C GLY A 143 11.22 8.40 25.93
N GLU A 144 11.05 9.10 24.80
CA GLU A 144 12.09 9.88 24.16
C GLU A 144 12.31 11.26 24.79
N LEU A 145 11.44 11.71 25.68
CA LEU A 145 11.68 13.00 26.34
C LEU A 145 12.68 12.87 27.47
N ASP A 146 12.65 11.75 28.19
CA ASP A 146 13.32 11.66 29.47
C ASP A 146 14.39 10.58 29.55
N CYS A 147 14.52 9.73 28.54
CA CYS A 147 15.43 8.59 28.55
C CYS A 147 16.39 8.70 27.37
N GLY A 148 17.68 8.50 27.63
CA GLY A 148 18.59 8.46 26.50
C GLY A 148 19.96 8.99 26.86
N PHE A 149 20.71 9.28 25.81
CA PHE A 149 22.13 9.58 25.91
C PHE A 149 22.37 10.98 25.35
N ILE A 150 23.11 11.79 26.09
CA ILE A 150 23.51 13.13 25.68
CA ILE A 150 23.51 13.13 25.68
C ILE A 150 25.02 13.12 25.52
N LYS A 151 25.50 13.31 24.30
CA LYS A 151 26.93 13.31 24.03
C LYS A 151 27.46 14.74 24.11
N THR A 152 28.56 14.92 24.85
CA THR A 152 29.06 16.24 25.21
C THR A 152 30.32 16.66 24.47
N THR A 153 30.83 15.81 23.59
CA THR A 153 32.07 16.06 22.87
C THR A 153 31.90 15.57 21.44
N ASN A 154 32.94 15.82 20.63
CA ASN A 154 33.04 15.22 19.31
C ASN A 154 34.01 14.03 19.30
N ASN A 155 34.28 13.44 20.46
CA ASN A 155 35.23 12.35 20.54
C ASN A 155 34.67 11.10 19.88
N THR A 156 35.57 10.23 19.45
CA THR A 156 35.23 8.98 18.77
C THR A 156 35.58 7.77 19.62
N LEU A 157 35.17 6.60 19.14
CA LEU A 157 35.74 5.36 19.65
C LEU A 157 37.21 5.27 19.24
N SER A 158 37.92 4.35 19.86
CA SER A 158 39.33 4.13 19.62
C SER A 158 39.61 2.66 19.33
N LEU A 159 38.83 2.08 18.42
CA LEU A 159 38.94 0.65 18.14
C LEU A 159 39.74 0.33 16.89
N GLY A 160 39.95 1.28 16.00
CA GLY A 160 40.87 1.08 14.89
C GLY A 160 40.24 0.30 13.74
N ASN A 161 41.11 -0.09 12.80
CA ASN A 161 40.67 -0.73 11.56
C ASN A 161 40.40 -2.21 11.78
N ARG A 162 39.35 -2.72 11.12
CA ARG A 162 38.97 -4.11 11.22
C ARG A 162 38.47 -4.62 9.87
N THR A 163 38.96 -5.79 9.45
CA THR A 163 38.52 -6.39 8.19
C THR A 163 37.29 -7.24 8.45
N ILE A 164 36.22 -6.94 7.74
CA ILE A 164 34.95 -7.65 7.81
C ILE A 164 34.58 -8.08 6.40
N ASN A 165 34.45 -9.39 6.18
CA ASN A 165 34.08 -9.91 4.88
C ASN A 165 34.93 -9.26 3.77
N GLY A 166 36.24 -9.21 4.00
CA GLY A 166 37.19 -8.73 3.02
C GLY A 166 37.34 -7.22 2.90
N LYS A 167 36.61 -6.44 3.68
CA LYS A 167 36.64 -4.98 3.59
C LYS A 167 37.11 -4.39 4.91
N ILE A 168 38.00 -3.41 4.82
CA ILE A 168 38.53 -2.77 6.02
C ILE A 168 37.55 -1.69 6.44
N MSE A 169 36.99 -1.84 7.62
CA MSE A 169 36.02 -0.92 8.19
C MSE A 169 36.62 -0.24 9.41
O MSE A 169 37.49 -0.78 10.08
CB MSE A 169 34.74 -1.65 8.57
CG MSE A 169 34.15 -2.47 7.44
SE MSE A 169 33.47 -1.31 6.04
CE MSE A 169 31.85 -0.63 6.89
H MSE A 169 37.15 -2.51 8.14
HA MSE A 169 35.80 -0.25 7.53
HB2 MSE A 169 34.92 -2.25 9.31
HB3 MSE A 169 34.07 -1.00 8.84
HG2 MSE A 169 34.84 -3.04 7.06
HG3 MSE A 169 33.42 -3.01 7.78
HE1 MSE A 169 31.40 -0.02 6.29
HE2 MSE A 169 31.26 -1.38 7.10
HE3 MSE A 169 32.08 -0.16 7.71
N ASN A 170 36.15 0.94 9.70
CA ASN A 170 36.62 1.71 10.84
C ASN A 170 35.41 2.39 11.45
N PHE A 171 35.20 2.18 12.74
CA PHE A 171 34.02 2.68 13.42
C PHE A 171 34.34 3.92 14.27
N ASP A 172 35.53 4.50 14.11
CA ASP A 172 35.98 5.60 14.96
C ASP A 172 35.53 6.94 14.39
N VAL A 173 34.20 7.10 14.36
CA VAL A 173 33.55 8.31 13.87
C VAL A 173 32.94 9.05 15.05
N ASP A 174 32.63 10.33 14.81
CA ASP A 174 31.92 11.15 15.80
C ASP A 174 30.44 10.83 15.71
N ALA A 175 29.97 9.98 16.62
CA ALA A 175 28.59 9.52 16.68
C ALA A 175 28.20 9.38 18.15
N ILE A 176 26.90 9.29 18.41
CA ILE A 176 26.44 9.08 19.79
C ILE A 176 26.38 7.60 20.11
N MSE A 177 25.80 6.83 19.21
CA MSE A 177 25.71 5.39 19.33
C MSE A 177 26.16 4.74 18.02
O MSE A 177 25.92 5.27 16.94
CB MSE A 177 24.25 4.98 19.70
CG MSE A 177 24.09 3.63 20.25
SE MSE A 177 22.23 3.45 20.90
CE MSE A 177 22.62 2.08 22.16
H MSE A 177 25.44 7.13 18.49
HA MSE A 177 26.29 5.10 20.05
HB2 MSE A 177 23.92 5.61 20.37
HB3 MSE A 177 23.71 5.05 18.90
HG2 MSE A 177 24.24 2.98 19.55
HG3 MSE A 177 24.70 3.50 20.99
HE1 MSE A 177 21.80 1.83 22.62
HE2 MSE A 177 22.97 1.32 21.70
HE3 MSE A 177 23.27 2.41 22.80
N VAL A 178 26.85 3.60 18.13
CA VAL A 178 27.44 2.90 16.99
C VAL A 178 27.06 1.43 17.06
N ALA A 179 26.57 0.88 15.95
CA ALA A 179 26.32 -0.55 15.83
C ALA A 179 27.55 -1.20 15.21
N ILE A 180 28.08 -2.22 15.89
CA ILE A 180 29.30 -2.92 15.45
C ILE A 180 29.06 -4.43 15.45
N PRO A 181 29.36 -5.16 14.36
CA PRO A 181 29.16 -6.61 14.41
C PRO A 181 30.08 -7.28 15.43
N ARG A 182 29.57 -8.36 16.01
CA ARG A 182 30.45 -9.25 16.77
C ARG A 182 31.61 -9.71 15.91
N VAL A 183 32.73 -10.02 16.56
CA VAL A 183 33.89 -10.55 15.82
C VAL A 183 33.50 -11.86 15.18
N GLY A 184 33.82 -12.00 13.89
CA GLY A 184 33.41 -13.15 13.10
C GLY A 184 32.13 -12.97 12.33
N ASP A 185 31.31 -11.99 12.69
CA ASP A 185 30.05 -11.71 12.00
C ASP A 185 30.21 -10.55 11.04
N TRP A 186 29.24 -10.41 10.11
CA TRP A 186 29.23 -9.29 9.20
C TRP A 186 28.29 -8.17 9.61
N TYR A 187 27.26 -8.45 10.43
CA TYR A 187 26.22 -7.47 10.74
C TYR A 187 26.00 -7.40 12.24
N ALA A 188 25.68 -6.21 12.73
CA ALA A 188 25.12 -6.04 14.06
C ALA A 188 23.63 -6.37 13.94
N GLN A 189 23.21 -7.48 14.52
CA GLN A 189 21.92 -8.04 14.17
C GLN A 189 21.14 -8.50 15.39
N ASN A 190 19.85 -8.72 15.17
CA ASN A 190 18.93 -9.20 16.20
C ASN A 190 18.91 -8.28 17.42
N ASN A 191 18.94 -6.98 17.16
CA ASN A 191 18.84 -5.97 18.19
C ASN A 191 17.42 -5.40 18.21
N HIS A 192 17.00 -4.94 19.37
CA HIS A 192 15.62 -4.51 19.59
C HIS A 192 15.70 -3.32 20.54
N LEU A 193 15.72 -2.12 19.96
CA LEU A 193 15.92 -0.88 20.68
C LEU A 193 14.63 -0.09 20.72
N SER A 194 14.28 0.47 21.88
CA SER A 194 13.05 1.25 21.91
C SER A 194 13.03 2.29 23.02
N GLY A 195 12.46 3.44 22.72
CA GLY A 195 11.98 4.35 23.76
C GLY A 195 13.00 5.27 24.36
N PHE A 196 13.88 5.86 23.55
CA PHE A 196 14.88 6.76 24.10
C PHE A 196 15.38 7.71 23.02
N THR A 197 16.16 8.70 23.46
CA THR A 197 16.70 9.72 22.57
C THR A 197 18.22 9.67 22.56
N LEU A 198 18.79 10.11 21.44
CA LEU A 198 20.23 10.26 21.24
C LEU A 198 20.44 11.70 20.79
N GLN A 199 21.11 12.50 21.61
CA GLN A 199 21.31 13.91 21.26
C GLN A 199 22.71 14.36 21.58
N TYR A 200 23.21 15.31 20.79
CA TYR A 200 24.37 16.09 21.22
C TYR A 200 23.93 17.21 22.13
N ASP A 201 24.82 17.59 23.05
CA ASP A 201 24.72 18.85 23.77
C ASP A 201 24.54 19.99 22.78
N SER A 202 23.40 20.69 22.85
CA SER A 202 23.08 21.71 21.84
C SER A 202 24.12 22.81 21.80
N ALA A 203 24.91 22.98 22.86
CA ALA A 203 25.94 24.02 22.92
C ALA A 203 27.16 23.69 22.07
N LEU A 204 27.35 22.42 21.68
CA LEU A 204 28.54 22.07 20.90
C LEU A 204 28.52 22.80 19.56
N PRO A 205 29.58 23.53 19.20
CA PRO A 205 29.59 24.19 17.89
C PRO A 205 29.43 23.25 16.72
N THR A 206 30.00 22.05 16.82
CA THR A 206 29.96 21.06 15.75
C THR A 206 29.28 19.81 16.28
N LYS A 207 28.35 19.28 15.49
CA LYS A 207 27.64 18.06 15.85
C LYS A 207 28.08 16.94 14.93
N GLY A 208 27.74 15.70 15.35
CA GLY A 208 28.09 14.53 14.59
C GLY A 208 26.88 13.70 14.16
N ILE A 209 27.05 12.39 14.16
CA ILE A 209 26.04 11.43 13.73
C ILE A 209 25.29 10.96 14.96
N GLY A 210 23.97 10.86 14.87
CA GLY A 210 23.22 10.30 15.96
C GLY A 210 23.47 8.81 16.16
N LEU A 211 23.00 8.02 15.22
CA LEU A 211 23.21 6.57 15.20
C LEU A 211 23.99 6.22 13.95
N TYR A 212 25.23 5.76 14.13
CA TYR A 212 26.04 5.24 13.03
C TYR A 212 25.92 3.72 13.08
N ALA A 213 25.19 3.17 12.13
CA ALA A 213 24.85 1.75 12.12
C ALA A 213 25.17 1.21 10.74
N PRO A 214 26.47 1.08 10.42
CA PRO A 214 26.83 0.82 9.02
C PRO A 214 26.31 -0.52 8.51
N LEU A 215 26.45 -1.59 9.30
CA LEU A 215 26.12 -2.95 8.90
C LEU A 215 25.14 -3.51 9.93
N ILE A 216 23.85 -3.58 9.58
CA ILE A 216 22.81 -4.01 10.52
C ILE A 216 21.84 -4.93 9.80
N ALA A 217 21.24 -5.83 10.58
CA ALA A 217 20.29 -6.77 10.01
C ALA A 217 19.35 -7.26 11.10
N LEU A 218 18.19 -7.71 10.65
CA LEU A 218 17.32 -8.57 11.46
C LEU A 218 16.99 -7.92 12.81
N SER A 219 16.54 -6.66 12.77
CA SER A 219 16.44 -5.86 13.98
C SER A 219 15.17 -5.03 13.97
N THR A 220 14.78 -4.57 15.16
CA THR A 220 13.69 -3.61 15.28
C THR A 220 14.16 -2.39 16.05
N TYR A 221 13.78 -1.22 15.53
CA TYR A 221 14.04 0.08 16.14
C TYR A 221 12.69 0.77 16.31
N LYS A 222 12.37 1.17 17.53
CA LYS A 222 11.05 1.76 17.81
C LYS A 222 11.18 2.94 18.75
N SER A 223 10.47 4.03 18.45
CA SER A 223 10.36 5.15 19.38
C SER A 223 11.74 5.64 19.80
N ILE A 224 12.55 5.93 18.80
CA ILE A 224 13.89 6.48 19.00
CA ILE A 224 13.90 6.46 18.98
C ILE A 224 13.96 7.84 18.34
N LEU A 225 14.41 8.83 19.10
CA LEU A 225 14.56 10.19 18.60
C LEU A 225 16.03 10.54 18.56
N THR A 226 16.53 10.97 17.42
CA THR A 226 17.84 11.60 17.37
CA THR A 226 17.82 11.62 17.39
C THR A 226 17.64 13.08 17.02
N LYS A 227 18.35 13.94 17.72
CA LYS A 227 18.23 15.36 17.44
C LYS A 227 19.48 16.06 17.93
N ASN A 228 19.61 17.31 17.49
CA ASN A 228 20.85 18.06 17.68
C ASN A 228 22.01 17.32 17.03
N THR A 229 21.80 16.78 15.83
CA THR A 229 22.82 16.09 15.05
C THR A 229 23.07 16.80 13.73
N PHE A 230 24.20 16.45 13.13
CA PHE A 230 24.51 16.82 11.76
C PHE A 230 23.89 15.82 10.78
N GLU A 231 24.05 14.53 11.09
CA GLU A 231 23.40 13.44 10.36
C GLU A 231 22.69 12.58 11.39
N GLY A 232 21.44 12.21 11.12
CA GLY A 232 20.65 11.54 12.13
C GLY A 232 20.96 10.06 12.29
N ILE A 233 20.53 9.28 11.30
CA ILE A 233 20.73 7.84 11.26
C ILE A 233 21.45 7.52 9.94
N LYS A 234 22.55 6.78 10.03
CA LYS A 234 23.44 6.59 8.91
C LYS A 234 23.89 5.13 8.82
N SER A 235 23.66 4.51 7.66
CA SER A 235 23.90 3.08 7.46
C SER A 235 24.43 2.86 6.05
N VAL A 236 25.10 1.72 5.88
CA VAL A 236 25.67 1.30 4.59
C VAL A 236 24.92 0.10 4.00
N ASP A 237 24.67 -0.92 4.83
CA ASP A 237 24.08 -2.18 4.39
C ASP A 237 23.18 -2.61 5.54
N ALA A 238 21.88 -2.44 5.36
CA ALA A 238 20.85 -2.81 6.31
C ALA A 238 19.88 -3.75 5.61
N TRP A 239 19.54 -4.85 6.27
CA TRP A 239 18.52 -5.73 5.69
C TRP A 239 17.63 -6.32 6.77
N MSE A 240 16.36 -6.49 6.42
CA MSE A 240 15.40 -7.04 7.35
C MSE A 240 15.38 -6.27 8.67
O MSE A 240 15.57 -6.85 9.76
CB MSE A 240 15.66 -8.53 7.60
CG MSE A 240 15.23 -9.40 6.45
SE MSE A 240 13.26 -9.56 6.46
CE MSE A 240 13.06 -10.37 4.70
H MSE A 240 16.04 -6.28 5.65
HA MSE A 240 14.51 -6.97 6.95
HB2 MSE A 240 16.61 -8.65 7.73
HB3 MSE A 240 15.18 -8.81 8.39
HG2 MSE A 240 15.51 -9.01 5.62
HG3 MSE A 240 15.62 -10.29 6.56
HE1 MSE A 240 12.11 -10.52 4.54
HE2 MSE A 240 13.42 -9.77 4.04
HE3 MSE A 240 13.54 -11.21 4.70
N CYS A 241 15.12 -4.96 8.59
CA CYS A 241 14.96 -4.13 9.76
C CYS A 241 13.67 -3.34 9.66
N THR A 242 12.98 -3.19 10.79
CA THR A 242 11.82 -2.31 10.85
C THR A 242 12.10 -1.15 11.79
N TRP A 243 11.51 -0.01 11.43
CA TRP A 243 11.69 1.27 12.11
C TRP A 243 10.30 1.83 12.34
N GLU A 244 9.90 1.98 13.60
CA GLU A 244 8.56 2.46 13.95
C GLU A 244 8.72 3.65 14.87
N ARG A 245 8.13 4.79 14.49
CA ARG A 245 8.18 6.01 15.30
C ARG A 245 9.62 6.42 15.61
N VAL A 246 10.47 6.36 14.58
CA VAL A 246 11.84 6.84 14.66
C VAL A 246 11.87 8.22 14.03
N GLN A 247 12.43 9.18 14.77
CA GLN A 247 12.54 10.55 14.31
C GLN A 247 14.01 10.88 14.19
N ALA A 248 14.41 11.41 13.05
CA ALA A 248 15.78 11.86 12.84
C ALA A 248 15.76 13.35 12.52
N SER A 249 16.14 14.15 13.51
CA SER A 249 16.25 15.59 13.36
CA SER A 249 16.26 15.60 13.38
C SER A 249 17.73 15.92 13.20
N ALA A 250 18.09 16.49 12.06
CA ALA A 250 19.48 16.70 11.71
C ALA A 250 19.62 18.00 10.93
N SER A 251 20.81 18.62 11.02
CA SER A 251 21.03 19.84 10.26
C SER A 251 21.37 19.59 8.80
N SER A 252 21.91 18.43 8.44
CA SER A 252 22.28 18.15 7.05
C SER A 252 21.45 17.04 6.42
N ARG A 253 21.53 15.81 6.93
CA ARG A 253 20.75 14.69 6.38
C ARG A 253 20.13 13.89 7.51
N SER A 254 18.81 13.69 7.45
CA SER A 254 18.11 12.99 8.53
C SER A 254 18.37 11.49 8.50
N PHE A 255 18.03 10.84 7.37
CA PHE A 255 18.18 9.39 7.22
C PHE A 255 19.09 9.12 6.02
N ILE A 256 20.14 8.33 6.23
CA ILE A 256 21.09 7.96 5.18
C ILE A 256 21.20 6.45 5.18
N PHE A 257 20.84 5.83 4.04
CA PHE A 257 20.98 4.38 3.85
C PHE A 257 21.75 4.13 2.56
N GLY A 258 22.62 3.14 2.59
CA GLY A 258 23.49 2.89 1.45
C GLY A 258 24.62 3.90 1.36
N HIS A 259 25.03 4.48 2.48
CA HIS A 259 26.18 5.37 2.55
C HIS A 259 27.34 4.79 1.77
N THR A 260 27.88 5.58 0.85
CA THR A 260 28.93 5.12 -0.08
C THR A 260 30.34 5.37 0.45
N GLY A 261 30.48 5.98 1.60
CA GLY A 261 31.78 6.43 2.07
C GLY A 261 32.64 5.44 2.84
N THR A 262 32.39 4.13 2.70
CA THR A 262 33.25 3.09 3.28
C THR A 262 33.67 2.12 2.18
N ALA A 263 34.54 1.17 2.56
CA ALA A 263 34.97 0.14 1.63
C ALA A 263 33.87 -0.88 1.31
N TRP A 264 32.81 -0.91 2.10
CA TRP A 264 31.74 -1.89 1.91
C TRP A 264 30.82 -1.44 0.79
N THR A 265 30.49 -2.36 -0.10
CA THR A 265 29.57 -2.03 -1.19
C THR A 265 28.14 -1.82 -0.67
N PRO A 266 27.54 -0.65 -0.88
CA PRO A 266 26.16 -0.43 -0.43
C PRO A 266 25.18 -1.43 -1.01
N ASN A 267 24.31 -1.93 -0.14
CA ASN A 267 23.21 -2.80 -0.53
CA ASN A 267 23.21 -2.80 -0.53
C ASN A 267 22.25 -2.88 0.64
N ASN A 268 20.95 -2.89 0.37
CA ASN A 268 19.95 -2.93 1.44
C ASN A 268 18.74 -3.71 0.97
N THR A 269 18.06 -4.37 1.90
CA THR A 269 16.77 -4.94 1.56
C THR A 269 15.80 -4.74 2.71
N THR A 270 14.52 -4.79 2.35
CA THR A 270 13.41 -5.01 3.30
C THR A 270 13.55 -4.16 4.56
N GLN A 271 13.64 -2.84 4.34
CA GLN A 271 13.52 -1.84 5.41
C GLN A 271 12.10 -1.28 5.40
N THR A 272 11.42 -1.35 6.54
CA THR A 272 10.10 -0.77 6.70
C THR A 272 10.19 0.40 7.67
N PHE A 273 9.52 1.50 7.32
CA PHE A 273 9.42 2.70 8.16
C PHE A 273 7.95 3.01 8.35
N ILE A 274 7.50 3.00 9.61
CA ILE A 274 6.11 3.24 9.96
C ILE A 274 6.10 4.42 10.93
N GLY A 275 5.43 5.51 10.53
CA GLY A 275 5.33 6.66 11.43
C GLY A 275 6.67 7.25 11.81
N CYS A 276 7.63 7.23 10.89
CA CYS A 276 8.92 7.87 11.11
C CYS A 276 8.88 9.29 10.61
N TRP A 277 9.84 10.08 11.07
CA TRP A 277 9.79 11.53 10.88
C TRP A 277 11.18 12.07 10.64
N ALA A 278 11.39 12.68 9.48
CA ALA A 278 12.63 13.40 9.17
C ALA A 278 12.37 14.88 9.38
N THR A 279 13.20 15.55 10.19
CA THR A 279 13.03 16.99 10.35
C THR A 279 14.35 17.72 10.23
N ASP A 280 14.26 18.97 9.81
CA ASP A 280 15.26 20.01 9.92
C ASP A 280 16.39 19.89 8.90
N ALA A 281 16.50 18.79 8.18
CA ALA A 281 17.63 18.57 7.29
C ALA A 281 17.79 19.66 6.24
N GLY A 282 19.02 20.13 6.07
CA GLY A 282 19.30 21.20 5.13
C GLY A 282 19.84 20.75 3.78
N LEU A 283 20.16 19.45 3.63
CA LEU A 283 20.69 18.91 2.37
C LEU A 283 19.77 17.87 1.76
N TYR A 284 19.48 16.76 2.45
CA TYR A 284 18.46 15.80 2.07
C TYR A 284 17.69 15.36 3.30
N GLY A 285 16.39 15.17 3.15
CA GLY A 285 15.62 14.51 4.19
C GLY A 285 15.99 13.04 4.30
N TRP A 286 15.83 12.33 3.19
CA TRP A 286 16.19 10.94 3.06
C TRP A 286 17.18 10.80 1.92
N ASP A 287 18.31 10.19 2.19
CA ASP A 287 19.36 9.95 1.20
C ASP A 287 19.47 8.42 1.10
N LEU A 288 18.81 7.84 0.10
CA LEU A 288 18.66 6.39 -0.02
C LEU A 288 19.43 5.88 -1.24
N ASN A 289 20.25 4.88 -1.02
CA ASN A 289 21.05 4.28 -2.06
C ASN A 289 20.96 2.76 -1.94
N LYS A 290 20.62 2.09 -3.04
CA LYS A 290 20.50 0.63 -3.08
C LYS A 290 19.52 0.12 -2.03
N MSE A 291 18.39 0.82 -1.90
CA MSE A 291 17.36 0.46 -0.96
C MSE A 291 16.28 -0.36 -1.66
O MSE A 291 15.33 0.20 -2.22
CB MSE A 291 16.79 1.73 -0.31
CG MSE A 291 17.66 2.22 0.86
SE MSE A 291 17.39 1.14 2.49
CE MSE A 291 16.12 2.23 3.42
H MSE A 291 18.21 1.51 -2.37
HA MSE A 291 17.76 -0.08 -0.25
HB2 MSE A 291 16.74 2.44 -0.97
HB3 MSE A 291 15.91 1.53 0.04
HG2 MSE A 291 18.59 2.16 0.61
HG3 MSE A 291 17.43 3.14 1.06
HE1 MSE A 291 15.89 1.81 4.26
HE2 MSE A 291 16.50 3.11 3.57
HE3 MSE A 291 15.32 2.33 2.87
N GLN A 292 16.41 -1.68 -1.59
CA GLN A 292 15.48 -2.58 -2.24
CA GLN A 292 15.47 -2.57 -2.24
C GLN A 292 14.37 -3.00 -1.28
N GLY A 293 13.15 -3.13 -1.80
CA GLY A 293 12.05 -3.63 -0.96
C GLY A 293 11.73 -2.76 0.24
N CYS A 294 11.73 -1.45 0.06
CA CYS A 294 11.53 -0.48 1.13
C CYS A 294 10.11 0.08 1.12
N THR A 295 9.45 0.05 2.28
CA THR A 295 8.11 0.61 2.41
C THR A 295 8.14 1.67 3.50
N MSE A 296 7.55 2.83 3.19
CA MSE A 296 7.29 3.90 4.17
C MSE A 296 5.80 4.06 4.32
O MSE A 296 5.09 4.18 3.33
CB MSE A 296 7.95 5.19 3.70
CG MSE A 296 9.44 5.04 3.44
SE MSE A 296 10.08 6.67 2.54
CE MSE A 296 9.72 7.92 3.92
H MSE A 296 7.28 3.03 2.40
HA MSE A 296 7.69 3.65 5.02
HB2 MSE A 296 7.53 5.48 2.86
HB3 MSE A 296 7.83 5.87 4.38
HG2 MSE A 296 9.91 4.94 4.28
HG3 MSE A 296 9.60 4.28 2.85
HE1 MSE A 296 9.99 8.81 3.63
HE2 MSE A 296 8.77 7.91 4.12
HE3 MSE A 296 10.23 7.67 4.71
N ILE A 297 5.30 4.00 5.56
CA ILE A 297 3.87 4.09 5.86
C ILE A 297 3.64 5.26 6.80
N SER A 298 2.83 6.21 6.36
CA SER A 298 2.41 7.36 7.19
C SER A 298 3.62 7.99 7.89
N CYS A 299 4.66 8.21 7.11
CA CYS A 299 5.83 8.94 7.55
C CYS A 299 5.67 10.41 7.18
N GLY A 300 6.47 11.25 7.84
CA GLY A 300 6.41 12.68 7.63
C GLY A 300 7.80 13.28 7.51
N ALA A 301 7.82 14.53 7.06
CA ALA A 301 9.07 15.26 6.93
C ALA A 301 8.77 16.74 7.04
N ASP A 302 9.33 17.39 8.05
CA ASP A 302 9.00 18.78 8.33
C ASP A 302 10.28 19.62 8.30
N PHE A 303 10.16 20.81 7.74
CA PHE A 303 11.22 21.83 7.85
C PHE A 303 12.51 21.37 7.17
N VAL A 304 12.40 20.79 5.99
CA VAL A 304 13.56 20.39 5.20
C VAL A 304 13.92 21.54 4.27
N GLY A 305 15.18 21.97 4.33
CA GLY A 305 15.59 23.20 3.68
C GLY A 305 15.09 24.41 4.46
N ALA A 306 15.55 25.58 4.06
CA ALA A 306 15.13 26.82 4.67
C ALA A 306 14.97 27.87 3.58
N ASP A 307 14.14 28.86 3.86
CA ASP A 307 13.88 29.90 2.88
C ASP A 307 15.18 30.58 2.50
N GLY A 308 15.51 30.57 1.22
CA GLY A 308 16.75 31.12 0.70
C GLY A 308 17.95 30.20 0.82
N SER A 309 17.82 29.05 1.50
CA SER A 309 18.90 28.07 1.68
C SER A 309 18.30 26.69 1.42
N PRO A 310 18.01 26.39 0.15
CA PRO A 310 17.27 25.16 -0.16
C PRO A 310 18.11 23.91 0.06
N ALA A 311 17.40 22.85 0.43
CA ALA A 311 17.93 21.50 0.35
C ALA A 311 18.08 21.12 -1.12
N LYS A 312 18.88 20.10 -1.39
CA LYS A 312 18.92 19.59 -2.75
C LYS A 312 17.64 18.85 -3.09
N ALA A 313 17.18 17.98 -2.18
CA ALA A 313 15.96 17.23 -2.39
C ALA A 313 15.38 16.80 -1.06
N LEU A 314 14.06 16.67 -1.00
CA LEU A 314 13.46 16.00 0.15
C LEU A 314 13.87 14.55 0.19
N PHE A 315 13.67 13.86 -0.94
CA PHE A 315 14.06 12.46 -1.13
C PHE A 315 15.07 12.35 -2.27
N LYS A 316 16.21 11.76 -1.96
CA LYS A 316 17.19 11.34 -2.96
C LYS A 316 17.17 9.82 -2.95
N ILE A 317 16.74 9.22 -4.07
CA ILE A 317 16.51 7.78 -4.14
C ILE A 317 17.24 7.23 -5.36
N VAL A 318 18.30 6.48 -5.10
CA VAL A 318 19.22 6.01 -6.13
C VAL A 318 19.26 4.49 -6.10
N TYR A 319 19.07 3.87 -7.26
CA TYR A 319 19.10 2.41 -7.43
C TYR A 319 18.34 1.69 -6.33
N SER A 320 17.09 2.12 -6.11
CA SER A 320 16.25 1.64 -5.03
C SER A 320 14.86 1.34 -5.56
N ASN A 321 14.06 0.62 -4.79
CA ASN A 321 12.63 0.56 -5.08
C ASN A 321 11.85 0.72 -3.77
N VAL A 322 10.99 1.73 -3.75
CA VAL A 322 10.40 2.29 -2.54
C VAL A 322 8.92 2.54 -2.80
N THR A 323 8.09 2.19 -1.82
CA THR A 323 6.67 2.54 -1.82
C THR A 323 6.40 3.44 -0.63
N MSE A 324 5.74 4.57 -0.89
CA MSE A 324 5.34 5.51 0.15
C MSE A 324 3.82 5.50 0.24
O MSE A 324 3.13 5.88 -0.71
CB MSE A 324 5.83 6.93 -0.16
CG MSE A 324 7.29 7.02 -0.41
SE MSE A 324 7.75 8.92 -0.56
CE MSE A 324 9.57 8.65 -1.14
H MSE A 324 5.50 4.82 -1.68
HA MSE A 324 5.71 5.23 1.00
HB2 MSE A 324 5.38 7.25 -0.95
HB3 MSE A 324 5.63 7.50 0.59
HG2 MSE A 324 7.77 6.64 0.34
HG3 MSE A 324 7.52 6.57 -1.23
HE1 MSE A 324 10.00 9.51 -1.28
HE2 MSE A 324 10.05 8.15 -0.46
HE3 MSE A 324 9.57 8.14 -1.97
N VAL A 325 3.29 5.05 1.36
CA VAL A 325 1.85 4.86 1.56
C VAL A 325 1.37 5.93 2.53
N THR A 326 0.56 6.85 2.03
CA THR A 326 -0.04 7.95 2.79
C THR A 326 1.01 8.71 3.62
N CYS A 327 2.14 9.05 2.99
CA CYS A 327 3.18 9.86 3.62
C CYS A 327 2.90 11.34 3.43
N MSE A 328 3.64 12.16 4.18
CA MSE A 328 3.44 13.61 4.19
C MSE A 328 4.75 14.38 4.23
O MSE A 328 5.81 13.86 4.59
CB MSE A 328 2.60 14.04 5.40
CG MSE A 328 1.25 13.40 5.45
SE MSE A 328 0.14 14.23 6.81
CE MSE A 328 0.00 16.05 6.10
H MSE A 328 4.27 11.89 4.71
HA MSE A 328 2.96 13.87 3.39
HB2 MSE A 328 3.08 13.80 6.21
HB3 MSE A 328 2.48 15.01 5.36
HG2 MSE A 328 0.82 13.51 4.60
HG3 MSE A 328 1.35 12.46 5.67
HE1 MSE A 328 -0.54 16.59 6.70
HE2 MSE A 328 0.89 16.44 6.03
HE3 MSE A 328 -0.41 16.02 5.22
N ASN A 329 4.65 15.66 3.88
CA ASN A 329 5.66 16.61 4.23
C ASN A 329 4.98 17.95 4.49
N GLU A 330 5.62 18.76 5.33
CA GLU A 330 5.18 20.12 5.61
C GLU A 330 6.40 21.03 5.67
N HIS A 331 6.41 22.07 4.83
CA HIS A 331 7.42 23.13 4.78
C HIS A 331 8.70 22.60 4.15
N LEU A 332 8.82 22.78 2.84
CA LEU A 332 9.93 22.27 2.06
C LEU A 332 10.48 23.38 1.18
N HIS A 333 11.77 23.66 1.36
CA HIS A 333 12.55 24.51 0.45
C HIS A 333 13.64 23.61 -0.15
N ALA A 334 13.43 23.17 -1.38
CA ALA A 334 14.37 22.25 -2.01
C ALA A 334 14.33 22.41 -3.51
N GLN A 335 15.43 22.02 -4.17
CA GLN A 335 15.46 22.06 -5.62
C GLN A 335 14.60 20.97 -6.23
N ASN A 336 14.60 19.78 -5.63
CA ASN A 336 13.73 18.69 -6.04
C ASN A 336 12.90 18.23 -4.86
N PHE A 337 11.68 17.76 -5.15
CA PHE A 337 10.93 17.00 -4.18
C PHE A 337 11.47 15.57 -4.13
N LEU A 338 11.55 14.92 -5.28
CA LEU A 338 12.12 13.60 -5.43
C LEU A 338 13.16 13.66 -6.52
N TYR A 339 14.37 13.26 -6.19
CA TYR A 339 15.38 12.90 -7.17
C TYR A 339 15.43 11.38 -7.23
N ALA A 340 15.11 10.81 -8.40
CA ALA A 340 15.07 9.37 -8.61
C ALA A 340 16.00 9.02 -9.75
N GLU A 341 16.98 8.17 -9.47
CA GLU A 341 17.98 7.73 -10.44
C GLU A 341 18.05 6.22 -10.37
N GLY A 342 17.68 5.55 -11.46
CA GLY A 342 17.63 4.10 -11.46
C GLY A 342 16.71 3.50 -10.42
N SER A 343 15.61 4.17 -10.08
CA SER A 343 14.77 3.76 -8.96
C SER A 343 13.31 3.65 -9.37
N GLU A 344 12.59 2.76 -8.68
CA GLU A 344 11.15 2.61 -8.79
C GLU A 344 10.52 3.18 -7.52
N VAL A 345 9.69 4.21 -7.66
CA VAL A 345 9.07 4.84 -6.51
C VAL A 345 7.58 4.99 -6.78
N ASN A 346 6.76 4.36 -5.96
CA ASN A 346 5.31 4.51 -6.02
C ASN A 346 4.91 5.36 -4.83
N ILE A 347 4.36 6.53 -5.12
CA ILE A 347 3.96 7.49 -4.08
C ILE A 347 2.43 7.49 -4.09
N SER A 348 1.82 6.89 -3.08
CA SER A 348 0.38 6.65 -3.04
CA SER A 348 0.37 6.66 -3.05
CA SER A 348 0.37 6.66 -3.06
C SER A 348 -0.27 7.52 -1.97
N ASN A 349 -1.22 8.36 -2.38
CA ASN A 349 -1.99 9.19 -1.45
C ASN A 349 -1.10 10.04 -0.55
N PHE A 350 -0.09 10.66 -1.16
CA PHE A 350 0.74 11.64 -0.47
C PHE A 350 -0.07 12.87 -0.09
N ASN A 351 0.39 13.57 0.94
CA ASN A 351 -0.22 14.85 1.31
C ASN A 351 0.96 15.77 1.64
N GLY A 352 1.36 16.58 0.66
CA GLY A 352 2.51 17.45 0.79
C GLY A 352 2.07 18.91 0.82
N GLN A 353 2.59 19.64 1.80
CA GLN A 353 2.11 20.99 2.08
C GLN A 353 3.27 21.96 2.16
N ALA A 354 3.03 23.19 1.68
CA ALA A 354 3.95 24.30 1.86
C ALA A 354 5.30 23.95 1.22
N ILE A 355 5.24 23.66 -0.07
CA ILE A 355 6.42 23.34 -0.86
C ILE A 355 6.70 24.53 -1.78
N TYR A 356 7.79 25.23 -1.50
CA TYR A 356 8.12 26.48 -2.18
C TYR A 356 9.07 26.18 -3.33
N ASN A 357 8.49 25.91 -4.50
CA ASN A 357 9.25 25.43 -5.67
C ASN A 357 9.76 26.62 -6.48
N LYS A 358 10.73 27.32 -5.88
CA LYS A 358 11.29 28.53 -6.47
C LYS A 358 12.81 28.49 -6.64
N TYR A 359 13.41 27.31 -6.57
CA TYR A 359 14.87 27.20 -6.53
C TYR A 359 15.43 26.59 -7.80
N LYS A 360 16.60 27.08 -8.19
CA LYS A 360 17.25 26.67 -9.42
C LYS A 360 18.74 26.45 -9.17
N PRO A 361 19.35 25.50 -9.89
CA PRO A 361 20.80 25.32 -9.81
C PRO A 361 21.52 26.42 -10.57
N ALA A 362 22.77 26.66 -10.17
CA ALA A 362 23.60 27.64 -10.88
C ALA A 362 23.83 27.22 -12.33
N THR A 363 24.08 25.93 -12.54
CA THR A 363 24.30 25.38 -13.87
C THR A 363 23.52 24.08 -13.97
N SER A 364 22.60 24.02 -14.92
CA SER A 364 21.70 22.88 -14.99
C SER A 364 22.30 21.75 -15.82
N SER A 365 21.78 20.55 -15.59
CA SER A 365 22.18 19.37 -16.35
C SER A 365 21.07 18.34 -16.23
N TRP A 366 21.24 17.22 -16.94
CA TRP A 366 20.22 16.16 -16.91
C TRP A 366 19.91 15.68 -15.50
N ASN A 367 20.88 15.71 -14.58
CA ASN A 367 20.66 15.24 -13.23
C ASN A 367 20.72 16.35 -12.19
N ASN A 368 20.58 17.60 -12.62
CA ASN A 368 20.64 18.74 -11.71
C ASN A 368 19.77 19.84 -12.32
N ASN A 369 18.48 19.82 -12.01
CA ASN A 369 17.57 20.74 -12.69
C ASN A 369 16.38 21.09 -11.81
N ASN A 370 15.63 22.11 -12.25
CA ASN A 370 14.60 22.68 -11.40
C ASN A 370 13.25 22.01 -11.67
N SER A 371 13.14 20.78 -11.18
CA SER A 371 11.94 19.98 -11.30
C SER A 371 11.55 19.38 -9.95
N MSE A 372 10.25 19.28 -9.71
CA MSE A 372 9.83 18.65 -8.46
C MSE A 372 10.13 17.15 -8.47
O MSE A 372 10.63 16.62 -7.48
CB MSE A 372 8.35 18.89 -8.19
CG MSE A 372 8.05 20.32 -7.76
SE MSE A 372 8.86 20.82 -6.03
CE MSE A 372 10.55 21.58 -6.66
H MSE A 372 9.61 19.56 -10.22
HA MSE A 372 10.33 19.06 -7.74
HB2 MSE A 372 7.84 18.71 -8.99
HB3 MSE A 372 8.06 18.30 -7.47
HG2 MSE A 372 8.39 20.93 -8.44
HG3 MSE A 372 7.08 20.44 -7.68
HE1 MSE A 372 11.08 21.87 -5.90
HE2 MSE A 372 11.04 20.90 -7.15
HE3 MSE A 372 10.36 22.33 -7.24
N PHE A 373 9.87 16.49 -9.61
CA PHE A 373 10.20 15.08 -9.81
C PHE A 373 11.26 15.03 -10.88
N CYS A 374 12.50 14.78 -10.48
CA CYS A 374 13.62 14.63 -11.41
C CYS A 374 13.82 13.12 -11.58
N VAL A 375 13.39 12.59 -12.73
CA VAL A 375 13.17 11.16 -12.93
C VAL A 375 14.12 10.72 -14.03
N VAL A 376 15.27 10.12 -13.65
CA VAL A 376 16.37 9.90 -14.57
C VAL A 376 16.89 8.47 -14.50
N SER A 377 17.56 8.06 -15.59
CA SER A 377 18.31 6.81 -15.66
CA SER A 377 18.31 6.80 -15.68
C SER A 377 17.44 5.59 -15.33
N ASN A 378 16.48 5.32 -16.20
CA ASN A 378 15.65 4.12 -16.09
C ASN A 378 14.88 4.05 -14.77
N SER A 379 14.43 5.21 -14.30
CA SER A 379 13.55 5.24 -13.14
C SER A 379 12.09 5.02 -13.55
N LYS A 380 11.28 4.66 -12.56
CA LYS A 380 9.84 4.57 -12.73
C LYS A 380 9.24 5.26 -11.51
N VAL A 381 8.51 6.34 -11.73
CA VAL A 381 7.91 7.10 -10.64
C VAL A 381 6.43 7.24 -10.95
N LYS A 382 5.58 6.86 -9.99
CA LYS A 382 4.14 6.96 -10.17
C LYS A 382 3.52 7.71 -9.02
N LEU A 383 2.64 8.67 -9.34
CA LEU A 383 1.83 9.37 -8.35
C LEU A 383 0.44 8.76 -8.42
N THR A 384 0.12 7.94 -7.42
CA THR A 384 -1.18 7.30 -7.28
C THR A 384 -2.00 8.18 -6.35
N GLY A 385 -2.86 8.99 -6.93
CA GLY A 385 -3.55 10.02 -6.17
C GLY A 385 -2.57 10.96 -5.50
N GLY A 386 -2.94 11.40 -4.31
CA GLY A 386 -2.14 12.35 -3.56
C GLY A 386 -2.51 13.80 -3.88
N SER A 387 -2.01 14.66 -3.00
CA SER A 387 -2.18 16.10 -3.08
CA SER A 387 -2.18 16.10 -3.08
CA SER A 387 -2.17 16.10 -3.11
C SER A 387 -0.81 16.72 -2.85
N PHE A 388 -0.36 17.55 -3.78
CA PHE A 388 1.00 18.11 -3.73
C PHE A 388 0.94 19.63 -3.74
N GLY A 389 1.30 20.22 -2.60
CA GLY A 389 1.19 21.64 -2.37
C GLY A 389 2.35 22.43 -2.94
N PHE A 390 2.68 22.21 -4.23
CA PHE A 390 3.69 23.02 -4.90
C PHE A 390 3.12 24.43 -5.07
N ALA A 391 3.78 25.42 -4.47
CA ALA A 391 3.14 26.73 -4.32
C ALA A 391 3.02 27.49 -5.63
N TYR A 392 3.92 27.27 -6.58
CA TYR A 392 4.12 28.21 -7.67
C TYR A 392 4.00 27.59 -9.06
N ASN A 393 3.30 28.31 -9.93
CA ASN A 393 3.44 28.17 -11.38
C ASN A 393 3.79 29.54 -11.94
N SER A 394 3.88 29.64 -13.27
CA SER A 394 4.54 30.81 -13.83
C SER A 394 3.71 32.10 -13.67
N SER A 395 2.42 31.98 -13.38
CA SER A 395 1.59 33.16 -13.14
CA SER A 395 1.61 33.17 -13.15
C SER A 395 1.59 33.62 -11.69
N ASP A 396 2.33 32.96 -10.80
CA ASP A 396 2.31 33.37 -9.41
C ASP A 396 2.77 34.83 -9.28
N PRO A 397 2.04 35.67 -8.56
CA PRO A 397 2.37 37.11 -8.56
C PRO A 397 3.61 37.47 -7.78
N THR A 398 4.15 36.61 -6.89
CA THR A 398 5.37 36.98 -6.19
C THR A 398 6.59 36.18 -6.62
N GLN A 399 6.39 34.95 -7.11
CA GLN A 399 7.50 34.05 -7.40
C GLN A 399 7.36 33.36 -8.77
N GLY A 400 6.42 33.79 -9.61
CA GLY A 400 6.15 33.04 -10.83
C GLY A 400 7.36 32.92 -11.74
N ALA A 401 8.18 33.97 -11.80
CA ALA A 401 9.38 33.95 -12.63
C ALA A 401 10.44 32.97 -12.15
N ASN A 402 10.24 32.36 -10.98
CA ASN A 402 11.17 31.43 -10.37
C ASN A 402 10.64 30.00 -10.28
N CYS A 403 9.44 29.73 -10.79
CA CYS A 403 8.80 28.46 -10.51
C CYS A 403 9.54 27.29 -11.17
N SER A 404 9.39 26.11 -10.57
CA SER A 404 9.97 24.89 -11.09
C SER A 404 9.05 24.25 -12.13
N ALA A 405 9.61 23.26 -12.83
CA ALA A 405 8.81 22.27 -13.54
C ALA A 405 8.16 21.29 -12.54
N LEU A 406 7.09 20.63 -12.98
CA LEU A 406 6.59 19.49 -12.20
C LEU A 406 7.56 18.33 -12.30
N ALA A 407 7.99 18.01 -13.52
CA ALA A 407 8.82 16.83 -13.70
C ALA A 407 9.72 16.96 -14.92
N TYR A 408 10.89 16.34 -14.81
CA TYR A 408 11.81 16.10 -15.89
C TYR A 408 12.06 14.61 -15.94
N VAL A 409 11.87 14.02 -17.12
CA VAL A 409 11.87 12.59 -17.30
C VAL A 409 12.82 12.26 -18.44
N GLU A 410 13.86 11.46 -18.16
CA GLU A 410 14.89 11.21 -19.16
C GLU A 410 15.49 9.81 -19.01
N GLY A 411 16.31 9.45 -20.01
CA GLY A 411 17.16 8.28 -19.93
C GLY A 411 16.44 6.96 -19.70
N GLY A 412 15.37 6.72 -20.46
CA GLY A 412 14.60 5.50 -20.36
C GLY A 412 13.60 5.47 -19.22
N SER A 413 13.46 6.56 -18.48
CA SER A 413 12.56 6.60 -17.33
C SER A 413 11.10 6.69 -17.77
N VAL A 414 10.21 6.41 -16.81
CA VAL A 414 8.77 6.56 -16.99
C VAL A 414 8.22 7.28 -15.77
N PHE A 415 7.30 8.21 -16.03
CA PHE A 415 6.66 9.03 -15.02
C PHE A 415 5.15 8.95 -15.23
N GLU A 416 4.41 8.64 -14.18
CA GLU A 416 2.97 8.41 -14.28
C GLU A 416 2.27 9.29 -13.25
N VAL A 417 1.23 10.00 -13.68
CA VAL A 417 0.41 10.85 -12.80
C VAL A 417 -1.04 10.46 -12.98
N SER A 418 -1.66 9.98 -11.90
CA SER A 418 -3.05 9.55 -11.94
C SER A 418 -3.99 10.74 -12.14
N PRO A 419 -5.22 10.48 -12.62
CA PRO A 419 -6.19 11.58 -12.79
C PRO A 419 -6.67 12.19 -11.49
N GLU A 420 -6.53 11.50 -10.37
CA GLU A 420 -7.01 12.02 -9.10
C GLU A 420 -5.90 12.68 -8.27
N THR A 421 -4.66 12.71 -8.78
CA THR A 421 -3.61 13.49 -8.14
C THR A 421 -3.97 14.96 -8.26
N THR A 422 -3.83 15.71 -7.17
CA THR A 422 -4.10 17.13 -7.21
C THR A 422 -2.89 17.94 -6.78
N PHE A 423 -2.91 19.20 -7.23
CA PHE A 423 -1.83 20.16 -7.02
C PHE A 423 -2.42 21.47 -6.53
N ALA A 424 -1.63 22.19 -5.73
CA ALA A 424 -2.12 23.43 -5.14
C ALA A 424 -2.46 24.47 -6.20
N VAL A 425 -1.67 24.53 -7.28
CA VAL A 425 -1.96 25.42 -8.40
C VAL A 425 -1.84 24.61 -9.69
N PRO A 426 -2.46 25.09 -10.75
CA PRO A 426 -2.57 24.29 -11.99
C PRO A 426 -1.24 24.00 -12.66
N LEU A 427 -1.15 22.78 -13.19
CA LEU A 427 -0.09 22.44 -14.13
C LEU A 427 -0.27 23.22 -15.42
N GLU A 428 0.84 23.44 -16.14
CA GLU A 428 0.82 24.33 -17.28
C GLU A 428 0.93 23.66 -18.63
N GLU A 429 1.75 22.63 -18.78
CA GLU A 429 1.96 22.04 -20.10
C GLU A 429 2.71 20.73 -19.92
N ILE A 430 2.76 19.97 -21.01
CA ILE A 430 3.52 18.72 -21.04
C ILE A 430 4.07 18.55 -22.46
N GLY A 431 5.32 18.14 -22.57
CA GLY A 431 5.86 17.90 -23.89
C GLY A 431 7.32 17.48 -23.89
N ILE A 432 7.76 17.07 -25.07
CA ILE A 432 9.15 16.72 -25.30
C ILE A 432 10.02 17.96 -25.16
N SER A 433 11.17 17.81 -24.50
CA SER A 433 12.06 18.93 -24.30
C SER A 433 13.51 18.50 -24.39
N SER A 434 14.33 19.34 -25.03
CA SER A 434 15.78 19.18 -25.00
C SER A 434 16.43 20.07 -23.95
N LEU A 435 15.64 20.74 -23.13
CA LEU A 435 16.19 21.63 -22.13
C LEU A 435 16.45 20.90 -20.81
N THR A 436 17.22 21.56 -19.92
CA THR A 436 17.38 21.10 -18.54
C THR A 436 17.11 22.23 -17.55
N ALA A 437 16.44 23.29 -18.01
CA ALA A 437 16.04 24.41 -17.16
C ALA A 437 14.67 24.87 -17.63
N PHE A 438 13.75 24.99 -16.69
CA PHE A 438 12.34 25.17 -17.00
C PHE A 438 11.77 26.42 -16.36
N THR A 439 10.68 26.93 -16.95
CA THR A 439 10.06 28.15 -16.48
C THR A 439 8.55 28.03 -16.33
N LYS A 440 8.01 26.82 -16.45
CA LYS A 440 6.60 26.58 -16.18
C LYS A 440 6.45 25.27 -15.41
N LEU A 441 5.34 25.17 -14.68
CA LEU A 441 5.05 23.97 -13.88
C LEU A 441 4.50 22.91 -14.83
N GLY A 442 5.42 22.32 -15.60
CA GLY A 442 5.05 21.36 -16.62
C GLY A 442 5.78 20.04 -16.47
N VAL A 443 5.41 19.10 -17.35
CA VAL A 443 6.03 17.80 -17.44
C VAL A 443 6.86 17.76 -18.71
N TYR A 444 8.17 17.65 -18.57
CA TYR A 444 9.10 17.71 -19.68
C TYR A 444 9.83 16.38 -19.78
N TYR A 445 9.91 15.82 -20.99
CA TYR A 445 10.51 14.50 -21.13
C TYR A 445 11.29 14.43 -22.42
N THR A 446 12.28 13.54 -22.45
CA THR A 446 13.10 13.37 -23.64
C THR A 446 12.52 12.34 -24.59
N THR A 447 13.11 12.25 -25.79
CA THR A 447 12.63 11.28 -26.76
C THR A 447 12.90 9.84 -26.33
N ASN A 448 13.79 9.67 -25.36
N ASN A 448 13.72 9.57 -25.32
CA ASN A 448 14.09 8.39 -24.71
CA ASN A 448 13.87 8.17 -24.91
C ASN A 448 13.53 8.43 -23.31
C ASN A 448 13.30 7.92 -23.52
N ALA A 449 12.22 8.62 -23.21
CA ALA A 449 11.52 8.53 -21.94
C ALA A 449 10.07 8.27 -22.25
N SER A 450 9.32 7.91 -21.21
CA SER A 450 7.90 7.63 -21.33
C SER A 450 7.13 8.37 -20.24
N VAL A 451 5.92 8.78 -20.59
CA VAL A 451 5.02 9.45 -19.66
C VAL A 451 3.60 8.92 -19.84
N ASP A 452 2.87 8.90 -18.73
CA ASP A 452 1.43 8.58 -18.72
C ASP A 452 0.87 9.48 -17.63
N ALA A 453 0.46 10.69 -18.02
CA ALA A 453 0.23 11.74 -17.05
C ALA A 453 -1.00 12.55 -17.42
N TYR A 454 -1.90 12.71 -16.45
CA TYR A 454 -2.98 13.66 -16.59
C TYR A 454 -2.47 15.07 -16.38
N VAL A 455 -2.81 15.95 -17.33
CA VAL A 455 -2.54 17.37 -17.24
C VAL A 455 -3.79 18.12 -17.66
N LYS A 456 -4.37 18.90 -16.73
CA LYS A 456 -5.58 19.70 -17.00
C LYS A 456 -6.72 18.82 -17.54
N GLY A 457 -6.91 17.66 -16.94
CA GLY A 457 -7.98 16.74 -17.31
C GLY A 457 -7.74 15.89 -18.53
N VAL A 458 -6.55 15.95 -19.13
CA VAL A 458 -6.25 15.21 -20.36
C VAL A 458 -5.10 14.25 -20.08
N ARG A 459 -5.28 13.00 -20.46
CA ARG A 459 -4.27 11.98 -20.23
C ARG A 459 -3.32 11.97 -21.43
N TYR A 460 -2.04 12.19 -21.16
CA TYR A 460 -0.99 12.16 -22.17
C TYR A 460 -0.15 10.91 -21.98
N GLN A 461 -0.07 10.10 -23.01
CA GLN A 461 0.79 8.91 -23.03
C GLN A 461 1.77 9.02 -24.20
N ASP A 462 3.04 8.82 -23.91
CA ASP A 462 4.06 8.88 -24.96
C ASP A 462 5.26 8.04 -24.54
N GLY A 463 6.01 7.57 -25.53
CA GLY A 463 7.26 6.88 -25.26
C GLY A 463 7.14 5.39 -25.53
N ALA A 464 8.29 4.72 -25.44
CA ALA A 464 8.37 3.31 -25.84
C ALA A 464 7.51 2.40 -24.97
N LYS A 465 7.23 2.79 -23.73
CA LYS A 465 6.39 1.94 -22.87
C LYS A 465 4.91 2.07 -23.24
N PHE A 466 4.56 3.00 -24.12
CA PHE A 466 3.18 3.25 -24.50
C PHE A 466 3.11 3.30 -26.02
N SER A 467 3.37 2.15 -26.65
CA SER A 467 3.42 2.05 -28.09
CA SER A 467 3.42 2.09 -28.10
C SER A 467 2.05 1.82 -28.72
N GLY A 468 1.18 1.09 -28.03
CA GLY A 468 -0.10 0.77 -28.62
C GLY A 468 -1.07 0.27 -27.58
N LEU A 469 -2.33 0.19 -28.02
CA LEU A 469 -3.47 -0.29 -27.23
C LEU A 469 -4.30 -1.18 -28.14
N VAL A 470 -4.44 -2.44 -27.75
CA VAL A 470 -5.17 -3.43 -28.54
C VAL A 470 -6.26 -4.00 -27.64
N MSE A 471 -7.51 -3.71 -27.95
CA MSE A 471 -8.60 -4.14 -27.09
C MSE A 471 -9.70 -4.80 -27.90
O MSE A 471 -10.14 -4.24 -28.92
CB MSE A 471 -9.17 -2.96 -26.31
CG MSE A 471 -9.60 -1.79 -27.12
SE MSE A 471 -10.23 -0.34 -25.90
CE MSE A 471 -9.48 1.26 -26.67
H MSE A 471 -7.76 -3.26 -28.64
HA MSE A 471 -8.26 -4.79 -26.46
HB2 MSE A 471 -9.95 -3.27 -25.81
HB3 MSE A 471 -8.49 -2.65 -25.69
HG2 MSE A 471 -8.85 -1.47 -27.64
HG3 MSE A 471 -10.33 -2.05 -27.69
HE1 MSE A 471 -9.74 2.03 -26.14
HE2 MSE A 471 -8.51 1.18 -26.69
HE3 MSE A 471 -9.82 1.36 -27.59
N ASP A 472 -10.13 -5.97 -27.46
CA ASP A 472 -11.29 -6.63 -28.05
C ASP A 472 -12.54 -6.14 -27.31
N SER A 473 -12.84 -4.87 -27.57
CA SER A 473 -13.78 -4.06 -26.81
C SER A 473 -14.25 -2.95 -27.75
N TYR A 474 -15.52 -2.55 -27.61
CA TYR A 474 -15.96 -1.41 -28.39
C TYR A 474 -15.58 -0.10 -27.69
N LEU A 475 -15.70 0.98 -28.44
CA LEU A 475 -15.22 2.28 -28.00
C LEU A 475 -16.19 3.35 -28.44
N SER A 476 -16.58 4.22 -27.50
CA SER A 476 -17.42 5.38 -27.77
C SER A 476 -16.73 6.60 -27.17
N THR A 477 -16.50 7.63 -27.97
CA THR A 477 -15.78 8.83 -27.55
C THR A 477 -16.55 10.08 -27.98
N SER A 478 -16.09 11.23 -27.48
CA SER A 478 -16.64 12.51 -27.87
C SER A 478 -15.68 13.24 -28.82
N ALA A 479 -16.22 14.21 -29.56
CA ALA A 479 -15.40 15.09 -30.38
C ALA A 479 -14.69 16.11 -29.50
N LYS A 480 -13.56 16.62 -30.00
CA LYS A 480 -12.93 17.79 -29.39
C LYS A 480 -13.59 19.06 -29.94
N SER A 481 -14.13 19.88 -29.03
CA SER A 481 -14.87 21.07 -29.44
C SER A 481 -13.88 22.19 -29.72
N LEU A 482 -13.92 22.73 -30.94
CA LEU A 482 -12.96 23.74 -31.35
C LEU A 482 -13.42 25.14 -30.96
N GLY A 483 -12.46 25.99 -30.61
CA GLY A 483 -12.71 27.41 -30.50
C GLY A 483 -12.55 28.09 -31.83
N ASN A 484 -12.07 29.34 -31.79
CA ASN A 484 -11.75 30.08 -33.01
C ASN A 484 -10.36 29.65 -33.45
N GLU A 485 -10.29 28.48 -34.06
CA GLU A 485 -8.99 27.91 -34.39
C GLU A 485 -9.06 27.26 -35.76
N SER A 486 -7.88 27.12 -36.36
CA SER A 486 -7.78 26.58 -37.71
C SER A 486 -7.57 25.08 -37.67
N ILE A 487 -8.39 24.36 -38.44
CA ILE A 487 -8.20 22.92 -38.57
C ILE A 487 -7.06 22.58 -39.53
N THR A 488 -6.48 23.58 -40.18
CA THR A 488 -5.27 23.38 -40.96
C THR A 488 -4.03 23.25 -40.09
N ASN A 489 -4.06 23.81 -38.88
CA ASN A 489 -2.88 23.88 -38.03
C ASN A 489 -3.02 23.01 -36.78
N LEU A 490 -3.61 21.80 -36.94
CA LEU A 490 -3.74 20.82 -35.88
C LEU A 490 -2.86 19.60 -36.12
N ARG A 491 -1.86 19.72 -36.99
CA ARG A 491 -0.99 18.60 -37.31
C ARG A 491 0.07 18.35 -36.25
N GLY A 492 0.43 19.37 -35.48
CA GLY A 492 1.38 19.23 -34.39
C GLY A 492 0.76 18.79 -33.08
N SER A 493 -0.50 19.13 -32.86
CA SER A 493 -1.12 18.96 -31.55
C SER A 493 -2.06 17.76 -31.47
N LEU A 494 -2.58 17.29 -32.59
CA LEU A 494 -3.48 16.15 -32.62
C LEU A 494 -3.07 15.18 -33.72
N GLY A 495 -3.30 13.90 -33.48
CA GLY A 495 -3.07 12.86 -34.47
C GLY A 495 -4.38 12.49 -35.15
N ASN A 496 -4.80 11.25 -34.97
CA ASN A 496 -6.13 10.83 -35.40
C ASN A 496 -7.12 11.32 -34.35
N ALA A 497 -8.05 12.19 -34.74
CA ALA A 497 -8.94 12.84 -33.77
C ALA A 497 -10.23 13.30 -34.46
N VAL A 498 -11.33 13.23 -33.73
CA VAL A 498 -12.60 13.82 -34.17
C VAL A 498 -12.76 15.20 -33.56
N LEU A 499 -13.13 16.16 -34.40
CA LEU A 499 -13.32 17.56 -34.06
C LEU A 499 -14.76 17.96 -34.34
N VAL A 500 -15.26 18.90 -33.56
CA VAL A 500 -16.55 19.53 -33.84
C VAL A 500 -16.36 21.04 -33.82
N GLN A 501 -16.93 21.73 -34.80
CA GLN A 501 -17.02 23.18 -34.80
C GLN A 501 -18.51 23.53 -34.81
N SER A 502 -19.03 23.92 -33.66
CA SER A 502 -20.46 24.21 -33.56
C SER A 502 -20.79 25.67 -33.79
N SER A 503 -19.78 26.53 -33.92
CA SER A 503 -20.00 27.96 -34.15
C SER A 503 -19.84 28.28 -35.64
N THR A 504 -20.93 28.74 -36.27
CA THR A 504 -20.84 29.05 -37.69
C THR A 504 -19.90 30.22 -37.96
N ALA A 505 -19.75 31.12 -36.97
CA ALA A 505 -18.86 32.27 -37.13
C ALA A 505 -17.39 31.85 -37.19
N ASN A 506 -17.04 30.73 -36.55
CA ASN A 506 -15.67 30.25 -36.56
C ASN A 506 -15.39 29.21 -37.64
N ALA A 507 -16.43 28.73 -38.33
CA ALA A 507 -16.27 27.79 -39.44
C ALA A 507 -16.03 28.61 -40.70
N THR A 508 -14.77 29.00 -40.89
CA THR A 508 -14.42 29.93 -41.95
C THR A 508 -13.35 29.31 -42.85
N VAL A 509 -13.25 29.84 -44.08
CA VAL A 509 -12.13 29.48 -44.95
C VAL A 509 -10.81 29.82 -44.28
N ALA A 510 -10.75 30.96 -43.58
CA ALA A 510 -9.51 31.33 -42.92
C ALA A 510 -9.11 30.30 -41.87
N ASN A 511 -10.08 29.63 -41.26
CA ASN A 511 -9.80 28.57 -40.31
C ASN A 511 -9.73 27.19 -40.97
N GLY A 512 -9.63 27.13 -42.29
CA GLY A 512 -9.34 25.89 -42.99
C GLY A 512 -10.55 25.10 -43.43
N PHE A 513 -11.74 25.64 -43.28
CA PHE A 513 -12.93 24.89 -43.65
C PHE A 513 -13.27 25.12 -45.11
N PRO A 514 -13.86 24.12 -45.78
CA PRO A 514 -14.07 24.25 -47.23
C PRO A 514 -15.27 25.11 -47.60
N SER A 515 -16.25 25.18 -46.70
CA SER A 515 -17.51 25.87 -46.96
C SER A 515 -17.90 26.61 -45.69
N SER A 516 -17.95 27.94 -45.74
CA SER A 516 -18.05 28.72 -44.52
C SER A 516 -19.49 28.79 -44.02
N GLY A 517 -19.63 29.05 -42.72
CA GLY A 517 -20.92 29.46 -42.18
C GLY A 517 -21.86 28.33 -41.82
N VAL A 518 -21.38 27.10 -41.73
CA VAL A 518 -22.17 25.98 -41.28
C VAL A 518 -21.36 25.22 -40.23
N PRO A 519 -22.00 24.50 -39.31
CA PRO A 519 -21.25 23.70 -38.33
C PRO A 519 -20.65 22.47 -38.99
N TYR A 520 -19.62 21.92 -38.33
CA TYR A 520 -18.87 20.79 -38.87
C TYR A 520 -18.59 19.71 -37.85
N LEU A 521 -18.55 18.47 -38.34
CA LEU A 521 -17.76 17.40 -37.76
C LEU A 521 -16.61 17.12 -38.71
N VAL A 522 -15.42 16.91 -38.15
CA VAL A 522 -14.22 16.62 -38.93
C VAL A 522 -13.51 15.44 -38.32
N GLN A 523 -13.22 14.43 -39.13
CA GLN A 523 -12.31 13.37 -38.74
C GLN A 523 -10.93 13.73 -39.28
N GLN A 524 -9.97 13.88 -38.38
CA GLN A 524 -8.57 14.02 -38.79
C GLN A 524 -7.85 12.69 -38.65
N TRP A 525 -7.05 12.34 -39.64
CA TRP A 525 -6.14 11.23 -39.54
C TRP A 525 -4.70 11.76 -39.60
N SER A 526 -3.79 10.98 -39.02
CA SER A 526 -2.39 11.37 -38.94
C SER A 526 -1.52 10.13 -38.83
N SER A 527 -0.29 10.24 -39.33
CA SER A 527 0.73 9.27 -38.94
C SER A 527 1.01 9.38 -37.44
N ALA A 528 1.11 10.61 -36.93
CA ALA A 528 1.33 10.91 -35.51
C ALA A 528 1.45 12.41 -35.35
N ALA A 529 0.83 12.97 -34.32
CA ALA A 529 1.08 14.37 -33.97
C ALA A 529 2.59 14.60 -33.83
N GLY A 530 3.08 15.66 -34.43
CA GLY A 530 4.52 15.92 -34.39
C GLY A 530 4.88 17.13 -35.22
N ASN A 531 6.18 17.43 -35.25
CA ASN A 531 6.68 18.54 -36.06
C ASN A 531 6.33 18.36 -37.53
N ASN A 532 6.39 17.12 -38.02
CA ASN A 532 5.95 16.78 -39.37
C ASN A 532 5.09 15.53 -39.31
N SER A 533 4.14 15.43 -40.25
CA SER A 533 3.20 14.31 -40.23
C SER A 533 2.50 14.19 -41.59
N TYR A 534 2.11 12.97 -41.90
CA TYR A 534 1.08 12.71 -42.91
C TYR A 534 -0.27 12.96 -42.30
N ASN A 535 -1.19 13.55 -43.07
CA ASN A 535 -2.52 13.81 -42.56
C ASN A 535 -3.57 13.63 -43.64
N ALA A 536 -4.80 13.41 -43.18
CA ALA A 536 -5.98 13.45 -44.03
C ALA A 536 -7.13 13.95 -43.17
N GLN A 537 -8.12 14.57 -43.81
CA GLN A 537 -9.31 15.02 -43.11
C GLN A 537 -10.54 14.73 -43.94
N LEU A 538 -11.59 14.26 -43.25
CA LEU A 538 -12.94 14.15 -43.78
C LEU A 538 -13.81 15.16 -43.04
N ALA A 539 -14.38 16.10 -43.79
CA ALA A 539 -15.20 17.17 -43.21
C ALA A 539 -16.65 17.02 -43.64
N PHE A 540 -17.55 17.08 -42.64
CA PHE A 540 -18.99 17.11 -42.84
C PHE A 540 -19.46 18.54 -42.60
N ALA A 541 -19.81 19.25 -43.67
CA ALA A 541 -20.41 20.58 -43.58
C ALA A 541 -21.91 20.40 -43.41
N ILE A 542 -22.40 20.57 -42.18
CA ILE A 542 -23.72 20.09 -41.77
C ILE A 542 -24.72 21.24 -41.85
N SER A 543 -25.69 21.14 -42.76
CA SER A 543 -26.85 22.01 -42.80
C SER A 543 -28.03 21.27 -42.16
N SER A 544 -29.19 21.95 -42.10
CA SER A 544 -30.28 21.42 -41.28
C SER A 544 -30.84 20.13 -41.87
N ALA A 545 -30.80 19.96 -43.19
CA ALA A 545 -31.35 18.77 -43.82
C ALA A 545 -30.49 18.26 -44.98
N SER A 546 -29.19 18.57 -44.96
CA SER A 546 -28.29 18.17 -46.03
C SER A 546 -26.87 18.44 -45.56
N ALA A 547 -25.89 17.92 -46.31
CA ALA A 547 -24.49 18.20 -46.05
C ALA A 547 -23.71 18.14 -47.35
N THR A 548 -22.53 18.75 -47.33
CA THR A 548 -21.50 18.48 -48.31
C THR A 548 -20.35 17.76 -47.62
N PHE A 549 -19.72 16.87 -48.37
CA PHE A 549 -18.72 15.95 -47.83
C PHE A 549 -17.39 16.21 -48.53
N TRP A 550 -16.31 16.31 -47.74
CA TRP A 550 -15.04 16.82 -48.24
C TRP A 550 -13.87 16.00 -47.70
N LEU A 551 -12.89 15.76 -48.57
CA LEU A 551 -11.63 15.11 -48.23
C LEU A 551 -10.45 15.97 -48.61
N ARG A 552 -9.40 15.95 -47.78
CA ARG A 552 -8.12 16.49 -48.21
C ARG A 552 -6.99 15.73 -47.51
N THR A 553 -5.78 15.85 -48.06
CA THR A 553 -4.61 15.20 -47.51
C THR A 553 -3.49 16.20 -47.37
N GLY A 554 -2.57 15.87 -46.47
CA GLY A 554 -1.34 16.62 -46.29
C GLY A 554 -0.15 15.69 -46.26
N ASP A 555 0.76 15.87 -47.22
CA ASP A 555 1.96 15.07 -47.28
C ASP A 555 2.94 15.50 -46.18
N TYR A 556 3.77 14.56 -45.76
CA TYR A 556 4.79 14.82 -44.76
C TYR A 556 5.69 15.96 -45.25
N GLY A 557 5.75 17.04 -44.47
CA GLY A 557 6.56 18.20 -44.84
C GLY A 557 5.96 19.10 -45.88
N GLN A 558 4.71 18.91 -46.24
CA GLN A 558 4.03 19.74 -47.23
C GLN A 558 2.76 20.31 -46.62
N ALA A 559 2.31 21.44 -47.19
CA ALA A 559 1.02 21.99 -46.83
C ALA A 559 -0.10 21.07 -47.31
N TYR A 560 -1.27 21.23 -46.69
CA TYR A 560 -2.46 20.49 -47.13
C TYR A 560 -2.75 20.77 -48.60
N ALA A 561 -3.16 19.72 -49.30
CA ALA A 561 -3.70 19.85 -50.64
C ALA A 561 -5.12 20.40 -50.58
N SER A 562 -5.62 20.80 -51.75
CA SER A 562 -6.96 21.40 -51.85
C SER A 562 -8.05 20.44 -51.38
N TRP A 563 -9.11 21.00 -50.81
CA TRP A 563 -10.27 20.20 -50.43
C TRP A 563 -10.98 19.65 -51.67
N CYS A 564 -11.53 18.43 -51.52
CA CYS A 564 -12.21 17.69 -52.57
C CYS A 564 -13.63 17.35 -52.14
N ARG A 565 -14.61 17.91 -52.84
CA ARG A 565 -16.01 17.63 -52.55
C ARG A 565 -16.45 16.34 -53.23
N LEU A 566 -16.99 15.41 -52.45
CA LEU A 566 -17.37 14.11 -52.97
C LEU A 566 -18.63 14.19 -53.82
N TYR A 567 -18.66 13.40 -54.89
CA TYR A 567 -19.85 13.25 -55.70
C TYR A 567 -20.69 12.09 -55.18
N HIS A 568 -22.00 12.31 -55.10
CA HIS A 568 -22.91 11.26 -54.61
C HIS A 568 -24.26 11.42 -55.28
N TYR A 569 -25.14 10.43 -55.06
CA TYR A 569 -26.31 10.29 -55.92
C TYR A 569 -27.46 11.23 -55.57
N ARG A 570 -27.32 12.03 -54.53
CA ARG A 570 -28.33 13.00 -54.14
C ARG A 570 -27.86 14.43 -54.41
N ASP A 571 -26.95 14.60 -55.37
CA ASP A 571 -26.41 15.90 -55.73
C ASP A 571 -26.06 15.91 -57.22
N SER A 572 -26.14 17.09 -57.83
CA SER A 572 -25.54 17.28 -59.14
C SER A 572 -24.03 17.14 -59.03
N LEU A 573 -23.37 17.04 -60.17
CA LEU A 573 -21.90 16.93 -60.22
C LEU A 573 -21.37 18.23 -60.83
N ILE A 574 -20.98 19.16 -59.97
CA ILE A 574 -20.50 20.46 -60.40
C ILE A 574 -18.97 20.49 -60.19
N PRO A 575 -18.17 20.53 -61.25
CA PRO A 575 -16.71 20.49 -61.08
C PRO A 575 -16.18 21.72 -60.38
N ALA A 576 -15.00 21.54 -59.76
CA ALA A 576 -14.35 22.64 -59.04
C ALA A 576 -13.91 23.77 -59.95
N ALA A 577 -13.71 23.50 -61.24
CA ALA A 577 -13.36 24.52 -62.22
C ALA A 577 -13.96 24.11 -63.56
N THR A 578 -14.36 25.12 -64.33
CA THR A 578 -15.01 24.88 -65.61
C THR A 578 -13.99 24.43 -66.67
N ASN A 579 -14.49 23.66 -67.65
CA ASN A 579 -13.71 23.32 -68.84
C ASN A 579 -12.34 22.72 -68.47
N THR A 580 -12.35 21.88 -67.46
CA THR A 580 -11.13 21.30 -66.91
C THR A 580 -11.20 19.78 -66.81
N TYR A 581 -12.31 19.24 -66.33
CA TYR A 581 -12.42 17.83 -66.01
C TYR A 581 -13.34 17.12 -67.00
N ASP A 582 -13.06 15.83 -67.23
CA ASP A 582 -13.74 15.05 -68.24
C ASP A 582 -14.63 14.00 -67.61
N LEU A 583 -15.69 13.64 -68.34
CA LEU A 583 -16.47 12.43 -68.10
C LEU A 583 -15.89 11.36 -69.02
N GLY A 584 -15.18 10.41 -68.43
CA GLY A 584 -14.54 9.36 -69.20
C GLY A 584 -13.25 9.82 -69.84
N SER A 585 -12.64 8.90 -70.59
CA SER A 585 -11.45 9.17 -71.39
C SER A 585 -11.55 8.37 -72.68
N SER A 586 -10.70 8.72 -73.65
CA SER A 586 -10.70 7.98 -74.91
C SER A 586 -10.49 6.49 -74.68
N GLY A 587 -9.70 6.13 -73.68
CA GLY A 587 -9.42 4.73 -73.37
C GLY A 587 -10.36 4.10 -72.35
N SER A 588 -11.17 4.89 -71.67
CA SER A 588 -12.10 4.34 -70.68
C SER A 588 -13.39 5.15 -70.77
N THR A 589 -14.29 4.71 -71.63
CA THR A 589 -15.54 5.39 -71.90
C THR A 589 -16.60 4.98 -70.90
N PHE A 590 -17.57 5.86 -70.70
CA PHE A 590 -18.84 5.43 -70.16
C PHE A 590 -19.64 4.77 -71.28
N ARG A 591 -20.36 3.71 -70.93
CA ARG A 591 -21.05 2.91 -71.92
C ARG A 591 -22.21 3.69 -72.55
N ASN A 592 -23.16 4.10 -71.73
CA ASN A 592 -24.30 4.91 -72.16
C ASN A 592 -24.48 6.08 -71.20
N ALA A 593 -25.24 7.06 -71.65
CA ALA A 593 -25.64 8.19 -70.82
C ALA A 593 -27.13 8.42 -71.03
N TYR A 594 -27.86 8.53 -69.94
CA TYR A 594 -29.31 8.71 -69.98
C TYR A 594 -29.60 10.10 -69.44
N LEU A 595 -29.97 10.99 -70.35
CA LEU A 595 -30.35 12.35 -70.02
C LEU A 595 -31.82 12.57 -70.38
N GLN A 596 -32.49 13.38 -69.56
CA GLN A 596 -33.85 13.82 -69.88
C GLN A 596 -33.86 14.75 -71.09
N ASN A 597 -32.80 15.55 -71.25
CA ASN A 597 -32.71 16.52 -72.33
C ASN A 597 -31.39 16.36 -73.06
N ALA A 598 -31.33 16.91 -74.27
CA ALA A 598 -30.10 16.89 -75.04
C ALA A 598 -28.99 17.64 -74.31
N VAL A 599 -27.76 17.16 -74.51
CA VAL A 599 -26.59 17.82 -73.95
C VAL A 599 -26.57 19.30 -74.32
N THR A 600 -26.23 20.14 -73.34
CA THR A 600 -26.04 21.56 -73.57
C THR A 600 -24.54 21.80 -73.81
N VAL A 601 -24.19 22.15 -75.04
CA VAL A 601 -22.79 22.39 -75.39
C VAL A 601 -22.53 23.87 -75.24
N VAL A 602 -21.77 24.22 -74.21
CA VAL A 602 -21.51 25.60 -73.85
C VAL A 602 -20.41 26.17 -74.72
N VAL B 16 22.17 -3.52 60.58
CA VAL B 16 23.24 -4.30 59.98
C VAL B 16 22.64 -5.34 59.01
N ASP B 17 21.50 -5.91 59.39
CA ASP B 17 20.83 -6.90 58.57
C ASP B 17 19.48 -6.36 58.12
N VAL B 18 18.93 -6.98 57.08
CA VAL B 18 17.65 -6.54 56.53
C VAL B 18 16.53 -7.05 57.42
N LYS B 19 15.64 -6.14 57.81
CA LYS B 19 14.57 -6.44 58.75
C LYS B 19 13.26 -6.69 58.01
N ILE B 20 12.52 -7.68 58.48
CA ILE B 20 11.24 -8.03 57.85
C ILE B 20 10.12 -7.18 58.45
N VAL B 21 9.23 -6.75 57.59
CA VAL B 21 8.05 -5.98 57.95
C VAL B 21 6.88 -6.59 57.19
N ASN B 22 5.76 -6.79 57.87
CA ASN B 22 4.65 -7.52 57.23
C ASN B 22 3.95 -6.67 56.16
N THR B 23 3.58 -5.44 56.51
CA THR B 23 2.79 -4.58 55.64
C THR B 23 3.33 -3.16 55.71
N VAL B 24 2.93 -2.33 54.75
CA VAL B 24 3.41 -0.94 54.79
C VAL B 24 2.81 -0.21 55.99
N ALA B 25 1.62 -0.61 56.46
CA ALA B 25 1.04 0.02 57.64
C ALA B 25 1.92 -0.19 58.86
N ASP B 26 2.71 -1.27 58.89
CA ASP B 26 3.57 -1.52 60.04
C ASP B 26 4.78 -0.59 60.07
N LEU B 27 5.09 0.10 58.96
CA LEU B 27 6.26 0.99 58.95
C LEU B 27 6.09 2.17 59.90
N GLU B 28 4.87 2.64 60.12
CA GLU B 28 4.65 3.82 60.94
C GLU B 28 5.22 3.66 62.34
N SER B 29 5.02 2.50 62.95
CA SER B 29 5.39 2.28 64.35
C SER B 29 6.82 1.78 64.52
N LEU B 30 7.53 1.54 63.42
CA LEU B 30 8.87 0.94 63.49
C LEU B 30 9.91 1.97 63.90
N THR B 31 10.54 1.77 65.05
CA THR B 31 11.68 2.61 65.42
C THR B 31 12.88 2.24 64.55
N ALA B 32 13.53 3.24 63.97
CA ALA B 32 14.54 2.96 62.95
C ALA B 32 15.65 4.01 63.00
N ASN B 33 16.86 3.57 62.65
CA ASN B 33 17.99 4.45 62.43
C ASN B 33 18.07 4.85 60.96
N ASP B 34 18.53 6.08 60.71
CA ASP B 34 18.71 6.57 59.35
C ASP B 34 19.51 5.57 58.52
N GLY B 35 19.02 5.27 57.32
CA GLY B 35 19.70 4.34 56.44
C GLY B 35 19.35 2.88 56.65
N MSE B 36 18.47 2.57 57.59
N MSE B 36 18.48 2.56 57.59
CA MSE B 36 18.01 1.21 57.83
CA MSE B 36 18.07 1.18 57.79
C MSE B 36 17.30 0.62 56.59
C MSE B 36 17.34 0.62 56.57
O MSE B 36 16.63 1.34 55.87
O MSE B 36 16.70 1.37 55.83
CB MSE B 36 17.06 1.20 59.03
CB MSE B 36 17.17 1.06 59.02
CG MSE B 36 16.52 -0.14 59.45
CG MSE B 36 16.70 -0.36 59.31
SE MSE B 36 15.62 -0.03 61.17
SE MSE B 36 18.19 -1.62 59.46
CE MSE B 36 14.68 -1.72 61.11
CE MSE B 36 17.13 -3.22 59.84
H MSE B 36 18.11 3.14 58.12
H MSE B 36 18.09 3.12 58.12
HA MSE B 36 18.77 0.64 58.05
HA MSE B 36 18.86 0.64 57.96
HB2 MSE B 36 17.54 1.57 59.79
HB2 MSE B 36 17.66 1.36 59.80
HB3 MSE B 36 16.30 1.77 58.82
HB3 MSE B 36 16.38 1.61 58.89
HG2 MSE B 36 15.88 -0.46 58.78
HG2 MSE B 36 16.21 -0.37 60.14
HG3 MSE B 36 17.25 -0.78 59.53
HG3 MSE B 36 16.13 -0.65 58.59
HE1 MSE B 36 14.16 -1.83 61.92
HE1 MSE B 36 17.73 -3.98 59.95
HE2 MSE B 36 14.08 -1.73 60.35
HE2 MSE B 36 16.63 -3.08 60.65
HE3 MSE B 36 15.32 -2.44 61.04
HE3 MSE B 36 16.53 -3.38 59.10
N VAL B 37 17.45 -0.69 56.37
CA VAL B 37 16.81 -1.38 55.24
C VAL B 37 15.80 -2.38 55.79
N ALA B 38 14.60 -2.38 55.21
CA ALA B 38 13.55 -3.31 55.56
C ALA B 38 13.05 -4.00 54.30
N TYR B 39 12.54 -5.22 54.47
CA TYR B 39 11.85 -5.93 53.40
C TYR B 39 10.37 -6.07 53.76
N VAL B 40 9.51 -5.46 52.95
CA VAL B 40 8.07 -5.50 53.20
C VAL B 40 7.49 -6.67 52.42
N LYS B 41 6.82 -7.58 53.12
CA LYS B 41 6.30 -8.79 52.49
C LYS B 41 5.27 -8.44 51.42
N GLY B 42 4.34 -7.54 51.75
CA GLY B 42 3.33 -7.09 50.81
C GLY B 42 2.72 -5.79 51.29
N TYR B 43 2.07 -5.08 50.38
CA TYR B 43 1.46 -3.81 50.76
C TYR B 43 0.40 -4.02 51.83
N TYR B 44 -0.52 -4.95 51.58
CA TYR B 44 -1.52 -5.36 52.55
C TYR B 44 -1.22 -6.79 53.02
N GLN B 45 -1.83 -7.17 54.13
CA GLN B 45 -1.87 -8.58 54.50
C GLN B 45 -2.73 -9.33 53.47
N PRO B 46 -2.30 -10.49 52.99
CA PRO B 46 -3.16 -11.24 52.08
C PRO B 46 -4.46 -11.65 52.76
N THR B 47 -5.53 -11.69 51.97
CA THR B 47 -6.80 -12.22 52.47
C THR B 47 -7.09 -13.62 51.95
N ASN B 48 -6.34 -14.09 50.95
CA ASN B 48 -6.54 -15.42 50.37
C ASN B 48 -5.18 -16.09 50.25
N PHE B 49 -4.80 -16.86 51.25
CA PHE B 49 -3.51 -17.56 51.17
C PHE B 49 -3.57 -18.78 50.26
N ALA B 50 -4.72 -19.07 49.64
CA ALA B 50 -4.76 -20.08 48.59
C ALA B 50 -4.22 -19.56 47.27
N LEU B 51 -4.14 -18.24 47.08
CA LEU B 51 -3.59 -17.70 45.85
C LEU B 51 -2.17 -18.21 45.62
N ALA B 52 -1.84 -18.41 44.34
CA ALA B 52 -0.45 -18.71 44.00
C ALA B 52 0.46 -17.53 44.30
N LYS B 53 -0.09 -16.32 44.32
CA LYS B 53 0.68 -15.08 44.45
C LYS B 53 0.02 -14.22 45.53
N PRO B 54 0.11 -14.66 46.81
CA PRO B 54 -0.64 -13.99 47.88
C PRO B 54 -0.03 -12.67 48.32
N TYR B 55 1.30 -12.54 48.29
CA TYR B 55 1.98 -11.33 48.70
C TYR B 55 2.31 -10.49 47.47
N VAL B 56 1.76 -9.27 47.43
CA VAL B 56 2.00 -8.35 46.31
C VAL B 56 2.21 -6.94 46.85
N GLY B 57 2.94 -6.14 46.07
CA GLY B 57 3.08 -4.73 46.39
C GLY B 57 4.08 -4.39 47.48
N GLY B 58 4.91 -5.34 47.90
CA GLY B 58 5.91 -5.10 48.91
C GLY B 58 7.23 -4.69 48.29
N GLY B 59 8.32 -5.06 48.94
CA GLY B 59 9.65 -4.80 48.43
C GLY B 59 10.52 -4.13 49.48
N HIS B 60 11.79 -3.93 49.11
CA HIS B 60 12.74 -3.30 50.01
C HIS B 60 12.44 -1.83 50.16
N ARG B 61 12.69 -1.32 51.36
CA ARG B 61 12.59 0.10 51.65
C ARG B 61 13.77 0.52 52.49
N ILE B 62 14.21 1.76 52.28
CA ILE B 62 15.29 2.36 53.05
C ILE B 62 14.75 3.59 53.79
N TYR B 63 15.04 3.65 55.09
CA TYR B 63 14.59 4.77 55.91
C TYR B 63 15.43 6.02 55.63
N VAL B 64 14.75 7.12 55.35
CA VAL B 64 15.37 8.44 55.14
C VAL B 64 14.84 9.33 56.25
N ALA B 65 15.61 9.47 57.32
CA ALA B 65 15.10 10.09 58.54
C ALA B 65 14.56 11.49 58.28
N SER B 66 15.20 12.25 57.38
CA SER B 66 14.75 13.60 57.10
C SER B 66 13.38 13.65 56.45
N ARG B 67 12.85 12.52 55.99
CA ARG B 67 11.53 12.47 55.37
C ARG B 67 10.54 11.68 56.23
N ALA B 68 10.86 11.50 57.52
CA ALA B 68 10.02 10.72 58.41
C ALA B 68 8.57 11.19 58.42
N ALA B 69 8.35 12.49 58.24
CA ALA B 69 6.99 13.02 58.29
C ALA B 69 6.21 12.78 57.01
N GLU B 70 6.86 12.34 55.93
CA GLU B 70 6.18 12.17 54.65
C GLU B 70 5.51 10.80 54.59
N ASN B 71 4.31 10.77 54.01
CA ASN B 71 3.65 9.51 53.71
C ASN B 71 2.73 9.76 52.53
N ASP B 72 3.15 9.30 51.35
CA ASP B 72 2.33 9.35 50.16
C ASP B 72 1.73 8.00 49.81
N GLY B 73 1.87 7.02 50.71
CA GLY B 73 1.33 5.69 50.48
C GLY B 73 1.99 4.91 49.37
N PHE B 74 3.14 5.37 48.88
CA PHE B 74 3.75 4.74 47.71
C PHE B 74 5.26 4.82 47.83
N LEU B 75 5.88 5.86 47.25
CA LEU B 75 7.34 5.90 47.22
C LEU B 75 7.97 6.26 48.55
N CYS B 76 7.26 6.94 49.45
CA CYS B 76 7.83 7.31 50.75
C CYS B 76 6.73 7.18 51.78
N ILE B 77 6.86 6.20 52.67
CA ILE B 77 5.87 5.91 53.68
C ILE B 77 6.53 6.09 55.04
N ASN B 78 6.20 7.19 55.71
CA ASN B 78 6.79 7.52 57.02
C ASN B 78 8.31 7.50 56.95
N GLY B 79 8.86 8.02 55.85
CA GLY B 79 10.30 8.09 55.65
C GLY B 79 10.91 6.87 54.97
N TRP B 80 10.15 5.79 54.80
CA TRP B 80 10.69 4.56 54.23
C TRP B 80 10.51 4.63 52.72
N VAL B 81 11.62 4.70 51.99
CA VAL B 81 11.59 4.96 50.55
C VAL B 81 11.65 3.63 49.81
N LEU B 82 10.75 3.45 48.85
CA LEU B 82 10.68 2.21 48.09
C LEU B 82 11.87 2.08 47.16
N GLN B 83 12.54 0.93 47.21
CA GLN B 83 13.65 0.63 46.33
C GLN B 83 13.09 0.02 45.06
N ILE B 84 13.18 0.75 43.96
CA ILE B 84 12.57 0.36 42.72
C ILE B 84 13.61 -0.34 41.87
N GLU B 85 13.24 -1.49 41.33
CA GLU B 85 14.12 -2.25 40.46
C GLU B 85 13.87 -1.84 39.01
N ASN B 86 14.95 -1.46 38.33
CA ASN B 86 14.92 -1.00 36.94
C ASN B 86 13.72 -0.09 36.65
N ASN B 87 13.41 0.82 37.57
CA ASN B 87 12.42 1.88 37.37
C ASN B 87 11.07 1.32 36.91
N THR B 88 10.66 0.20 37.49
CA THR B 88 9.41 -0.44 37.13
C THR B 88 8.62 -0.74 38.39
N VAL B 89 7.34 -0.40 38.38
CA VAL B 89 6.45 -0.64 39.51
C VAL B 89 5.10 -1.11 38.98
N SER B 90 4.27 -1.56 39.91
CA SER B 90 2.89 -1.97 39.68
C SER B 90 1.97 -1.15 40.56
N PRO B 91 0.69 -1.01 40.17
CA PRO B 91 -0.24 -0.29 41.06
C PRO B 91 -0.30 -0.86 42.47
N GLU B 92 -0.07 -2.18 42.61
CA GLU B 92 0.00 -2.81 43.93
C GLU B 92 1.00 -2.11 44.85
N HIS B 93 2.08 -1.56 44.29
CA HIS B 93 3.10 -0.96 45.15
C HIS B 93 2.61 0.32 45.80
N ALA B 94 1.53 0.91 45.29
CA ALA B 94 0.90 2.09 45.86
C ALA B 94 -0.40 1.74 46.57
N GLY B 95 -0.74 0.47 46.67
CA GLY B 95 -1.91 0.06 47.42
C GLY B 95 -3.10 -0.36 46.59
N ALA B 96 -2.93 -0.62 45.31
CA ALA B 96 -4.01 -1.20 44.54
C ALA B 96 -4.21 -2.65 44.96
N LYS B 97 -5.37 -3.19 44.62
CA LYS B 97 -5.65 -4.60 44.82
C LYS B 97 -6.01 -5.24 43.48
N LEU B 98 -5.60 -6.49 43.32
CA LEU B 98 -5.83 -7.24 42.10
C LEU B 98 -7.13 -8.03 42.20
N ASN B 99 -7.92 -7.97 41.11
CA ASN B 99 -9.09 -8.84 40.92
C ASN B 99 -10.01 -8.80 42.15
N THR B 100 -10.27 -7.59 42.64
CA THR B 100 -11.06 -7.37 43.85
C THR B 100 -12.09 -6.31 43.53
N PRO B 101 -13.26 -6.70 43.03
CA PRO B 101 -14.21 -5.71 42.51
C PRO B 101 -14.72 -4.74 43.54
N SER B 102 -14.64 -5.09 44.83
CA SER B 102 -15.15 -4.20 45.86
C SER B 102 -14.14 -3.14 46.28
N PHE B 103 -12.92 -3.20 45.77
CA PHE B 103 -11.86 -2.30 46.21
C PHE B 103 -11.58 -1.28 45.11
N ASP B 104 -11.59 0.00 45.49
CA ASP B 104 -11.36 1.09 44.52
C ASP B 104 -9.86 1.36 44.43
N SER B 105 -9.25 0.99 43.32
CA SER B 105 -7.81 1.16 43.12
C SER B 105 -7.47 2.47 42.41
N ALA B 106 -8.42 3.38 42.25
CA ALA B 106 -8.20 4.61 41.48
C ALA B 106 -6.97 5.38 41.97
N ILE B 107 -6.92 5.66 43.27
CA ILE B 107 -5.86 6.50 43.81
C ILE B 107 -4.49 5.84 43.62
N PRO B 108 -4.29 4.58 44.01
CA PRO B 108 -2.98 3.94 43.75
C PRO B 108 -2.60 3.92 42.28
N ILE B 109 -3.54 3.61 41.39
CA ILE B 109 -3.24 3.62 39.95
C ILE B 109 -2.73 4.99 39.54
N GLN B 110 -3.43 6.03 39.97
CA GLN B 110 -3.07 7.37 39.53
C GLN B 110 -1.66 7.72 39.99
N LYS B 111 -1.30 7.31 41.21
CA LYS B 111 0.02 7.58 41.73
C LYS B 111 1.10 6.93 40.88
N VAL B 112 0.92 5.66 40.48
CA VAL B 112 1.98 5.04 39.70
C VAL B 112 2.01 5.61 38.28
N LEU B 113 0.87 6.07 37.76
CA LEU B 113 0.86 6.58 36.39
C LEU B 113 1.63 7.88 36.24
N ILE B 114 1.82 8.65 37.31
CA ILE B 114 2.56 9.91 37.21
C ILE B 114 3.89 9.83 37.97
N SER B 115 4.36 8.63 38.27
CA SER B 115 5.56 8.43 39.08
C SER B 115 6.84 8.53 38.27
N GLY B 116 6.77 8.48 36.94
CA GLY B 116 7.97 8.38 36.13
C GLY B 116 8.47 6.96 35.94
N CYS B 117 7.89 5.99 36.62
CA CYS B 117 8.28 4.60 36.43
C CYS B 117 7.53 3.98 35.26
N LYS B 118 8.13 2.95 34.67
CA LYS B 118 7.35 2.01 33.86
C LYS B 118 6.33 1.35 34.75
N VAL B 119 5.11 1.22 34.25
CA VAL B 119 3.99 0.68 35.01
C VAL B 119 3.62 -0.67 34.43
N ARG B 120 3.65 -1.70 35.27
CA ARG B 120 3.19 -3.03 34.88
C ARG B 120 1.81 -3.30 35.46
N LEU B 121 0.89 -3.79 34.63
CA LEU B 121 -0.45 -4.14 35.05
C LEU B 121 -0.53 -5.66 35.10
N ASN B 122 -0.96 -6.18 36.25
CA ASN B 122 -0.84 -7.61 36.53
C ASN B 122 -2.17 -8.28 36.83
N GLY B 123 -3.26 -7.59 36.58
CA GLY B 123 -4.59 -8.15 36.77
C GLY B 123 -5.60 -7.09 36.43
N LEU B 124 -6.83 -7.30 36.90
CA LEU B 124 -7.87 -6.30 36.76
C LEU B 124 -7.95 -5.42 37.99
N TYR B 125 -7.99 -4.13 37.76
CA TYR B 125 -8.08 -3.11 38.80
C TYR B 125 -9.39 -2.37 38.61
N HIS B 126 -10.14 -2.18 39.70
CA HIS B 126 -11.42 -1.51 39.62
C HIS B 126 -11.28 -0.06 40.07
N THR B 127 -11.97 0.84 39.36
CA THR B 127 -11.84 2.27 39.57
CA THR B 127 -11.83 2.27 39.55
C THR B 127 -13.19 2.96 39.60
N SER B 128 -13.32 3.95 40.48
CA SER B 128 -14.55 4.73 40.58
C SER B 128 -14.46 6.07 39.84
N VAL B 129 -13.27 6.44 39.40
CA VAL B 129 -13.04 7.69 38.65
C VAL B 129 -12.11 7.38 37.49
N PRO B 130 -12.00 8.28 36.52
CA PRO B 130 -11.02 8.07 35.45
C PRO B 130 -9.61 8.17 36.03
N VAL B 131 -8.66 7.56 35.33
CA VAL B 131 -7.24 7.73 35.64
C VAL B 131 -6.58 8.39 34.44
N TYR B 132 -5.62 9.27 34.70
CA TYR B 132 -4.99 10.01 33.61
C TYR B 132 -3.50 9.70 33.52
N TYR B 133 -2.97 9.89 32.31
CA TYR B 133 -1.53 9.86 32.10
C TYR B 133 -1.14 11.12 31.33
N ASN B 134 0.13 11.47 31.47
CA ASN B 134 0.65 12.66 30.83
C ASN B 134 1.58 12.31 29.65
N SER B 135 2.88 12.43 29.85
CA SER B 135 3.84 12.19 28.78
C SER B 135 4.96 11.25 29.25
N ASN B 136 5.65 10.65 28.27
CA ASN B 136 6.79 9.76 28.55
C ASN B 136 6.37 8.64 29.49
N THR B 137 5.19 8.08 29.26
CA THR B 137 4.62 7.07 30.13
C THR B 137 4.57 5.74 29.38
N THR B 138 5.17 4.72 29.97
CA THR B 138 5.07 3.36 29.44
C THR B 138 4.24 2.54 30.41
N ILE B 139 3.17 1.94 29.90
CA ILE B 139 2.28 1.08 30.67
C ILE B 139 2.20 -0.24 29.92
N GLU B 140 2.48 -1.35 30.61
CA GLU B 140 2.51 -2.68 29.98
C GLU B 140 1.76 -3.70 30.81
N GLY B 141 0.70 -4.27 30.22
CA GLY B 141 0.10 -5.50 30.72
C GLY B 141 0.57 -6.72 29.91
N THR B 142 0.13 -7.91 30.34
CA THR B 142 0.46 -9.12 29.62
C THR B 142 -0.61 -9.54 28.61
N GLY B 143 -1.74 -8.86 28.56
CA GLY B 143 -2.75 -9.14 27.56
C GLY B 143 -4.10 -8.61 27.98
N GLU B 144 -5.01 -8.53 27.00
CA GLU B 144 -6.26 -7.81 27.14
C GLU B 144 -7.36 -8.59 27.85
N LEU B 145 -7.20 -9.89 28.08
CA LEU B 145 -8.22 -10.61 28.81
C LEU B 145 -8.12 -10.37 30.31
N ASP B 146 -6.90 -10.32 30.83
CA ASP B 146 -6.70 -10.38 32.26
C ASP B 146 -6.11 -9.13 32.89
N CYS B 147 -5.66 -8.15 32.10
CA CYS B 147 -5.00 -6.96 32.61
C CYS B 147 -5.80 -5.74 32.20
N GLY B 148 -6.03 -4.82 33.13
CA GLY B 148 -6.64 -3.56 32.76
C GLY B 148 -7.49 -2.98 33.87
N PHE B 149 -8.31 -2.00 33.48
CA PHE B 149 -9.09 -1.17 34.39
C PHE B 149 -10.58 -1.38 34.11
N ILE B 150 -11.34 -1.63 35.17
CA ILE B 150 -12.80 -1.77 35.12
C ILE B 150 -13.38 -0.59 35.89
N LYS B 151 -14.04 0.30 35.17
CA LYS B 151 -14.63 1.50 35.78
C LYS B 151 -16.07 1.21 36.19
N THR B 152 -16.41 1.53 37.44
CA THR B 152 -17.67 1.10 38.04
C THR B 152 -18.69 2.21 38.21
N THR B 153 -18.39 3.42 37.75
CA THR B 153 -19.27 4.56 37.88
C THR B 153 -19.20 5.38 36.61
N ASN B 154 -20.01 6.43 36.56
CA ASN B 154 -19.90 7.45 35.52
C ASN B 154 -19.17 8.71 36.01
N ASN B 155 -18.41 8.60 37.09
CA ASN B 155 -17.75 9.78 37.67
C ASN B 155 -16.63 10.29 36.77
N THR B 156 -16.32 11.56 36.92
CA THR B 156 -15.29 12.23 36.13
C THR B 156 -14.10 12.59 37.02
N LEU B 157 -13.05 13.08 36.38
CA LEU B 157 -12.00 13.77 37.12
C LEU B 157 -12.56 15.08 37.65
N SER B 158 -11.80 15.69 38.55
CA SER B 158 -12.21 16.93 39.22
C SER B 158 -11.13 18.00 39.09
N LEU B 159 -10.56 18.15 37.90
CA LEU B 159 -9.45 19.06 37.70
C LEU B 159 -9.88 20.46 37.25
N GLY B 160 -11.06 20.59 36.67
CA GLY B 160 -11.54 21.89 36.22
C GLY B 160 -10.89 22.31 34.91
N ASN B 161 -11.21 23.53 34.50
CA ASN B 161 -10.68 24.07 33.25
C ASN B 161 -9.18 24.31 33.35
N ARG B 162 -8.50 24.14 32.21
CA ARG B 162 -7.12 24.57 32.04
C ARG B 162 -7.01 25.26 30.68
N THR B 163 -6.20 26.32 30.64
CA THR B 163 -5.95 27.04 29.40
C THR B 163 -4.68 26.50 28.77
N ILE B 164 -4.79 26.02 27.54
CA ILE B 164 -3.69 25.44 26.78
C ILE B 164 -3.61 26.17 25.46
N ASN B 165 -2.47 26.81 25.20
CA ASN B 165 -2.30 27.61 23.99
C ASN B 165 -3.49 28.55 23.77
N GLY B 166 -3.90 29.22 24.85
CA GLY B 166 -4.99 30.18 24.79
C GLY B 166 -6.38 29.59 24.67
N LYS B 167 -6.54 28.27 24.65
CA LYS B 167 -7.84 27.62 24.55
C LYS B 167 -8.23 27.05 25.90
N ILE B 168 -9.49 27.26 26.30
CA ILE B 168 -9.98 26.67 27.53
C ILE B 168 -10.34 25.22 27.26
N MSE B 169 -9.65 24.30 27.95
CA MSE B 169 -9.87 22.87 27.80
C MSE B 169 -10.34 22.30 29.13
O MSE B 169 -10.01 22.81 30.19
CB MSE B 169 -8.60 22.15 27.35
CG MSE B 169 -8.05 22.65 26.01
SE MSE B 169 -9.28 22.33 24.56
CE MSE B 169 -8.93 20.45 24.31
H MSE B 169 -9.04 24.50 28.52
HA MSE B 169 -10.56 22.71 27.14
HB2 MSE B 169 -7.91 22.27 28.01
HB3 MSE B 169 -8.79 21.20 27.25
HG2 MSE B 169 -7.89 23.61 26.07
HG3 MSE B 169 -7.22 22.18 25.81
HE1 MSE B 169 -9.49 20.13 23.59
HE2 MSE B 169 -8.00 20.34 24.09
HE3 MSE B 169 -9.13 19.99 25.14
N ASN B 170 -11.12 21.22 29.06
CA ASN B 170 -11.63 20.61 30.27
C ASN B 170 -11.59 19.10 30.06
N PHE B 171 -11.00 18.39 31.03
CA PHE B 171 -10.81 16.94 30.94
C PHE B 171 -11.76 16.17 31.84
N ASP B 172 -12.75 16.84 32.43
CA ASP B 172 -13.64 16.23 33.43
C ASP B 172 -14.84 15.57 32.73
N VAL B 173 -14.51 14.56 31.94
CA VAL B 173 -15.51 13.78 31.19
C VAL B 173 -15.62 12.39 31.81
N ASP B 174 -16.71 11.71 31.47
CA ASP B 174 -16.91 10.32 31.90
C ASP B 174 -16.10 9.44 30.97
N ALA B 175 -14.90 9.04 31.41
CA ALA B 175 -14.01 8.20 30.65
C ALA B 175 -13.33 7.23 31.62
N ILE B 176 -12.70 6.19 31.06
CA ILE B 176 -11.93 5.26 31.88
C ILE B 176 -10.50 5.75 32.05
N MSE B 177 -9.86 6.12 30.95
CA MSE B 177 -8.52 6.66 30.94
C MSE B 177 -8.52 7.96 30.12
O MSE B 177 -9.23 8.06 29.11
CB MSE B 177 -7.53 5.64 30.37
CG MSE B 177 -6.12 5.95 30.53
SE MSE B 177 -5.13 4.27 30.11
CE MSE B 177 -3.68 4.59 31.32
H MSE B 177 -10.20 6.05 30.16
HA MSE B 177 -8.26 6.87 31.86
HB2 MSE B 177 -7.70 4.79 30.80
HB3 MSE B 177 -7.70 5.55 29.41
HG2 MSE B 177 -5.85 6.65 29.92
HG3 MSE B 177 -5.93 6.21 31.45
HE1 MSE B 177 -3.05 3.86 31.27
HE2 MSE B 177 -3.24 5.42 31.07
HE3 MSE B 177 -4.03 4.66 32.22
N VAL B 178 -7.73 8.94 30.57
CA VAL B 178 -7.66 10.26 29.96
C VAL B 178 -6.19 10.64 29.76
N ALA B 179 -5.85 11.06 28.54
CA ALA B 179 -4.53 11.59 28.25
C ALA B 179 -4.56 13.10 28.40
N ILE B 180 -3.66 13.63 29.22
CA ILE B 180 -3.62 15.05 29.56
C ILE B 180 -2.20 15.56 29.38
N PRO B 181 -1.96 16.68 28.67
CA PRO B 181 -0.59 17.19 28.57
C PRO B 181 -0.03 17.56 29.93
N ARG B 182 1.29 17.47 30.05
CA ARG B 182 1.95 18.09 31.18
C ARG B 182 1.62 19.57 31.24
N VAL B 183 1.63 20.13 32.45
CA VAL B 183 1.44 21.57 32.61
C VAL B 183 2.47 22.30 31.77
N GLY B 184 2.00 23.24 30.95
CA GLY B 184 2.85 24.00 30.06
C GLY B 184 3.02 23.41 28.68
N ASP B 185 2.58 22.18 28.45
CA ASP B 185 2.69 21.51 27.16
C ASP B 185 1.34 21.51 26.46
N TRP B 186 1.38 21.26 25.15
CA TRP B 186 0.15 21.16 24.37
C TRP B 186 -0.34 19.74 24.15
N TYR B 187 0.54 18.72 24.23
CA TYR B 187 0.17 17.35 23.89
C TYR B 187 0.65 16.37 24.97
N ALA B 188 -0.16 15.34 25.20
CA ALA B 188 0.24 14.15 25.93
C ALA B 188 1.02 13.28 24.96
N GLN B 189 2.34 13.20 25.14
CA GLN B 189 3.20 12.71 24.08
C GLN B 189 4.24 11.74 24.60
N ASN B 190 4.81 10.98 23.65
CA ASN B 190 5.88 10.03 23.92
C ASN B 190 5.44 8.99 24.92
N ASN B 191 4.20 8.54 24.77
CA ASN B 191 3.64 7.47 25.58
C ASN B 191 3.65 6.17 24.78
N HIS B 192 3.71 5.05 25.52
CA HIS B 192 3.91 3.72 24.95
C HIS B 192 3.09 2.76 25.81
N LEU B 193 1.84 2.54 25.40
CA LEU B 193 0.88 1.74 26.15
C LEU B 193 0.66 0.42 25.43
N SER B 194 0.63 -0.69 26.18
CA SER B 194 0.40 -1.97 25.54
C SER B 194 -0.20 -2.99 26.49
N GLY B 195 -1.08 -3.83 25.95
CA GLY B 195 -1.38 -5.11 26.57
C GLY B 195 -2.39 -5.08 27.69
N PHE B 196 -3.48 -4.31 27.54
CA PHE B 196 -4.52 -4.26 28.57
C PHE B 196 -5.86 -3.79 28.01
N THR B 197 -6.89 -3.90 28.86
CA THR B 197 -8.25 -3.51 28.52
C THR B 197 -8.74 -2.37 29.41
N LEU B 198 -9.64 -1.58 28.83
CA LEU B 198 -10.38 -0.51 29.50
C LEU B 198 -11.85 -0.83 29.31
N GLN B 199 -12.56 -1.16 30.40
CA GLN B 199 -13.97 -1.49 30.29
C GLN B 199 -14.78 -0.82 31.37
N TYR B 200 -16.04 -0.50 31.05
CA TYR B 200 -17.02 -0.20 32.07
C TYR B 200 -17.64 -1.48 32.59
N ASP B 201 -18.06 -1.45 33.84
CA ASP B 201 -18.89 -2.49 34.41
C ASP B 201 -20.14 -2.64 33.55
N SER B 202 -20.38 -3.84 33.02
CA SER B 202 -21.46 -3.99 32.05
C SER B 202 -22.82 -3.68 32.67
N ALA B 203 -22.93 -3.69 33.99
CA ALA B 203 -24.21 -3.45 34.64
C ALA B 203 -24.61 -1.98 34.70
N LEU B 204 -23.70 -1.06 34.39
CA LEU B 204 -24.06 0.35 34.40
C LEU B 204 -25.11 0.64 33.35
N PRO B 205 -26.22 1.29 33.69
CA PRO B 205 -27.22 1.64 32.67
C PRO B 205 -26.69 2.54 31.57
N THR B 206 -25.73 3.41 31.89
CA THR B 206 -25.15 4.32 30.94
C THR B 206 -23.63 4.16 30.96
N LYS B 207 -23.02 4.18 29.78
CA LYS B 207 -21.58 4.04 29.64
C LYS B 207 -20.96 5.33 29.15
N GLY B 208 -19.63 5.43 29.29
CA GLY B 208 -18.90 6.59 28.82
C GLY B 208 -17.87 6.31 27.75
N ILE B 209 -16.77 7.06 27.79
CA ILE B 209 -15.68 6.95 26.81
C ILE B 209 -14.62 5.99 27.35
N GLY B 210 -14.09 5.13 26.50
CA GLY B 210 -13.00 4.29 26.94
C GLY B 210 -11.72 5.07 27.21
N LEU B 211 -11.12 5.57 26.13
CA LEU B 211 -9.92 6.41 26.20
C LEU B 211 -10.26 7.78 25.62
N TYR B 212 -10.26 8.81 26.47
CA TYR B 212 -10.39 10.19 26.03
C TYR B 212 -8.99 10.77 25.93
N ALA B 213 -8.54 10.96 24.70
CA ALA B 213 -7.16 11.35 24.43
C ALA B 213 -7.17 12.54 23.51
N PRO B 214 -7.59 13.71 24.00
CA PRO B 214 -7.89 14.82 23.08
C PRO B 214 -6.67 15.31 22.34
N LEU B 215 -5.57 15.54 23.04
CA LEU B 215 -4.35 16.10 22.46
C LEU B 215 -3.21 15.13 22.68
N ILE B 216 -2.79 14.42 21.63
CA ILE B 216 -1.78 13.38 21.75
C ILE B 216 -0.81 13.44 20.58
N ALA B 217 0.40 12.95 20.83
CA ALA B 217 1.44 13.02 19.82
C ALA B 217 2.53 12.00 20.11
N LEU B 218 3.20 11.56 19.04
CA LEU B 218 4.50 10.91 19.14
C LEU B 218 4.43 9.71 20.08
N SER B 219 3.44 8.86 19.88
CA SER B 219 3.15 7.78 20.81
C SER B 219 2.84 6.48 20.08
N THR B 220 2.91 5.39 20.83
CA THR B 220 2.51 4.07 20.34
C THR B 220 1.49 3.47 21.28
N TYR B 221 0.45 2.90 20.70
CA TYR B 221 -0.61 2.18 21.39
C TYR B 221 -0.69 0.80 20.78
N LYS B 222 -0.58 -0.26 21.60
CA LYS B 222 -0.56 -1.62 21.06
C LYS B 222 -1.38 -2.54 21.94
N SER B 223 -2.22 -3.38 21.32
CA SER B 223 -2.87 -4.46 22.06
C SER B 223 -3.67 -3.90 23.23
N ILE B 224 -4.51 -2.92 22.91
CA ILE B 224 -5.41 -2.30 23.87
CA ILE B 224 -5.41 -2.26 23.85
C ILE B 224 -6.83 -2.56 23.41
N LEU B 225 -7.67 -2.99 24.34
CA LEU B 225 -9.07 -3.30 24.07
C LEU B 225 -9.92 -2.37 24.91
N THR B 226 -10.83 -1.63 24.30
CA THR B 226 -11.87 -0.99 25.08
CA THR B 226 -11.89 -0.93 25.03
C THR B 226 -13.21 -1.62 24.70
N LYS B 227 -14.02 -1.87 25.72
CA LYS B 227 -15.33 -2.46 25.48
C LYS B 227 -16.29 -2.06 26.59
N ASN B 228 -17.56 -2.31 26.35
CA ASN B 228 -18.65 -1.82 27.20
C ASN B 228 -18.58 -0.30 27.32
N THR B 229 -18.36 0.39 26.19
CA THR B 229 -18.31 1.83 26.14
C THR B 229 -19.39 2.37 25.24
N PHE B 230 -19.68 3.66 25.42
CA PHE B 230 -20.49 4.42 24.46
C PHE B 230 -19.65 4.88 23.28
N GLU B 231 -18.46 5.42 23.56
CA GLU B 231 -17.46 5.79 22.57
C GLU B 231 -16.15 5.14 22.97
N GLY B 232 -15.45 4.56 22.00
CA GLY B 232 -14.26 3.77 22.33
C GLY B 232 -13.02 4.60 22.60
N ILE B 233 -12.48 5.17 21.53
CA ILE B 233 -11.29 6.00 21.57
C ILE B 233 -11.65 7.32 20.91
N LYS B 234 -11.40 8.42 21.61
CA LYS B 234 -11.84 9.74 21.18
C LYS B 234 -10.72 10.77 21.32
N SER B 235 -10.40 11.44 20.21
CA SER B 235 -9.31 12.40 20.16
C SER B 235 -9.72 13.60 19.32
N VAL B 236 -8.99 14.72 19.52
CA VAL B 236 -9.20 15.99 18.82
C VAL B 236 -8.05 16.29 17.88
N ASP B 237 -6.81 16.20 18.37
CA ASP B 237 -5.61 16.56 17.62
C ASP B 237 -4.57 15.51 17.95
N ALA B 238 -4.32 14.60 17.00
CA ALA B 238 -3.36 13.51 17.18
C ALA B 238 -2.37 13.58 16.04
N TRP B 239 -1.08 13.47 16.36
CA TRP B 239 -0.10 13.44 15.29
C TRP B 239 1.04 12.49 15.64
N MSE B 240 1.54 11.80 14.62
CA MSE B 240 2.63 10.83 14.78
C MSE B 240 2.36 9.80 15.86
O MSE B 240 3.12 9.67 16.81
CB MSE B 240 3.95 11.55 15.06
CG MSE B 240 4.53 12.19 13.84
SE MSE B 240 5.34 10.79 12.74
CE MSE B 240 5.59 11.87 11.14
H MSE B 240 1.26 11.88 13.80
HA MSE B 240 2.74 10.36 13.93
HB2 MSE B 240 3.79 12.24 15.72
HB3 MSE B 240 4.59 10.90 15.40
HG2 MSE B 240 3.84 12.62 13.33
HG3 MSE B 240 5.22 12.82 14.11
HE1 MSE B 240 5.99 11.32 10.45
HE2 MSE B 240 4.72 12.19 10.84
HE3 MSE B 240 6.17 12.62 11.35
N CYS B 241 1.27 9.07 15.71
CA CYS B 241 0.92 7.97 16.61
C CYS B 241 0.67 6.72 15.78
N THR B 242 1.08 5.58 16.32
CA THR B 242 0.75 4.31 15.72
C THR B 242 -0.11 3.51 16.68
N TRP B 243 -1.00 2.73 16.09
CA TRP B 243 -2.01 1.91 16.78
C TRP B 243 -1.94 0.52 16.18
N GLU B 244 -1.61 -0.47 16.99
CA GLU B 244 -1.45 -1.84 16.52
C GLU B 244 -2.32 -2.73 17.39
N ARG B 245 -3.21 -3.49 16.77
CA ARG B 245 -4.04 -4.43 17.52
C ARG B 245 -4.82 -3.72 18.62
N VAL B 246 -5.38 -2.57 18.27
CA VAL B 246 -6.26 -1.82 19.15
C VAL B 246 -7.69 -2.11 18.74
N GLN B 247 -8.50 -2.53 19.70
CA GLN B 247 -9.91 -2.83 19.46
C GLN B 247 -10.77 -1.85 20.21
N ALA B 248 -11.74 -1.25 19.53
CA ALA B 248 -12.65 -0.30 20.16
C ALA B 248 -14.05 -0.85 19.93
N SER B 249 -14.60 -1.43 20.97
CA SER B 249 -15.97 -1.91 20.98
CA SER B 249 -15.97 -1.91 20.99
C SER B 249 -16.81 -0.87 21.70
N ALA B 250 -17.79 -0.31 21.01
CA ALA B 250 -18.57 0.80 21.53
C ALA B 250 -19.98 0.73 20.97
N SER B 251 -20.94 1.29 21.71
CA SER B 251 -22.33 1.26 21.25
C SER B 251 -22.64 2.38 20.25
N SER B 252 -21.91 3.50 20.29
CA SER B 252 -22.19 4.64 19.42
C SER B 252 -21.12 4.77 18.34
N ARG B 253 -19.89 5.14 18.72
CA ARG B 253 -18.79 5.33 17.79
C ARG B 253 -17.54 4.67 18.35
N SER B 254 -16.89 3.82 17.54
CA SER B 254 -15.72 3.09 18.05
C SER B 254 -14.49 3.99 18.10
N PHE B 255 -14.09 4.55 16.96
CA PHE B 255 -12.94 5.43 16.84
C PHE B 255 -13.37 6.81 16.39
N ILE B 256 -12.94 7.86 17.12
CA ILE B 256 -13.27 9.24 16.83
C ILE B 256 -11.96 10.04 16.83
N PHE B 257 -11.62 10.65 15.70
CA PHE B 257 -10.45 11.51 15.57
C PHE B 257 -10.90 12.83 14.98
N GLY B 258 -10.31 13.92 15.47
CA GLY B 258 -10.73 15.24 15.06
C GLY B 258 -12.06 15.67 15.65
N HIS B 259 -12.39 15.13 16.83
CA HIS B 259 -13.57 15.56 17.59
C HIS B 259 -13.68 17.08 17.62
N THR B 260 -14.85 17.60 17.24
CA THR B 260 -15.07 19.04 17.08
C THR B 260 -15.62 19.72 18.33
N GLY B 261 -15.84 18.98 19.41
CA GLY B 261 -16.60 19.49 20.54
C GLY B 261 -15.81 20.21 21.61
N THR B 262 -14.59 20.68 21.30
CA THR B 262 -13.79 21.44 22.26
C THR B 262 -13.38 22.75 21.62
N ALA B 263 -12.74 23.59 22.42
CA ALA B 263 -12.22 24.86 21.92
C ALA B 263 -11.03 24.68 20.99
N TRP B 264 -10.44 23.50 20.96
CA TRP B 264 -9.24 23.23 20.16
C TRP B 264 -9.63 22.89 18.73
N THR B 265 -8.91 23.48 17.78
CA THR B 265 -9.18 23.20 16.37
C THR B 265 -8.76 21.78 16.01
N PRO B 266 -9.66 20.93 15.54
CA PRO B 266 -9.27 19.56 15.18
C PRO B 266 -8.23 19.56 14.07
N ASN B 267 -7.30 18.63 14.17
CA ASN B 267 -6.32 18.43 13.12
C ASN B 267 -5.54 17.18 13.47
N ASN B 268 -5.13 16.42 12.46
CA ASN B 268 -4.41 15.19 12.73
C ASN B 268 -3.41 14.94 11.60
N THR B 269 -2.32 14.26 11.94
CA THR B 269 -1.42 13.76 10.90
C THR B 269 -0.88 12.39 11.31
N THR B 270 -0.49 11.65 10.30
CA THR B 270 0.35 10.45 10.40
C THR B 270 -0.08 9.52 11.55
N GLN B 271 -1.33 9.08 11.45
CA GLN B 271 -1.87 8.02 12.30
C GLN B 271 -1.88 6.73 11.49
N THR B 272 -1.28 5.66 12.05
CA THR B 272 -1.27 4.34 11.42
C THR B 272 -2.04 3.37 12.28
N PHE B 273 -2.88 2.56 11.65
CA PHE B 273 -3.68 1.54 12.33
C PHE B 273 -3.38 0.21 11.65
N ILE B 274 -2.84 -0.72 12.40
CA ILE B 274 -2.47 -2.03 11.87
C ILE B 274 -3.20 -3.09 12.69
N GLY B 275 -4.05 -3.88 12.04
CA GLY B 275 -4.76 -4.92 12.76
C GLY B 275 -5.66 -4.41 13.85
N CYS B 276 -6.24 -3.23 13.66
CA CYS B 276 -7.18 -2.68 14.60
C CYS B 276 -8.59 -3.11 14.23
N TRP B 277 -9.50 -2.98 15.19
CA TRP B 277 -10.81 -3.59 15.06
C TRP B 277 -11.86 -2.69 15.67
N ALA B 278 -12.82 -2.26 14.86
CA ALA B 278 -13.99 -1.53 15.33
C ALA B 278 -15.13 -2.52 15.45
N THR B 279 -15.80 -2.56 16.61
CA THR B 279 -16.95 -3.45 16.72
C THR B 279 -18.11 -2.76 17.42
N ASP B 280 -19.32 -3.20 17.06
CA ASP B 280 -20.57 -2.99 17.77
C ASP B 280 -21.17 -1.59 17.59
N ALA B 281 -20.44 -0.64 17.02
CA ALA B 281 -20.91 0.75 16.93
C ALA B 281 -22.22 0.86 16.15
N GLY B 282 -23.15 1.66 16.69
CA GLY B 282 -24.45 1.85 16.08
C GLY B 282 -24.65 3.18 15.38
N LEU B 283 -23.66 4.08 15.45
CA LEU B 283 -23.70 5.36 14.74
C LEU B 283 -22.65 5.42 13.64
N TYR B 284 -21.37 5.37 13.99
CA TYR B 284 -20.27 5.26 13.04
C TYR B 284 -19.23 4.29 13.60
N GLY B 285 -18.65 3.45 12.74
CA GLY B 285 -17.49 2.70 13.16
C GLY B 285 -16.30 3.60 13.38
N TRP B 286 -15.93 4.35 12.35
CA TRP B 286 -14.88 5.35 12.39
C TRP B 286 -15.46 6.70 12.04
N ASP B 287 -15.21 7.69 12.89
CA ASP B 287 -15.63 9.07 12.66
C ASP B 287 -14.34 9.87 12.60
N LEU B 288 -13.88 10.16 11.38
CA LEU B 288 -12.58 10.78 11.13
C LEU B 288 -12.76 12.19 10.57
N ASN B 289 -12.13 13.15 11.21
CA ASN B 289 -12.17 14.55 10.80
C ASN B 289 -10.75 15.08 10.76
N LYS B 290 -10.37 15.68 9.63
CA LYS B 290 -9.03 16.25 9.45
C LYS B 290 -7.93 15.23 9.76
N MSE B 291 -8.13 14.01 9.26
CA MSE B 291 -7.19 12.91 9.46
C MSE B 291 -6.30 12.85 8.22
O MSE B 291 -6.64 12.21 7.23
CB MSE B 291 -7.93 11.59 9.67
CG MSE B 291 -8.34 11.44 11.14
SE MSE B 291 -6.78 10.87 12.20
CE MSE B 291 -7.06 8.93 12.32
H MSE B 291 -8.83 13.78 8.80
HA MSE B 291 -6.65 13.08 10.24
HB2 MSE B 291 -8.73 11.58 9.13
HB3 MSE B 291 -7.35 10.85 9.44
HG2 MSE B 291 -8.65 12.29 11.47
HG3 MSE B 291 -9.04 10.76 11.21
HE1 MSE B 291 -6.34 8.54 12.82
HE2 MSE B 291 -7.90 8.76 12.75
HE3 MSE B 291 -7.07 8.57 11.42
N GLN B 292 -5.15 13.51 8.31
CA GLN B 292 -4.22 13.56 7.18
CA GLN B 292 -4.21 13.57 7.19
C GLN B 292 -3.15 12.48 7.32
N GLY B 293 -2.76 11.90 6.18
CA GLY B 293 -1.70 10.91 6.18
C GLY B 293 -1.98 9.66 6.99
N CYS B 294 -3.20 9.13 6.88
CA CYS B 294 -3.66 8.02 7.70
C CYS B 294 -3.68 6.74 6.90
N THR B 295 -3.03 5.69 7.41
CA THR B 295 -3.03 4.36 6.78
C THR B 295 -3.66 3.35 7.72
N MSE B 296 -4.58 2.55 7.19
CA MSE B 296 -5.16 1.40 7.86
C MSE B 296 -4.71 0.14 7.12
O MSE B 296 -4.90 0.04 5.89
CB MSE B 296 -6.69 1.53 7.88
CG MSE B 296 -7.15 2.81 8.52
SE MSE B 296 -9.09 2.95 8.24
CE MSE B 296 -9.36 4.53 9.27
H MSE B 296 -4.89 2.65 6.39
HA MSE B 296 -4.84 1.37 8.78
HB2 MSE B 296 -7.02 1.51 6.97
HB3 MSE B 296 -7.06 0.79 8.40
HG2 MSE B 296 -6.96 2.79 9.46
HG3 MSE B 296 -6.71 3.56 8.08
HE1 MSE B 296 -10.29 4.76 9.26
HE2 MSE B 296 -9.07 4.36 10.19
HE3 MSE B 296 -8.82 5.25 8.89
N ILE B 297 -4.11 -0.80 7.84
CA ILE B 297 -3.58 -2.04 7.26
C ILE B 297 -4.27 -3.21 7.94
N SER B 298 -4.98 -4.02 7.14
CA SER B 298 -5.58 -5.25 7.62
C SER B 298 -6.37 -5.04 8.93
N CYS B 299 -7.19 -3.99 8.92
CA CYS B 299 -8.14 -3.67 9.98
C CYS B 299 -9.47 -4.31 9.65
N GLY B 300 -10.32 -4.45 10.68
CA GLY B 300 -11.62 -5.04 10.49
C GLY B 300 -12.68 -4.24 11.22
N ALA B 301 -13.93 -4.63 10.97
CA ALA B 301 -15.08 -3.96 11.59
C ALA B 301 -16.22 -4.95 11.61
N ASP B 302 -16.69 -5.33 12.80
CA ASP B 302 -17.74 -6.34 12.91
C ASP B 302 -18.95 -5.78 13.65
N PHE B 303 -20.12 -6.16 13.17
CA PHE B 303 -21.39 -5.90 13.85
C PHE B 303 -21.61 -4.41 14.09
N VAL B 304 -21.39 -3.65 13.05
CA VAL B 304 -21.70 -2.23 13.03
C VAL B 304 -23.14 -2.10 12.53
N GLY B 305 -23.98 -1.46 13.35
CA GLY B 305 -25.41 -1.44 13.11
C GLY B 305 -26.05 -2.77 13.46
N ALA B 306 -27.38 -2.80 13.42
CA ALA B 306 -28.14 -4.02 13.59
C ALA B 306 -29.35 -4.00 12.67
N ASP B 307 -29.94 -5.19 12.43
CA ASP B 307 -31.08 -5.31 11.54
C ASP B 307 -32.22 -4.41 12.03
N GLY B 308 -32.66 -3.49 11.17
CA GLY B 308 -33.71 -2.56 11.52
C GLY B 308 -33.23 -1.36 12.32
N SER B 309 -31.95 -1.33 12.70
CA SER B 309 -31.34 -0.25 13.47
C SER B 309 -30.00 0.11 12.83
N PRO B 310 -30.03 0.67 11.64
CA PRO B 310 -28.77 0.90 10.93
C PRO B 310 -27.93 1.97 11.57
N ALA B 311 -26.63 1.80 11.44
CA ALA B 311 -25.67 2.87 11.65
C ALA B 311 -25.78 3.85 10.49
N LYS B 312 -25.27 5.05 10.71
CA LYS B 312 -25.27 6.01 9.61
C LYS B 312 -24.23 5.64 8.55
N ALA B 313 -23.02 5.30 8.99
CA ALA B 313 -21.97 4.88 8.08
C ALA B 313 -20.96 4.01 8.79
N LEU B 314 -20.36 3.06 8.08
CA LEU B 314 -19.23 2.37 8.66
C LEU B 314 -18.07 3.33 8.86
N PHE B 315 -17.72 4.07 7.80
CA PHE B 315 -16.68 5.10 7.83
C PHE B 315 -17.29 6.45 7.50
N LYS B 316 -17.10 7.42 8.39
CA LYS B 316 -17.37 8.82 8.11
C LYS B 316 -16.02 9.53 8.03
N ILE B 317 -15.67 10.05 6.86
CA ILE B 317 -14.33 10.55 6.61
C ILE B 317 -14.45 11.96 6.02
N VAL B 318 -14.06 12.97 6.80
CA VAL B 318 -14.26 14.37 6.46
C VAL B 318 -12.92 15.11 6.46
N TYR B 319 -12.64 15.84 5.38
CA TYR B 319 -11.40 16.60 5.20
C TYR B 319 -10.17 15.80 5.63
N SER B 320 -10.06 14.59 5.09
CA SER B 320 -9.04 13.62 5.48
C SER B 320 -8.43 12.99 4.23
N ASN B 321 -7.30 12.30 4.40
CA ASN B 321 -6.80 11.43 3.32
C ASN B 321 -6.31 10.14 3.96
N VAL B 322 -6.89 9.03 3.50
CA VAL B 322 -6.81 7.73 4.16
C VAL B 322 -6.57 6.68 3.09
N THR B 323 -5.66 5.76 3.37
CA THR B 323 -5.48 4.54 2.58
C THR B 323 -5.85 3.34 3.42
N MSE B 324 -6.71 2.46 2.88
CA MSE B 324 -7.09 1.19 3.51
C MSE B 324 -6.51 0.04 2.69
O MSE B 324 -6.90 -0.17 1.54
CB MSE B 324 -8.60 1.05 3.61
CG MSE B 324 -9.27 2.20 4.28
SE MSE B 324 -11.18 1.79 4.46
CE MSE B 324 -11.74 3.54 5.07
H MSE B 324 -7.10 2.59 2.13
HA MSE B 324 -6.73 1.17 4.41
HB2 MSE B 324 -8.97 0.98 2.71
HB3 MSE B 324 -8.82 0.26 4.11
HG2 MSE B 324 -8.89 2.33 5.17
HG3 MSE B 324 -9.19 3.01 3.74
HE1 MSE B 324 -12.70 3.53 5.22
HE2 MSE B 324 -11.28 3.76 5.90
HE3 MSE B 324 -11.53 4.20 4.39
N VAL B 325 -5.57 -0.68 3.29
CA VAL B 325 -4.84 -1.76 2.64
C VAL B 325 -5.33 -3.09 3.19
N THR B 326 -6.04 -3.85 2.35
CA THR B 326 -6.55 -5.18 2.67
C THR B 326 -7.35 -5.18 3.98
N CYS B 327 -8.23 -4.19 4.13
CA CYS B 327 -9.12 -4.11 5.27
C CYS B 327 -10.41 -4.88 4.99
N MSE B 328 -11.17 -5.09 6.06
CA MSE B 328 -12.37 -5.93 6.03
C MSE B 328 -13.50 -5.36 6.85
O MSE B 328 -13.30 -4.52 7.73
CB MSE B 328 -12.03 -7.31 6.58
CG MSE B 328 -10.99 -8.06 5.77
SE MSE B 328 -11.01 -9.95 6.28
CE MSE B 328 -12.75 -10.48 5.55
H MSE B 328 -11.02 -4.74 6.83
HA MSE B 328 -12.65 -6.03 5.12
HB2 MSE B 328 -11.70 -7.23 7.48
HB3 MSE B 328 -12.84 -7.86 6.57
HG2 MSE B 328 -11.20 -7.99 4.82
HG3 MSE B 328 -10.12 -7.69 5.95
HE1 MSE B 328 -12.88 -11.42 5.74
HE2 MSE B 328 -13.44 -9.94 5.97
HE3 MSE B 328 -12.74 -10.32 4.59
N ASN B 329 -14.70 -5.85 6.55
CA ASN B 329 -15.82 -5.71 7.46
C ASN B 329 -16.67 -6.96 7.36
N GLU B 330 -17.35 -7.27 8.47
CA GLU B 330 -18.30 -8.38 8.48
C GLU B 330 -19.54 -7.94 9.25
N HIS B 331 -20.69 -8.05 8.60
CA HIS B 331 -22.00 -7.76 9.21
C HIS B 331 -22.22 -6.29 9.41
N LEU B 332 -22.82 -5.64 8.42
CA LEU B 332 -22.98 -4.20 8.40
C LEU B 332 -24.41 -3.87 8.05
N HIS B 333 -25.06 -3.12 8.93
CA HIS B 333 -26.36 -2.51 8.68
C HIS B 333 -26.11 -1.01 8.76
N ALA B 334 -26.03 -0.33 7.63
CA ALA B 334 -25.74 1.10 7.65
C ALA B 334 -26.30 1.76 6.41
N GLN B 335 -26.53 3.07 6.52
CA GLN B 335 -27.00 3.83 5.36
C GLN B 335 -25.90 4.00 4.31
N ASN B 336 -24.68 4.29 4.75
CA ASN B 336 -23.52 4.38 3.87
C ASN B 336 -22.45 3.41 4.34
N PHE B 337 -21.73 2.83 3.39
CA PHE B 337 -20.49 2.15 3.72
C PHE B 337 -19.40 3.20 4.01
N LEU B 338 -19.19 4.11 3.07
CA LEU B 338 -18.26 5.23 3.22
C LEU B 338 -18.99 6.53 2.93
N TYR B 339 -18.96 7.45 3.88
CA TYR B 339 -19.29 8.84 3.66
C TYR B 339 -17.97 9.62 3.58
N ALA B 340 -17.68 10.23 2.43
CA ALA B 340 -16.44 10.96 2.19
C ALA B 340 -16.79 12.39 1.78
N GLU B 341 -16.32 13.38 2.56
CA GLU B 341 -16.57 14.79 2.30
C GLU B 341 -15.22 15.50 2.32
N GLY B 342 -14.84 16.10 1.20
CA GLY B 342 -13.51 16.74 1.10
C GLY B 342 -12.36 15.79 1.40
N SER B 343 -12.49 14.51 1.05
CA SER B 343 -11.54 13.51 1.48
C SER B 343 -11.03 12.68 0.31
N GLU B 344 -9.78 12.24 0.42
CA GLU B 344 -9.18 11.27 -0.49
C GLU B 344 -9.09 9.93 0.22
N VAL B 345 -9.75 8.92 -0.35
CA VAL B 345 -9.78 7.59 0.26
C VAL B 345 -9.45 6.57 -0.82
N ASN B 346 -8.37 5.83 -0.63
CA ASN B 346 -7.97 4.73 -1.51
C ASN B 346 -8.24 3.45 -0.75
N ILE B 347 -9.13 2.64 -1.27
CA ILE B 347 -9.54 1.38 -0.66
C ILE B 347 -9.01 0.28 -1.55
N SER B 348 -7.94 -0.40 -1.12
CA SER B 348 -7.25 -1.38 -1.96
CA SER B 348 -7.24 -1.37 -1.95
CA SER B 348 -7.24 -1.38 -1.95
C SER B 348 -7.47 -2.77 -1.40
N ASN B 349 -8.02 -3.66 -2.24
CA ASN B 349 -8.18 -5.07 -1.90
C ASN B 349 -9.00 -5.25 -0.63
N PHE B 350 -10.09 -4.51 -0.52
CA PHE B 350 -11.02 -4.68 0.60
C PHE B 350 -11.69 -6.05 0.48
N ASN B 351 -12.21 -6.54 1.60
CA ASN B 351 -13.03 -7.74 1.60
C ASN B 351 -14.17 -7.47 2.57
N GLY B 352 -15.32 -7.07 2.03
CA GLY B 352 -16.48 -6.67 2.85
C GLY B 352 -17.58 -7.70 2.69
N GLN B 353 -18.11 -8.15 3.82
CA GLN B 353 -19.03 -9.27 3.85
C GLN B 353 -20.29 -8.91 4.60
N ALA B 354 -21.41 -9.44 4.10
CA ALA B 354 -22.70 -9.34 4.79
C ALA B 354 -23.07 -7.88 5.06
N ILE B 355 -23.13 -7.12 3.97
CA ILE B 355 -23.52 -5.72 3.99
C ILE B 355 -24.95 -5.63 3.49
N TYR B 356 -25.89 -5.28 4.36
CA TYR B 356 -27.31 -5.31 4.04
C TYR B 356 -27.72 -3.89 3.63
N ASN B 357 -27.60 -3.63 2.33
CA ASN B 357 -27.80 -2.28 1.79
C ASN B 357 -29.26 -2.04 1.45
N LYS B 358 -30.06 -1.94 2.51
CA LYS B 358 -31.51 -1.78 2.39
C LYS B 358 -32.05 -0.57 3.15
N TYR B 359 -31.19 0.38 3.52
CA TYR B 359 -31.60 1.48 4.38
C TYR B 359 -31.62 2.81 3.64
N LYS B 360 -32.58 3.65 4.01
CA LYS B 360 -32.82 4.93 3.36
C LYS B 360 -33.09 6.00 4.41
N PRO B 361 -32.62 7.22 4.20
CA PRO B 361 -33.03 8.32 5.08
C PRO B 361 -34.46 8.74 4.80
N ALA B 362 -35.06 9.39 5.80
CA ALA B 362 -36.43 9.85 5.63
C ALA B 362 -36.49 11.01 4.64
N THR B 363 -35.52 11.90 4.69
CA THR B 363 -35.38 12.96 3.70
CA THR B 363 -35.37 12.98 3.72
C THR B 363 -33.98 12.87 3.12
N SER B 364 -33.86 13.06 1.82
CA SER B 364 -32.55 12.92 1.22
C SER B 364 -32.01 14.27 0.76
N SER B 365 -30.71 14.32 0.59
CA SER B 365 -30.01 15.54 0.21
C SER B 365 -28.64 15.13 -0.31
N TRP B 366 -27.89 16.11 -0.81
CA TRP B 366 -26.56 15.86 -1.35
C TRP B 366 -25.69 15.08 -0.37
N ASN B 367 -25.84 15.29 0.93
CA ASN B 367 -24.96 14.63 1.89
C ASN B 367 -25.71 13.66 2.81
N ASN B 368 -26.88 13.20 2.39
CA ASN B 368 -27.67 12.25 3.19
C ASN B 368 -28.51 11.45 2.20
N ASN B 369 -27.96 10.32 1.75
CA ASN B 369 -28.64 9.58 0.69
C ASN B 369 -28.29 8.10 0.77
N ASN B 370 -29.07 7.28 0.06
CA ASN B 370 -28.96 5.83 0.15
C ASN B 370 -27.94 5.29 -0.87
N SER B 371 -26.68 5.56 -0.58
CA SER B 371 -25.58 5.08 -1.41
C SER B 371 -24.52 4.40 -0.54
N MSE B 372 -23.89 3.37 -1.08
CA MSE B 372 -22.79 2.74 -0.34
C MSE B 372 -21.60 3.68 -0.25
O MSE B 372 -21.00 3.81 0.82
CB MSE B 372 -22.38 1.42 -0.97
CG MSE B 372 -23.42 0.31 -0.77
SE MSE B 372 -23.67 -0.17 1.12
CE MSE B 372 -25.13 1.00 1.58
H MSE B 372 -24.06 3.02 -1.85
HA MSE B 372 -23.11 2.55 0.56
HB2 MSE B 372 -22.26 1.55 -1.92
HB3 MSE B 372 -21.55 1.13 -0.57
HG2 MSE B 372 -24.27 0.61 -1.12
HG3 MSE B 372 -23.13 -0.48 -1.25
HE1 MSE B 372 -25.36 0.87 2.50
HE2 MSE B 372 -24.85 1.92 1.44
HE3 MSE B 372 -25.89 0.79 1.01
N PHE B 373 -21.26 4.34 -1.36
CA PHE B 373 -20.19 5.33 -1.39
C PHE B 373 -20.82 6.69 -1.65
N CYS B 374 -20.88 7.53 -0.62
CA CYS B 374 -21.43 8.87 -0.71
C CYS B 374 -20.22 9.79 -0.80
N VAL B 375 -19.95 10.28 -2.00
CA VAL B 375 -18.65 10.87 -2.35
C VAL B 375 -18.90 12.33 -2.71
N VAL B 376 -18.65 13.25 -1.77
CA VAL B 376 -19.13 14.62 -1.90
C VAL B 376 -18.03 15.65 -1.61
N SER B 377 -18.27 16.86 -2.11
CA SER B 377 -17.46 18.05 -1.81
CA SER B 377 -17.47 18.04 -1.82
C SER B 377 -15.97 17.82 -2.06
N ASN B 378 -15.63 17.69 -3.34
CA ASN B 378 -14.24 17.57 -3.77
C ASN B 378 -13.52 16.38 -3.15
N SER B 379 -14.23 15.27 -2.99
CA SER B 379 -13.60 14.03 -2.54
C SER B 379 -13.04 13.26 -3.73
N LYS B 380 -12.17 12.30 -3.42
CA LYS B 380 -11.60 11.36 -4.38
C LYS B 380 -11.62 10.00 -3.73
N VAL B 381 -12.40 9.08 -4.30
CA VAL B 381 -12.52 7.74 -3.74
C VAL B 381 -12.22 6.76 -4.86
N LYS B 382 -11.30 5.83 -4.59
CA LYS B 382 -10.93 4.82 -5.56
C LYS B 382 -11.03 3.44 -4.94
N LEU B 383 -11.67 2.52 -5.65
CA LEU B 383 -11.72 1.12 -5.30
C LEU B 383 -10.71 0.40 -6.19
N THR B 384 -9.57 0.03 -5.61
CA THR B 384 -8.53 -0.71 -6.31
C THR B 384 -8.73 -2.18 -5.99
N GLY B 385 -9.34 -2.90 -6.92
CA GLY B 385 -9.75 -4.27 -6.65
C GLY B 385 -10.71 -4.31 -5.49
N GLY B 386 -10.63 -5.40 -4.73
CA GLY B 386 -11.51 -5.63 -3.61
C GLY B 386 -12.77 -6.38 -4.00
N SER B 387 -13.45 -6.86 -2.97
CA SER B 387 -14.70 -7.60 -3.06
C SER B 387 -15.66 -6.99 -2.05
N PHE B 388 -16.84 -6.58 -2.51
CA PHE B 388 -17.81 -5.88 -1.66
C PHE B 388 -19.13 -6.63 -1.64
N GLY B 389 -19.45 -7.19 -0.47
CA GLY B 389 -20.61 -8.02 -0.30
C GLY B 389 -21.90 -7.26 -0.06
N PHE B 390 -22.20 -6.31 -0.93
CA PHE B 390 -23.48 -5.61 -0.89
C PHE B 390 -24.57 -6.59 -1.29
N ALA B 391 -25.50 -6.86 -0.38
CA ALA B 391 -26.41 -7.98 -0.58
C ALA B 391 -27.43 -7.75 -1.70
N TYR B 392 -27.82 -6.50 -1.96
CA TYR B 392 -29.06 -6.24 -2.68
C TYR B 392 -28.87 -5.36 -3.92
N ASN B 393 -29.52 -5.76 -5.02
CA ASN B 393 -29.84 -4.85 -6.10
C ASN B 393 -31.35 -4.93 -6.34
N SER B 394 -31.85 -4.24 -7.36
CA SER B 394 -33.30 -4.09 -7.45
C SER B 394 -34.00 -5.38 -7.82
N SER B 395 -33.25 -6.41 -8.20
CA SER B 395 -33.81 -7.72 -8.51
C SER B 395 -34.02 -8.60 -7.30
N ASP B 396 -33.55 -8.21 -6.11
CA ASP B 396 -33.64 -9.09 -4.97
C ASP B 396 -35.12 -9.38 -4.64
N PRO B 397 -35.50 -10.64 -4.43
CA PRO B 397 -36.93 -10.93 -4.21
C PRO B 397 -37.50 -10.36 -2.92
N THR B 398 -36.69 -10.14 -1.89
CA THR B 398 -37.21 -9.70 -0.61
C THR B 398 -36.88 -8.26 -0.26
N GLN B 399 -35.76 -7.72 -0.77
CA GLN B 399 -35.37 -6.35 -0.47
C GLN B 399 -35.11 -5.52 -1.72
N GLY B 400 -35.50 -6.00 -2.90
CA GLY B 400 -35.15 -5.31 -4.13
C GLY B 400 -35.67 -3.88 -4.17
N ALA B 401 -36.87 -3.66 -3.62
CA ALA B 401 -37.47 -2.33 -3.57
C ALA B 401 -36.79 -1.41 -2.56
N ASN B 402 -35.87 -1.92 -1.76
CA ASN B 402 -35.20 -1.15 -0.73
C ASN B 402 -33.72 -0.97 -0.99
N CYS B 403 -33.19 -1.46 -2.11
CA CYS B 403 -31.74 -1.48 -2.29
C CYS B 403 -31.20 -0.07 -2.44
N SER B 404 -29.92 0.06 -2.13
CA SER B 404 -29.15 1.28 -2.25
C SER B 404 -28.53 1.41 -3.63
N ALA B 405 -28.07 2.62 -3.93
CA ALA B 405 -27.09 2.86 -4.98
C ALA B 405 -25.72 2.34 -4.56
N LEU B 406 -24.88 2.07 -5.56
CA LEU B 406 -23.47 1.86 -5.26
C LEU B 406 -22.83 3.17 -4.82
N ALA B 407 -23.10 4.25 -5.56
CA ALA B 407 -22.37 5.47 -5.30
C ALA B 407 -23.17 6.67 -5.75
N TYR B 408 -23.00 7.76 -5.01
CA TYR B 408 -23.45 9.09 -5.37
C TYR B 408 -22.22 9.98 -5.35
N VAL B 409 -22.01 10.72 -6.43
CA VAL B 409 -20.79 11.49 -6.62
C VAL B 409 -21.18 12.91 -7.01
N GLU B 410 -20.72 13.90 -6.23
CA GLU B 410 -21.15 15.28 -6.46
C GLU B 410 -20.09 16.28 -6.03
N GLY B 411 -20.34 17.53 -6.39
CA GLY B 411 -19.56 18.65 -5.85
C GLY B 411 -18.07 18.63 -6.18
N GLY B 412 -17.74 18.32 -7.42
CA GLY B 412 -16.35 18.27 -7.84
C GLY B 412 -15.62 16.99 -7.49
N SER B 413 -16.32 16.00 -6.93
CA SER B 413 -15.71 14.76 -6.49
C SER B 413 -15.39 13.86 -7.68
N VAL B 414 -14.56 12.87 -7.41
CA VAL B 414 -14.24 11.84 -8.39
C VAL B 414 -14.34 10.48 -7.70
N PHE B 415 -14.90 9.50 -8.43
CA PHE B 415 -15.10 8.14 -7.95
C PHE B 415 -14.59 7.19 -9.03
N GLU B 416 -13.73 6.26 -8.63
CA GLU B 416 -13.07 5.35 -9.55
C GLU B 416 -13.29 3.92 -9.06
N VAL B 417 -13.69 3.03 -9.98
CA VAL B 417 -13.90 1.61 -9.69
C VAL B 417 -13.09 0.81 -10.70
N SER B 418 -12.10 0.06 -10.21
CA SER B 418 -11.26 -0.75 -11.05
C SER B 418 -12.06 -1.90 -11.69
N PRO B 419 -11.57 -2.44 -12.81
CA PRO B 419 -12.29 -3.54 -13.47
C PRO B 419 -12.27 -4.83 -12.70
N GLU B 420 -11.35 -5.00 -11.77
CA GLU B 420 -11.26 -6.23 -11.00
C GLU B 420 -11.95 -6.12 -9.63
N THR B 421 -12.52 -4.96 -9.31
CA THR B 421 -13.40 -4.89 -8.13
C THR B 421 -14.62 -5.76 -8.36
N THR B 422 -14.99 -6.57 -7.37
CA THR B 422 -16.15 -7.45 -7.52
C THR B 422 -17.18 -7.14 -6.45
N PHE B 423 -18.41 -7.55 -6.76
CA PHE B 423 -19.58 -7.29 -5.93
C PHE B 423 -20.40 -8.57 -5.81
N ALA B 424 -21.07 -8.73 -4.67
CA ALA B 424 -21.85 -9.95 -4.45
C ALA B 424 -22.97 -10.09 -5.48
N VAL B 425 -23.62 -8.99 -5.85
CA VAL B 425 -24.62 -9.01 -6.90
C VAL B 425 -24.29 -7.90 -7.89
N PRO B 426 -24.74 -8.01 -9.13
CA PRO B 426 -24.27 -7.11 -10.19
C PRO B 426 -24.75 -5.68 -10.04
N LEU B 427 -23.87 -4.75 -10.43
CA LEU B 427 -24.24 -3.36 -10.59
C LEU B 427 -25.24 -3.24 -11.73
N GLU B 428 -26.06 -2.20 -11.68
CA GLU B 428 -27.21 -2.11 -12.58
C GLU B 428 -27.10 -1.02 -13.64
N GLU B 429 -26.51 0.13 -13.33
CA GLU B 429 -26.42 1.22 -14.30
C GLU B 429 -25.50 2.30 -13.77
N ILE B 430 -25.21 3.26 -14.64
CA ILE B 430 -24.37 4.42 -14.29
C ILE B 430 -24.85 5.60 -15.12
N GLY B 431 -24.96 6.77 -14.50
CA GLY B 431 -25.42 7.92 -15.26
C GLY B 431 -25.49 9.18 -14.44
N ILE B 432 -25.65 10.29 -15.16
CA ILE B 432 -25.86 11.59 -14.55
C ILE B 432 -27.23 11.61 -13.90
N SER B 433 -27.30 12.18 -12.70
CA SER B 433 -28.56 12.24 -11.98
C SER B 433 -28.68 13.56 -11.22
N SER B 434 -29.88 14.10 -11.20
CA SER B 434 -30.23 15.21 -10.34
C SER B 434 -30.96 14.77 -9.07
N LEU B 435 -31.07 13.47 -8.85
CA LEU B 435 -31.78 12.93 -7.70
C LEU B 435 -30.80 12.71 -6.55
N THR B 436 -31.35 12.56 -5.34
CA THR B 436 -30.57 12.16 -4.18
C THR B 436 -31.20 10.95 -3.50
N ALA B 437 -32.07 10.23 -4.22
CA ALA B 437 -32.67 9.01 -3.70
C ALA B 437 -32.72 8.02 -4.86
N PHE B 438 -32.22 6.80 -4.62
CA PHE B 438 -31.95 5.86 -5.70
C PHE B 438 -32.66 4.53 -5.45
N THR B 439 -32.90 3.81 -6.56
CA THR B 439 -33.66 2.56 -6.52
C THR B 439 -32.96 1.42 -7.24
N LYS B 440 -31.74 1.62 -7.68
CA LYS B 440 -30.95 0.59 -8.31
C LYS B 440 -29.52 0.69 -7.79
N LEU B 441 -28.82 -0.44 -7.82
CA LEU B 441 -27.42 -0.50 -7.40
C LEU B 441 -26.57 0.07 -8.52
N GLY B 442 -26.57 1.40 -8.61
CA GLY B 442 -25.92 2.11 -9.70
C GLY B 442 -24.96 3.16 -9.20
N VAL B 443 -24.27 3.78 -10.16
CA VAL B 443 -23.35 4.88 -9.93
C VAL B 443 -23.99 6.14 -10.49
N TYR B 444 -24.29 7.10 -9.61
CA TYR B 444 -25.01 8.30 -9.96
C TYR B 444 -24.14 9.50 -9.65
N TYR B 445 -24.02 10.41 -10.61
CA TYR B 445 -23.13 11.53 -10.46
C TYR B 445 -23.74 12.78 -11.09
N THR B 446 -23.30 13.93 -10.60
CA THR B 446 -23.81 15.20 -11.09
C THR B 446 -22.93 15.72 -12.23
N THR B 447 -23.39 16.81 -12.85
CA THR B 447 -22.67 17.44 -13.94
C THR B 447 -21.39 18.11 -13.45
N ASN B 448 -21.22 18.25 -12.14
CA ASN B 448 -19.99 18.76 -11.57
C ASN B 448 -19.33 17.64 -10.77
N ALA B 449 -19.13 16.49 -11.41
CA ALA B 449 -18.44 15.37 -10.79
C ALA B 449 -17.75 14.59 -11.88
N SER B 450 -16.86 13.68 -11.46
CA SER B 450 -16.13 12.83 -12.40
C SER B 450 -16.23 11.38 -11.97
N VAL B 451 -16.28 10.48 -12.94
CA VAL B 451 -16.31 9.05 -12.67
C VAL B 451 -15.42 8.32 -13.66
N ASP B 452 -14.84 7.23 -13.19
CA ASP B 452 -14.08 6.30 -14.03
C ASP B 452 -14.38 4.94 -13.43
N ALA B 453 -15.42 4.28 -13.95
CA ALA B 453 -15.98 3.13 -13.29
C ALA B 453 -16.39 2.08 -14.30
N TYR B 454 -15.99 0.86 -14.00
CA TYR B 454 -16.45 -0.28 -14.75
C TYR B 454 -17.82 -0.70 -14.27
N VAL B 455 -18.75 -0.84 -15.20
CA VAL B 455 -20.08 -1.34 -14.94
C VAL B 455 -20.42 -2.36 -16.01
N LYS B 456 -20.67 -3.61 -15.59
CA LYS B 456 -20.97 -4.72 -16.50
C LYS B 456 -19.91 -4.86 -17.60
N GLY B 457 -18.65 -4.72 -17.22
CA GLY B 457 -17.57 -4.92 -18.17
C GLY B 457 -17.28 -3.75 -19.08
N VAL B 458 -17.98 -2.63 -18.90
CA VAL B 458 -17.79 -1.44 -19.71
C VAL B 458 -17.24 -0.33 -18.82
N ARG B 459 -16.15 0.27 -19.25
CA ARG B 459 -15.52 1.36 -18.51
C ARG B 459 -16.19 2.66 -18.94
N TYR B 460 -16.68 3.43 -17.97
CA TYR B 460 -17.35 4.70 -18.23
C TYR B 460 -16.49 5.79 -17.61
N GLN B 461 -16.09 6.76 -18.44
CA GLN B 461 -15.33 7.92 -17.98
C GLN B 461 -16.07 9.19 -18.34
N ASP B 462 -16.25 10.08 -17.36
CA ASP B 462 -16.97 11.31 -17.58
C ASP B 462 -16.53 12.34 -16.55
N GLY B 463 -16.68 13.61 -16.90
CA GLY B 463 -16.43 14.72 -16.02
C GLY B 463 -15.12 15.44 -16.34
N ALA B 464 -14.90 16.55 -15.62
CA ALA B 464 -13.77 17.42 -15.96
C ALA B 464 -12.43 16.76 -15.74
N LYS B 465 -12.34 15.77 -14.85
CA LYS B 465 -11.05 15.09 -14.68
C LYS B 465 -10.73 14.14 -15.83
N PHE B 466 -11.70 13.87 -16.70
CA PHE B 466 -11.55 12.94 -17.82
C PHE B 466 -12.01 13.63 -19.10
N SER B 467 -11.28 14.67 -19.48
CA SER B 467 -11.70 15.47 -20.63
CA SER B 467 -11.66 15.49 -20.62
C SER B 467 -11.14 14.93 -21.95
N GLY B 468 -10.01 14.24 -21.91
CA GLY B 468 -9.40 13.79 -23.14
C GLY B 468 -8.34 12.75 -22.91
N LEU B 469 -7.95 12.11 -24.01
CA LEU B 469 -6.91 11.09 -24.02
C LEU B 469 -6.09 11.34 -25.27
N VAL B 470 -4.80 11.62 -25.07
CA VAL B 470 -3.89 11.98 -26.15
C VAL B 470 -2.72 11.02 -26.07
N MSE B 471 -2.67 10.06 -26.99
CA MSE B 471 -1.66 9.03 -26.92
C MSE B 471 -0.89 8.97 -28.23
O MSE B 471 -1.48 8.97 -29.30
CB MSE B 471 -2.29 7.66 -26.63
CG MSE B 471 -3.36 7.25 -27.61
SE MSE B 471 -4.07 5.49 -27.00
CE MSE B 471 -5.96 5.82 -26.92
H MSE B 471 -3.20 10.00 -27.66
HA MSE B 471 -1.04 9.23 -26.20
HB2 MSE B 471 -1.59 6.99 -26.65
HB3 MSE B 471 -2.69 7.70 -25.75
HG2 MSE B 471 -4.09 7.89 -27.61
HG3 MSE B 471 -2.98 7.14 -28.49
HE1 MSE B 471 -6.41 5.00 -26.62
HE2 MSE B 471 -6.13 6.53 -26.29
HE3 MSE B 471 -6.27 6.07 -27.80
N ASP B 472 0.44 9.00 -28.11
CA ASP B 472 1.30 8.76 -29.27
C ASP B 472 1.47 7.25 -29.41
N SER B 473 0.37 6.61 -29.75
CA SER B 473 0.21 5.15 -29.64
C SER B 473 -0.83 4.72 -30.66
N TYR B 474 -0.65 3.53 -31.25
CA TYR B 474 -1.69 3.06 -32.15
C TYR B 474 -2.81 2.40 -31.34
N LEU B 475 -3.96 2.25 -31.98
CA LEU B 475 -5.17 1.80 -31.30
C LEU B 475 -5.87 0.79 -32.20
N SER B 476 -6.22 -0.36 -31.63
CA SER B 476 -6.99 -1.39 -32.33
C SER B 476 -8.17 -1.77 -31.45
N THR B 477 -9.39 -1.59 -31.96
CA THR B 477 -10.61 -1.85 -31.18
C THR B 477 -11.56 -2.73 -31.98
N SER B 478 -12.61 -3.20 -31.31
CA SER B 478 -13.65 -3.98 -31.98
C SER B 478 -14.89 -3.12 -32.21
N ALA B 479 -15.73 -3.56 -33.13
CA ALA B 479 -17.02 -2.89 -33.31
C ALA B 479 -17.98 -3.28 -32.18
N LYS B 480 -18.96 -2.41 -31.96
CA LYS B 480 -20.10 -2.78 -31.11
C LYS B 480 -21.12 -3.53 -31.95
N SER B 481 -21.43 -4.76 -31.54
CA SER B 481 -22.33 -5.59 -32.31
C SER B 481 -23.76 -5.24 -31.95
N LEU B 482 -24.53 -4.85 -32.96
CA LEU B 482 -25.91 -4.43 -32.76
C LEU B 482 -26.88 -5.60 -32.72
N GLY B 483 -27.91 -5.48 -31.89
CA GLY B 483 -29.04 -6.36 -31.93
C GLY B 483 -30.06 -5.85 -32.93
N ASN B 484 -31.34 -6.07 -32.61
CA ASN B 484 -32.42 -5.53 -33.43
C ASN B 484 -32.66 -4.09 -33.00
N GLU B 485 -31.78 -3.21 -33.48
CA GLU B 485 -31.67 -1.82 -33.01
C GLU B 485 -31.62 -0.89 -34.20
N SER B 486 -32.14 0.33 -34.02
CA SER B 486 -32.07 1.35 -35.07
C SER B 486 -30.78 2.16 -34.96
N ILE B 487 -30.03 2.27 -36.05
CA ILE B 487 -28.85 3.11 -36.07
C ILE B 487 -29.19 4.58 -36.20
N THR B 488 -30.45 4.90 -36.42
CA THR B 488 -30.90 6.28 -36.37
C THR B 488 -31.05 6.79 -34.95
N ASN B 489 -31.19 5.88 -33.98
CA ASN B 489 -31.53 6.24 -32.61
C ASN B 489 -30.39 5.92 -31.64
N LEU B 490 -29.14 6.13 -32.11
CA LEU B 490 -27.96 5.97 -31.28
C LEU B 490 -27.28 7.29 -30.96
N ARG B 491 -28.00 8.40 -31.09
CA ARG B 491 -27.39 9.70 -30.88
C ARG B 491 -27.29 10.04 -29.40
N GLY B 492 -28.13 9.43 -28.56
CA GLY B 492 -28.06 9.64 -27.12
C GLY B 492 -27.17 8.65 -26.42
N SER B 493 -27.04 7.42 -26.96
CA SER B 493 -26.34 6.36 -26.26
C SER B 493 -24.89 6.18 -26.69
N LEU B 494 -24.51 6.63 -27.89
CA LEU B 494 -23.15 6.46 -28.40
C LEU B 494 -22.67 7.76 -29.01
N GLY B 495 -21.36 8.01 -28.91
CA GLY B 495 -20.75 9.17 -29.54
C GLY B 495 -20.13 8.76 -30.86
N ASN B 496 -18.82 8.96 -30.98
CA ASN B 496 -18.06 8.39 -32.08
C ASN B 496 -17.85 6.91 -31.77
N ALA B 497 -18.32 6.03 -32.66
CA ALA B 497 -18.32 4.59 -32.39
C ALA B 497 -18.45 3.82 -33.69
N VAL B 498 -17.74 2.68 -33.76
CA VAL B 498 -17.90 1.73 -34.84
C VAL B 498 -18.91 0.66 -34.45
N LEU B 499 -19.85 0.40 -35.35
CA LEU B 499 -20.95 -0.52 -35.18
C LEU B 499 -20.85 -1.63 -36.22
N VAL B 500 -21.26 -2.85 -35.84
CA VAL B 500 -21.44 -3.92 -36.82
C VAL B 500 -22.84 -4.47 -36.67
N GLN B 501 -23.49 -4.70 -37.81
CA GLN B 501 -24.74 -5.43 -37.87
C GLN B 501 -24.48 -6.68 -38.71
N SER B 502 -24.31 -7.82 -38.05
CA SER B 502 -24.00 -9.06 -38.76
C SER B 502 -25.24 -9.87 -39.13
N SER B 503 -26.43 -9.43 -38.72
CA SER B 503 -27.68 -10.13 -39.06
CA SER B 503 -27.68 -10.11 -39.04
C SER B 503 -28.41 -9.37 -40.17
N THR B 504 -28.55 -10.02 -41.32
CA THR B 504 -29.23 -9.37 -42.43
C THR B 504 -30.69 -9.07 -42.10
N ALA B 505 -31.33 -9.91 -41.27
CA ALA B 505 -32.73 -9.69 -40.92
C ALA B 505 -32.93 -8.38 -40.16
N ASN B 506 -31.90 -7.90 -39.45
CA ASN B 506 -32.00 -6.68 -38.66
C ASN B 506 -31.48 -5.44 -39.39
N ALA B 507 -30.86 -5.62 -40.56
CA ALA B 507 -30.33 -4.52 -41.35
C ALA B 507 -31.46 -4.05 -42.26
N THR B 508 -32.36 -3.26 -41.68
CA THR B 508 -33.59 -2.83 -42.35
C THR B 508 -33.64 -1.32 -42.49
N VAL B 509 -34.48 -0.86 -43.42
CA VAL B 509 -34.77 0.56 -43.53
C VAL B 509 -35.41 1.06 -42.24
N ALA B 510 -36.29 0.26 -41.64
CA ALA B 510 -36.90 0.66 -40.38
C ALA B 510 -35.87 0.85 -39.28
N ASN B 511 -34.76 0.12 -39.34
CA ASN B 511 -33.68 0.30 -38.39
C ASN B 511 -32.65 1.31 -38.85
N GLY B 512 -32.94 2.07 -39.91
CA GLY B 512 -32.09 3.19 -40.30
C GLY B 512 -31.04 2.88 -41.34
N PHE B 513 -31.02 1.67 -41.91
CA PHE B 513 -29.99 1.35 -42.89
C PHE B 513 -30.44 1.76 -44.28
N PRO B 514 -29.49 2.13 -45.15
CA PRO B 514 -29.87 2.66 -46.46
C PRO B 514 -30.29 1.58 -47.43
N SER B 515 -29.80 0.36 -47.22
CA SER B 515 -29.95 -0.73 -48.18
C SER B 515 -30.18 -2.01 -47.38
N SER B 516 -31.37 -2.57 -47.44
CA SER B 516 -31.74 -3.63 -46.51
C SER B 516 -31.13 -4.98 -46.90
N GLY B 517 -30.92 -5.82 -45.89
CA GLY B 517 -30.70 -7.23 -46.10
C GLY B 517 -29.27 -7.64 -46.39
N VAL B 518 -28.29 -6.79 -46.08
CA VAL B 518 -26.88 -7.14 -46.12
C VAL B 518 -26.26 -6.72 -44.79
N PRO B 519 -25.16 -7.35 -44.39
CA PRO B 519 -24.47 -6.94 -43.18
C PRO B 519 -23.77 -5.61 -43.39
N TYR B 520 -23.50 -4.92 -42.27
CA TYR B 520 -22.93 -3.59 -42.27
C TYR B 520 -21.79 -3.44 -41.28
N LEU B 521 -20.85 -2.59 -41.67
CA LEU B 521 -20.04 -1.83 -40.73
C LEU B 521 -20.45 -0.37 -40.87
N VAL B 522 -20.60 0.29 -39.73
CA VAL B 522 -20.98 1.69 -39.69
C VAL B 522 -20.02 2.42 -38.77
N GLN B 523 -19.44 3.51 -39.28
CA GLN B 523 -18.79 4.50 -38.42
C GLN B 523 -19.78 5.60 -38.09
N GLN B 524 -20.05 5.79 -36.80
CA GLN B 524 -20.82 6.93 -36.33
C GLN B 524 -19.86 7.96 -35.79
N TRP B 525 -20.07 9.21 -36.19
CA TRP B 525 -19.40 10.36 -35.58
C TRP B 525 -20.41 11.17 -34.81
N SER B 526 -19.92 11.88 -33.79
CA SER B 526 -20.78 12.67 -32.91
C SER B 526 -20.00 13.80 -32.28
N SER B 527 -20.70 14.89 -31.98
CA SER B 527 -20.15 15.89 -31.07
C SER B 527 -19.93 15.29 -29.69
N ALA B 528 -20.91 14.52 -29.21
CA ALA B 528 -20.88 13.80 -27.94
C ALA B 528 -22.24 13.16 -27.77
N ALA B 529 -22.28 11.94 -27.25
CA ALA B 529 -23.56 11.35 -26.90
C ALA B 529 -24.27 12.27 -25.92
N GLY B 530 -25.55 12.49 -26.16
CA GLY B 530 -26.34 13.36 -25.30
C GLY B 530 -27.75 13.52 -25.81
N ASN B 531 -28.52 14.35 -25.10
CA ASN B 531 -29.91 14.60 -25.50
C ASN B 531 -29.97 15.21 -26.89
N ASN B 532 -28.97 16.00 -27.26
CA ASN B 532 -28.86 16.59 -28.59
C ASN B 532 -27.40 16.50 -29.02
N SER B 533 -27.19 16.34 -30.32
CA SER B 533 -25.84 16.15 -30.81
C SER B 533 -25.79 16.40 -32.32
N TYR B 534 -24.60 16.82 -32.79
CA TYR B 534 -24.26 16.69 -34.19
C TYR B 534 -23.83 15.26 -34.47
N ASN B 535 -24.21 14.75 -35.65
CA ASN B 535 -23.85 13.37 -36.00
C ASN B 535 -23.56 13.25 -37.48
N ALA B 536 -22.79 12.22 -37.80
CA ALA B 536 -22.55 11.78 -39.16
C ALA B 536 -22.38 10.26 -39.12
N GLN B 537 -22.68 9.61 -40.23
CA GLN B 537 -22.47 8.18 -40.32
C GLN B 537 -21.94 7.82 -41.69
N LEU B 538 -21.00 6.88 -41.71
CA LEU B 538 -20.52 6.23 -42.93
C LEU B 538 -20.89 4.76 -42.81
N ALA B 539 -21.67 4.27 -43.77
CA ALA B 539 -22.19 2.92 -43.76
C ALA B 539 -21.62 2.14 -44.94
N PHE B 540 -21.07 0.97 -44.63
CA PHE B 540 -20.60 0.01 -45.61
C PHE B 540 -21.63 -1.11 -45.68
N ALA B 541 -22.36 -1.17 -46.80
CA ALA B 541 -23.33 -2.24 -47.03
C ALA B 541 -22.62 -3.37 -47.76
N ILE B 542 -22.27 -4.42 -47.04
CA ILE B 542 -21.22 -5.35 -47.47
C ILE B 542 -21.84 -6.58 -48.11
N SER B 543 -21.56 -6.81 -49.39
CA SER B 543 -21.91 -8.07 -50.02
C SER B 543 -20.65 -8.91 -50.23
N SER B 544 -20.81 -10.04 -50.92
CA SER B 544 -19.76 -11.04 -50.91
C SER B 544 -18.52 -10.58 -51.68
N ALA B 545 -18.73 -9.80 -52.75
CA ALA B 545 -17.61 -9.32 -53.56
C ALA B 545 -17.79 -7.86 -53.97
N SER B 546 -18.56 -7.09 -53.22
CA SER B 546 -18.84 -5.69 -53.54
C SER B 546 -19.56 -5.07 -52.36
N ALA B 547 -19.70 -3.75 -52.41
CA ALA B 547 -20.42 -3.02 -51.38
C ALA B 547 -21.00 -1.75 -52.00
N THR B 548 -21.92 -1.13 -51.27
CA THR B 548 -22.31 0.25 -51.51
C THR B 548 -21.90 1.07 -50.29
N PHE B 549 -21.58 2.33 -50.54
CA PHE B 549 -20.97 3.23 -49.57
C PHE B 549 -21.87 4.44 -49.36
N TRP B 550 -22.18 4.75 -48.12
CA TRP B 550 -23.20 5.74 -47.81
C TRP B 550 -22.76 6.71 -46.73
N LEU B 551 -23.17 7.97 -46.90
CA LEU B 551 -22.95 9.02 -45.89
C LEU B 551 -24.26 9.70 -45.54
N ARG B 552 -24.41 10.07 -44.27
CA ARG B 552 -25.47 10.99 -43.88
C ARG B 552 -25.05 11.80 -42.66
N THR B 553 -25.75 12.90 -42.44
CA THR B 553 -25.47 13.81 -41.34
C THR B 553 -26.75 14.12 -40.59
N GLY B 554 -26.59 14.45 -39.30
CA GLY B 554 -27.68 14.94 -38.49
C GLY B 554 -27.28 16.21 -37.77
N ASP B 555 -27.98 17.29 -38.07
CA ASP B 555 -27.71 18.57 -37.44
C ASP B 555 -28.18 18.53 -35.98
N TYR B 556 -27.55 19.34 -35.14
CA TYR B 556 -27.95 19.46 -33.75
C TYR B 556 -29.41 19.85 -33.65
N GLY B 557 -30.19 19.04 -32.96
CA GLY B 557 -31.61 19.32 -32.81
C GLY B 557 -32.46 19.02 -34.02
N GLN B 558 -31.95 18.28 -35.00
CA GLN B 558 -32.69 17.94 -36.21
C GLN B 558 -32.58 16.44 -36.47
N ALA B 559 -33.57 15.91 -37.18
CA ALA B 559 -33.49 14.53 -37.65
C ALA B 559 -32.36 14.37 -38.66
N TYR B 560 -31.86 13.14 -38.78
CA TYR B 560 -30.87 12.82 -39.80
C TYR B 560 -31.39 13.24 -41.18
N ALA B 561 -30.49 13.78 -41.97
CA ALA B 561 -30.76 14.01 -43.38
C ALA B 561 -30.71 12.68 -44.15
N SER B 562 -31.13 12.72 -45.42
CA SER B 562 -31.20 11.51 -46.23
C SER B 562 -29.81 10.90 -46.47
N TRP B 563 -29.79 9.57 -46.56
CA TRP B 563 -28.56 8.86 -46.91
C TRP B 563 -28.11 9.19 -48.34
N CYS B 564 -26.78 9.26 -48.53
CA CYS B 564 -26.16 9.63 -49.80
C CYS B 564 -25.22 8.51 -50.23
N ARG B 565 -25.52 7.87 -51.36
CA ARG B 565 -24.66 6.82 -51.92
C ARG B 565 -23.53 7.44 -52.72
N LEU B 566 -22.29 7.11 -52.38
CA LEU B 566 -21.14 7.68 -53.07
C LEU B 566 -20.97 7.11 -54.47
N TYR B 567 -20.54 7.97 -55.38
CA TYR B 567 -20.16 7.59 -56.73
C TYR B 567 -18.67 7.25 -56.78
N HIS B 568 -18.33 6.18 -57.48
CA HIS B 568 -16.95 5.71 -57.56
C HIS B 568 -16.75 4.98 -58.88
N TYR B 569 -15.49 4.70 -59.20
CA TYR B 569 -15.19 4.34 -60.58
C TYR B 569 -15.54 2.91 -60.93
N ARG B 570 -16.01 2.10 -59.97
CA ARG B 570 -16.48 0.75 -60.23
C ARG B 570 -17.99 0.64 -60.20
N ASP B 571 -18.70 1.73 -60.46
CA ASP B 571 -20.14 1.71 -60.46
C ASP B 571 -20.65 2.70 -61.50
N SER B 572 -21.82 2.40 -62.05
CA SER B 572 -22.57 3.40 -62.77
C SER B 572 -22.93 4.55 -61.82
N LEU B 573 -23.35 5.67 -62.39
CA LEU B 573 -23.79 6.81 -61.60
C LEU B 573 -25.29 6.92 -61.80
N ILE B 574 -26.05 6.33 -60.87
CA ILE B 574 -27.51 6.30 -60.97
C ILE B 574 -28.06 7.27 -59.93
N PRO B 575 -28.66 8.38 -60.34
CA PRO B 575 -29.13 9.37 -59.36
C PRO B 575 -30.28 8.87 -58.50
N ALA B 576 -30.41 9.50 -57.33
CA ALA B 576 -31.41 9.11 -56.35
C ALA B 576 -32.83 9.34 -56.85
N ALA B 577 -33.02 10.28 -57.78
CA ALA B 577 -34.30 10.57 -58.39
C ALA B 577 -34.06 10.99 -59.83
N THR B 578 -35.03 10.66 -60.70
CA THR B 578 -34.86 10.93 -62.12
C THR B 578 -35.09 12.41 -62.40
N ASN B 579 -34.48 12.89 -63.48
CA ASN B 579 -34.77 14.23 -64.00
C ASN B 579 -34.66 15.30 -62.92
N THR B 580 -33.62 15.18 -62.09
CA THR B 580 -33.43 16.09 -60.95
C THR B 580 -32.03 16.69 -60.87
N TYR B 581 -31.00 15.89 -61.09
CA TYR B 581 -29.62 16.30 -60.90
C TYR B 581 -28.93 16.44 -62.25
N ASP B 582 -27.93 17.32 -62.30
CA ASP B 582 -27.25 17.66 -63.54
C ASP B 582 -25.82 17.16 -63.52
N LEU B 583 -25.29 16.95 -64.71
CA LEU B 583 -23.84 16.83 -64.93
C LEU B 583 -23.33 18.21 -65.34
N GLY B 584 -22.64 18.87 -64.43
CA GLY B 584 -22.14 20.20 -64.68
C GLY B 584 -23.19 21.28 -64.50
N SER B 585 -22.76 22.52 -64.78
CA SER B 585 -23.64 23.69 -64.83
C SER B 585 -23.16 24.61 -65.94
N SER B 586 -24.00 25.57 -66.31
CA SER B 586 -23.63 26.49 -67.39
C SER B 586 -22.31 27.19 -67.08
N GLY B 587 -22.08 27.53 -65.82
CA GLY B 587 -20.85 28.17 -65.39
C GLY B 587 -19.73 27.25 -64.99
N SER B 588 -19.99 25.96 -64.84
CA SER B 588 -18.95 25.00 -64.50
C SER B 588 -19.19 23.72 -65.31
N THR B 589 -18.62 23.71 -66.51
CA THR B 589 -18.82 22.63 -67.47
C THR B 589 -17.83 21.51 -67.22
N PHE B 590 -18.19 20.32 -67.69
CA PHE B 590 -17.18 19.31 -67.97
C PHE B 590 -16.59 19.58 -69.34
N ARG B 591 -15.28 19.36 -69.46
CA ARG B 591 -14.56 19.73 -70.67
C ARG B 591 -14.97 18.86 -71.85
N ASN B 592 -14.80 17.54 -71.72
CA ASN B 592 -15.16 16.57 -72.73
C ASN B 592 -15.90 15.42 -72.07
N ALA B 593 -16.65 14.66 -72.88
CA ALA B 593 -17.28 13.44 -72.40
C ALA B 593 -17.04 12.35 -73.43
N TYR B 594 -16.56 11.20 -72.97
CA TYR B 594 -16.21 10.08 -73.85
C TYR B 594 -17.18 8.94 -73.58
N LEU B 595 -18.10 8.71 -74.52
CA LEU B 595 -19.08 7.65 -74.44
C LEU B 595 -18.87 6.66 -75.56
N GLN B 596 -19.15 5.39 -75.27
CA GLN B 596 -19.09 4.38 -76.32
C GLN B 596 -20.20 4.59 -77.32
N ASN B 597 -21.37 5.03 -76.85
CA ASN B 597 -22.56 5.21 -77.66
C ASN B 597 -23.07 6.64 -77.52
N ALA B 598 -23.84 7.07 -78.52
CA ALA B 598 -24.47 8.39 -78.47
C ALA B 598 -25.36 8.48 -77.25
N VAL B 599 -25.53 9.71 -76.76
CA VAL B 599 -26.37 9.93 -75.59
C VAL B 599 -27.77 9.42 -75.89
N THR B 600 -28.39 8.80 -74.88
CA THR B 600 -29.79 8.41 -74.95
C THR B 600 -30.62 9.52 -74.32
N VAL B 601 -31.38 10.25 -75.14
CA VAL B 601 -32.22 11.33 -74.64
C VAL B 601 -33.61 10.76 -74.37
N VAL B 602 -33.98 10.69 -73.09
CA VAL B 602 -35.21 10.02 -72.68
C VAL B 602 -36.44 10.92 -72.85
N VAL C 16 13.12 -9.46 63.29
CA VAL C 16 13.41 -10.68 62.55
C VAL C 16 13.98 -10.34 61.18
N ASP C 17 14.95 -11.13 60.73
CA ASP C 17 15.76 -10.78 59.58
C ASP C 17 15.62 -11.81 58.47
N VAL C 18 16.03 -11.41 57.27
CA VAL C 18 15.95 -12.28 56.11
C VAL C 18 17.05 -13.32 56.18
N LYS C 19 16.67 -14.58 56.05
CA LYS C 19 17.56 -15.73 56.18
C LYS C 19 18.04 -16.18 54.80
N ILE C 20 19.31 -16.52 54.71
CA ILE C 20 19.89 -16.96 53.44
C ILE C 20 19.70 -18.46 53.31
N VAL C 21 19.34 -18.89 52.10
CA VAL C 21 19.23 -20.29 51.73
C VAL C 21 19.99 -20.49 50.44
N ASN C 22 20.79 -21.56 50.35
CA ASN C 22 21.64 -21.72 49.17
C ASN C 22 20.83 -22.08 47.92
N THR C 23 19.96 -23.08 48.02
CA THR C 23 19.21 -23.61 46.88
C THR C 23 17.79 -23.91 47.32
N VAL C 24 16.88 -24.07 46.35
CA VAL C 24 15.52 -24.40 46.72
C VAL C 24 15.45 -25.79 47.37
N ALA C 25 16.38 -26.69 47.01
CA ALA C 25 16.41 -28.01 47.64
C ALA C 25 16.62 -27.92 49.14
N ASP C 26 17.27 -26.85 49.61
CA ASP C 26 17.53 -26.66 51.02
C ASP C 26 16.31 -26.16 51.79
N LEU C 27 15.23 -25.80 51.09
CA LEU C 27 14.05 -25.29 51.79
C LEU C 27 13.33 -26.40 52.54
N GLU C 28 13.32 -27.61 51.99
CA GLU C 28 12.62 -28.73 52.63
C GLU C 28 13.04 -28.90 54.09
N SER C 29 14.36 -29.05 54.32
CA SER C 29 14.83 -29.34 55.66
C SER C 29 14.73 -28.15 56.60
N LEU C 30 14.47 -26.94 56.11
CA LEU C 30 14.61 -25.78 56.97
C LEU C 30 13.50 -25.72 58.02
N THR C 31 13.87 -25.24 59.20
CA THR C 31 12.94 -25.02 60.31
C THR C 31 12.44 -23.58 60.26
N ALA C 32 11.13 -23.40 60.13
CA ALA C 32 10.59 -22.07 59.89
C ALA C 32 9.25 -21.87 60.58
N ASN C 33 9.04 -20.65 61.04
CA ASN C 33 7.74 -20.17 61.51
C ASN C 33 6.95 -19.55 60.36
N ASP C 34 5.63 -19.54 60.52
CA ASP C 34 4.74 -18.93 59.55
C ASP C 34 5.14 -17.48 59.28
N GLY C 35 5.29 -17.13 58.01
CA GLY C 35 5.59 -15.77 57.61
C GLY C 35 7.07 -15.44 57.52
N MSE C 36 7.95 -16.38 57.82
CA MSE C 36 9.38 -16.19 57.69
CA MSE C 36 9.39 -16.16 57.70
C MSE C 36 9.77 -15.84 56.25
O MSE C 36 9.11 -16.30 55.32
CB MSE C 36 10.09 -17.48 58.14
CB MSE C 36 10.14 -17.39 58.18
CG MSE C 36 11.61 -17.46 58.12
CG MSE C 36 11.66 -17.28 58.09
SE MSE C 36 12.29 -19.06 58.99
SE MSE C 36 12.36 -15.70 59.00
CE MSE C 36 11.84 -18.61 60.83
CE MSE C 36 14.09 -16.41 59.54
H MSE C 36 7.73 -17.16 58.12
H MSE C 36 7.74 -17.16 58.11
HA MSE C 36 9.67 -15.47 58.29
HA MSE C 36 9.64 -15.41 58.26
HB2 MSE C 36 9.82 -17.67 59.06
HB2 MSE C 36 9.92 -17.55 59.12
HB3 MSE C 36 9.80 -18.20 57.57
HB3 MSE C 36 9.87 -18.16 57.65
HG2 MSE C 36 11.91 -17.45 57.19
HG2 MSE C 36 12.06 -18.06 58.50
HG3 MSE C 36 11.93 -16.68 58.59
HG3 MSE C 36 11.91 -17.22 57.16
HE1 MSE C 36 12.13 -19.33 61.41
HE1 MSE C 36 14.58 -15.72 60.02
HE2 MSE C 36 12.30 -17.79 61.08
HE2 MSE C 36 13.95 -17.18 60.11
HE3 MSE C 36 10.88 -18.49 60.90
HE3 MSE C 36 14.58 -16.68 58.75
N VAL C 37 10.83 -15.04 56.09
CA VAL C 37 11.33 -14.63 54.78
C VAL C 37 12.74 -15.18 54.59
N ALA C 38 12.96 -15.78 53.42
CA ALA C 38 14.26 -16.32 53.03
C ALA C 38 14.68 -15.74 51.69
N TYR C 39 15.98 -15.60 51.50
CA TYR C 39 16.53 -15.24 50.19
C TYR C 39 17.28 -16.45 49.65
N VAL C 40 16.80 -17.01 48.55
CA VAL C 40 17.42 -18.17 47.92
C VAL C 40 18.44 -17.67 46.91
N LYS C 41 19.69 -18.10 47.04
CA LYS C 41 20.75 -17.59 46.18
C LYS C 41 20.51 -17.99 44.72
N GLY C 42 20.18 -19.26 44.49
CA GLY C 42 19.86 -19.74 43.15
C GLY C 42 19.04 -21.01 43.26
N TYR C 43 18.33 -21.33 42.18
CA TYR C 43 17.54 -22.56 42.18
C TYR C 43 18.42 -23.77 42.45
N TYR C 44 19.52 -23.89 41.70
CA TYR C 44 20.53 -24.92 41.89
C TYR C 44 21.83 -24.27 42.35
N GLN C 45 22.72 -25.10 42.88
CA GLN C 45 24.09 -24.66 43.10
C GLN C 45 24.77 -24.45 41.75
N PRO C 46 25.47 -23.34 41.54
CA PRO C 46 26.19 -23.18 40.28
C PRO C 46 27.20 -24.30 40.09
N THR C 47 27.36 -24.74 38.83
CA THR C 47 28.42 -25.66 38.46
C THR C 47 29.60 -24.97 37.80
N ASN C 48 29.44 -23.71 37.38
CA ASN C 48 30.53 -22.96 36.76
C ASN C 48 30.62 -21.59 37.42
N PHE C 49 31.46 -21.46 38.45
CA PHE C 49 31.58 -20.18 39.12
C PHE C 49 32.41 -19.17 38.33
N ALA C 50 32.94 -19.56 37.17
CA ALA C 50 33.56 -18.60 36.27
C ALA C 50 32.53 -17.79 35.47
N LEU C 51 31.26 -18.21 35.48
CA LEU C 51 30.25 -17.46 34.74
C LEU C 51 30.10 -16.06 35.33
N ALA C 52 29.77 -15.09 34.46
CA ALA C 52 29.42 -13.76 34.93
C ALA C 52 28.14 -13.78 35.74
N LYS C 53 27.25 -14.73 35.46
CA LYS C 53 25.95 -14.82 36.11
C LYS C 53 25.77 -16.24 36.64
N PRO C 54 26.49 -16.60 37.72
CA PRO C 54 26.46 -18.00 38.20
C PRO C 54 25.19 -18.38 38.95
N TYR C 55 24.61 -17.45 39.70
CA TYR C 55 23.43 -17.73 40.51
C TYR C 55 22.19 -17.25 39.76
N VAL C 56 21.29 -18.18 39.43
CA VAL C 56 20.07 -17.86 38.71
C VAL C 56 18.92 -18.65 39.30
N GLY C 57 17.71 -18.10 39.14
CA GLY C 57 16.51 -18.81 39.54
C GLY C 57 16.19 -18.78 41.01
N GLY C 58 16.88 -17.95 41.79
CA GLY C 58 16.61 -17.78 43.20
C GLY C 58 15.61 -16.67 43.44
N GLY C 59 15.71 -16.04 44.60
CA GLY C 59 14.85 -14.93 44.96
C GLY C 59 14.22 -15.13 46.32
N HIS C 60 13.45 -14.13 46.73
CA HIS C 60 12.84 -14.17 48.05
C HIS C 60 11.68 -15.15 48.08
N ARG C 61 11.50 -15.77 49.24
CA ARG C 61 10.38 -16.66 49.48
C ARG C 61 9.84 -16.39 50.87
N ILE C 62 8.53 -16.55 51.03
CA ILE C 62 7.86 -16.37 52.29
C ILE C 62 7.17 -17.67 52.66
N TYR C 63 7.35 -18.12 53.90
CA TYR C 63 6.80 -19.40 54.32
C TYR C 63 5.32 -19.25 54.66
N VAL C 64 4.50 -20.07 54.02
CA VAL C 64 3.05 -20.13 54.28
C VAL C 64 2.78 -21.48 54.92
N ALA C 65 2.76 -21.51 56.25
CA ALA C 65 2.71 -22.78 56.97
C ALA C 65 1.54 -23.65 56.52
N SER C 66 0.40 -23.04 56.18
CA SER C 66 -0.76 -23.81 55.78
C SER C 66 -0.52 -24.59 54.49
N ARG C 67 0.52 -24.25 53.73
CA ARG C 67 0.84 -24.92 52.49
C ARG C 67 2.15 -25.71 52.56
N ALA C 68 2.58 -26.09 53.76
CA ALA C 68 3.87 -26.74 53.93
C ALA C 68 3.95 -28.06 53.16
N ALA C 69 2.82 -28.73 52.93
CA ALA C 69 2.81 -30.01 52.23
C ALA C 69 2.95 -29.86 50.72
N GLU C 70 2.84 -28.65 50.18
CA GLU C 70 2.84 -28.46 48.74
C GLU C 70 4.26 -28.24 48.21
N ASN C 71 4.55 -28.83 47.05
CA ASN C 71 5.83 -28.57 46.39
C ASN C 71 5.61 -28.76 44.90
N ASP C 72 5.50 -27.65 44.18
CA ASP C 72 5.36 -27.68 42.73
C ASP C 72 6.66 -27.33 42.02
N GLY C 73 7.77 -27.27 42.75
CA GLY C 73 9.05 -26.97 42.17
C GLY C 73 9.21 -25.55 41.66
N PHE C 74 8.24 -24.67 41.90
CA PHE C 74 8.24 -23.34 41.32
C PHE C 74 7.68 -22.33 42.30
N LEU C 75 6.36 -22.06 42.26
CA LEU C 75 5.83 -20.98 43.07
C LEU C 75 5.67 -21.35 44.54
N CYS C 76 5.54 -22.64 44.87
CA CYS C 76 5.40 -23.04 46.28
C CYS C 76 6.23 -24.30 46.48
N ILE C 77 7.31 -24.18 47.24
CA ILE C 77 8.24 -25.29 47.48
C ILE C 77 8.26 -25.53 48.99
N ASN C 78 7.54 -26.58 49.41
CA ASN C 78 7.43 -26.95 50.82
C ASN C 78 6.86 -25.80 51.66
N GLY C 79 5.89 -25.07 51.09
CA GLY C 79 5.27 -23.96 51.76
C GLY C 79 5.91 -22.62 51.50
N TRP C 80 7.10 -22.60 50.92
CA TRP C 80 7.86 -21.38 50.69
C TRP C 80 7.44 -20.80 49.34
N VAL C 81 6.72 -19.67 49.38
CA VAL C 81 6.09 -19.11 48.19
C VAL C 81 7.02 -18.07 47.57
N LEU C 82 7.21 -18.17 46.26
CA LEU C 82 8.11 -17.26 45.55
C LEU C 82 7.54 -15.84 45.49
N GLN C 83 8.35 -14.86 45.86
CA GLN C 83 7.98 -13.46 45.77
C GLN C 83 8.35 -12.97 44.38
N ILE C 84 7.33 -12.67 43.59
CA ILE C 84 7.51 -12.30 42.19
C ILE C 84 7.51 -10.79 42.08
N GLU C 85 8.50 -10.25 41.39
CA GLU C 85 8.61 -8.83 41.15
C GLU C 85 7.89 -8.47 39.85
N ASN C 86 6.89 -7.59 39.94
CA ASN C 86 6.16 -7.08 38.79
C ASN C 86 5.69 -8.21 37.88
N ASN C 87 5.26 -9.32 38.51
CA ASN C 87 4.64 -10.46 37.84
C ASN C 87 5.46 -10.95 36.65
N THR C 88 6.78 -11.01 36.82
CA THR C 88 7.69 -11.47 35.78
C THR C 88 8.61 -12.54 36.35
N VAL C 89 8.68 -13.70 35.67
CA VAL C 89 9.59 -14.78 36.03
C VAL C 89 10.36 -15.25 34.80
N SER C 90 11.32 -16.11 35.04
CA SER C 90 12.10 -16.80 34.03
C SER C 90 11.98 -18.30 34.25
N PRO C 91 12.20 -19.11 33.21
CA PRO C 91 12.17 -20.57 33.43
C PRO C 91 13.11 -21.03 34.53
N GLU C 92 14.23 -20.32 34.73
CA GLU C 92 15.16 -20.65 35.80
C GLU C 92 14.48 -20.71 37.17
N HIS C 93 13.44 -19.87 37.40
CA HIS C 93 12.78 -19.86 38.69
C HIS C 93 12.00 -21.14 38.96
N ALA C 94 11.71 -21.92 37.92
CA ALA C 94 11.04 -23.19 38.05
C ALA C 94 12.00 -24.37 37.90
N GLY C 95 13.28 -24.11 37.74
CA GLY C 95 14.28 -25.14 37.65
C GLY C 95 14.86 -25.42 36.28
N ALA C 96 14.67 -24.52 35.31
CA ALA C 96 15.35 -24.65 34.03
C ALA C 96 16.85 -24.37 34.21
N LYS C 97 17.64 -24.82 33.24
CA LYS C 97 19.04 -24.46 33.16
C LYS C 97 19.33 -23.77 31.83
N LEU C 98 20.24 -22.80 31.87
CA LEU C 98 20.63 -22.00 30.71
C LEU C 98 21.80 -22.63 29.99
N ASN C 99 21.70 -22.72 28.66
CA ASN C 99 22.84 -23.06 27.81
C ASN C 99 23.50 -24.35 28.28
N THR C 100 22.66 -25.33 28.59
CA THR C 100 23.10 -26.61 29.15
C THR C 100 22.45 -27.72 28.34
N PRO C 101 23.08 -28.14 27.23
CA PRO C 101 22.40 -29.04 26.29
C PRO C 101 22.05 -30.39 26.89
N SER C 102 22.72 -30.82 27.95
CA SER C 102 22.42 -32.12 28.53
C SER C 102 21.22 -32.07 29.47
N PHE C 103 20.72 -30.88 29.80
CA PHE C 103 19.65 -30.74 30.78
C PHE C 103 18.32 -30.49 30.09
N ASP C 104 17.28 -31.25 30.47
CA ASP C 104 15.95 -31.11 29.89
C ASP C 104 15.15 -30.08 30.68
N SER C 105 14.93 -28.90 30.10
CA SER C 105 14.21 -27.81 30.76
C SER C 105 12.70 -27.82 30.45
N ALA C 106 12.19 -28.89 29.83
CA ALA C 106 10.81 -28.90 29.35
C ALA C 106 9.82 -28.60 30.46
N ILE C 107 9.96 -29.30 31.59
CA ILE C 107 8.98 -29.19 32.66
C ILE C 107 9.01 -27.79 33.27
N PRO C 108 10.19 -27.25 33.63
CA PRO C 108 10.20 -25.88 34.15
C PRO C 108 9.68 -24.84 33.18
N ILE C 109 10.02 -24.93 31.90
CA ILE C 109 9.47 -23.99 30.92
C ILE C 109 7.96 -24.07 30.94
N GLN C 110 7.42 -25.29 30.90
CA GLN C 110 5.97 -25.46 30.84
C GLN C 110 5.29 -24.82 32.04
N LYS C 111 5.87 -24.99 33.24
CA LYS C 111 5.32 -24.40 34.45
C LYS C 111 5.23 -22.88 34.34
N VAL C 112 6.29 -22.23 33.85
CA VAL C 112 6.23 -20.77 33.82
C VAL C 112 5.32 -20.28 32.68
N LEU C 113 5.20 -21.03 31.59
CA LEU C 113 4.33 -20.58 30.50
C LEU C 113 2.86 -20.55 30.88
N ILE C 114 2.43 -21.31 31.88
CA ILE C 114 1.03 -21.30 32.28
C ILE C 114 0.84 -20.66 33.66
N SER C 115 1.83 -19.90 34.12
CA SER C 115 1.80 -19.34 35.47
C SER C 115 1.00 -18.06 35.56
N GLY C 116 0.69 -17.42 34.44
CA GLY C 116 0.11 -16.10 34.45
C GLY C 116 1.11 -14.97 34.56
N CYS C 117 2.39 -15.29 34.74
CA CYS C 117 3.44 -14.28 34.76
C CYS C 117 3.88 -13.93 33.34
N LYS C 118 4.41 -12.72 33.19
CA LYS C 118 5.26 -12.45 32.02
C LYS C 118 6.48 -13.35 32.10
N VAL C 119 6.88 -13.96 30.98
CA VAL C 119 8.00 -14.90 30.96
C VAL C 119 9.16 -14.26 30.21
N ARG C 120 10.31 -14.20 30.85
CA ARG C 120 11.54 -13.73 30.24
C ARG C 120 12.44 -14.92 29.93
N LEU C 121 12.96 -14.95 28.72
CA LEU C 121 13.86 -15.99 28.23
C LEU C 121 15.25 -15.39 28.16
N ASN C 122 16.21 -16.03 28.84
CA ASN C 122 17.50 -15.41 29.11
C ASN C 122 18.67 -16.19 28.53
N GLY C 123 18.39 -17.19 27.71
CA GLY C 123 19.41 -17.98 27.08
C GLY C 123 18.74 -19.06 26.29
N LEU C 124 19.50 -20.09 25.95
CA LEU C 124 18.93 -21.24 25.26
C LEU C 124 18.54 -22.30 26.27
N TYR C 125 17.32 -22.81 26.13
CA TYR C 125 16.82 -23.89 26.95
C TYR C 125 16.57 -25.09 26.06
N HIS C 126 16.97 -26.27 26.52
CA HIS C 126 16.82 -27.47 25.72
C HIS C 126 15.61 -28.27 26.22
N THR C 127 14.86 -28.83 25.28
CA THR C 127 13.60 -29.51 25.59
CA THR C 127 13.60 -29.49 25.57
C THR C 127 13.50 -30.82 24.85
N SER C 128 12.91 -31.82 25.52
CA SER C 128 12.68 -33.13 24.91
C SER C 128 11.25 -33.32 24.45
N VAL C 129 10.36 -32.39 24.79
CA VAL C 129 8.96 -32.40 24.37
C VAL C 129 8.57 -30.99 23.95
N PRO C 130 7.48 -30.83 23.21
CA PRO C 130 6.99 -29.47 22.91
C PRO C 130 6.58 -28.79 24.20
N VAL C 131 6.54 -27.45 24.15
CA VAL C 131 5.95 -26.66 25.23
C VAL C 131 4.79 -25.87 24.65
N TYR C 132 3.75 -25.70 25.46
CA TYR C 132 2.55 -25.04 24.97
C TYR C 132 2.27 -23.77 25.78
N TYR C 133 1.56 -22.87 25.12
CA TYR C 133 0.99 -21.70 25.77
C TYR C 133 -0.50 -21.61 25.42
N ASN C 134 -1.25 -20.89 26.27
CA ASN C 134 -2.69 -20.77 26.10
C ASN C 134 -3.02 -19.34 25.68
N SER C 135 -3.53 -18.50 26.57
CA SER C 135 -3.97 -17.15 26.23
C SER C 135 -3.42 -16.15 27.23
N ASN C 136 -3.41 -14.88 26.81
CA ASN C 136 -2.96 -13.79 27.66
C ASN C 136 -1.53 -14.05 28.16
N THR C 137 -0.68 -14.53 27.27
CA THR C 137 0.67 -14.93 27.61
C THR C 137 1.65 -14.01 26.91
N THR C 138 2.50 -13.34 27.69
CA THR C 138 3.58 -12.54 27.14
C THR C 138 4.90 -13.25 27.43
N ILE C 139 5.68 -13.49 26.37
CA ILE C 139 6.98 -14.17 26.44
C ILE C 139 7.98 -13.27 25.73
N GLU C 140 9.08 -12.93 26.40
CA GLU C 140 10.01 -11.93 25.85
C GLU C 140 11.44 -12.40 26.08
N GLY C 141 12.19 -12.60 24.99
CA GLY C 141 13.62 -12.73 25.06
C GLY C 141 14.28 -11.43 24.57
N THR C 142 15.61 -11.43 24.62
CA THR C 142 16.34 -10.24 24.17
C THR C 142 16.81 -10.36 22.72
N GLY C 143 16.56 -11.48 22.06
CA GLY C 143 16.93 -11.60 20.67
C GLY C 143 17.06 -13.05 20.25
N GLU C 144 17.03 -13.25 18.93
CA GLU C 144 16.84 -14.57 18.33
C GLU C 144 18.12 -15.39 18.24
N LEU C 145 19.29 -14.80 18.47
CA LEU C 145 20.50 -15.59 18.43
C LEU C 145 20.72 -16.35 19.72
N ASP C 146 20.38 -15.75 20.84
CA ASP C 146 20.81 -16.28 22.13
C ASP C 146 19.68 -16.73 23.04
N CYS C 147 18.41 -16.44 22.70
CA CYS C 147 17.27 -16.76 23.55
C CYS C 147 16.34 -17.70 22.80
N GLY C 148 15.92 -18.77 23.45
CA GLY C 148 14.86 -19.57 22.88
C GLY C 148 14.97 -21.03 23.30
N PHE C 149 14.27 -21.87 22.54
CA PHE C 149 14.09 -23.28 22.85
C PHE C 149 14.72 -24.13 21.76
N ILE C 150 15.50 -25.14 22.18
CA ILE C 150 16.14 -26.10 21.29
C ILE C 150 15.54 -27.46 21.61
N LYS C 151 14.80 -28.03 20.66
CA LYS C 151 14.15 -29.31 20.85
C LYS C 151 15.06 -30.43 20.37
N THR C 152 15.25 -31.45 21.20
CA THR C 152 16.26 -32.48 20.97
C THR C 152 15.69 -33.81 20.51
N THR C 153 14.37 -33.92 20.38
CA THR C 153 13.70 -35.17 20.02
C THR C 153 12.58 -34.88 19.05
N ASN C 154 11.91 -35.94 18.59
CA ASN C 154 10.68 -35.79 17.83
C ASN C 154 9.45 -36.09 18.69
N ASN C 155 9.59 -36.04 20.00
CA ASN C 155 8.49 -36.37 20.89
C ASN C 155 7.38 -35.30 20.83
N THR C 156 6.17 -35.73 21.19
CA THR C 156 5.00 -34.88 21.16
C THR C 156 4.52 -34.60 22.59
N LEU C 157 3.53 -33.73 22.68
CA LEU C 157 2.73 -33.64 23.90
C LEU C 157 1.96 -34.94 24.08
N SER C 158 1.39 -35.10 25.26
CA SER C 158 0.62 -36.29 25.61
C SER C 158 -0.71 -35.90 26.21
N LEU C 159 -1.36 -34.90 25.62
CA LEU C 159 -2.61 -34.38 26.14
C LEU C 159 -3.85 -35.09 25.61
N GLY C 160 -3.74 -35.75 24.45
CA GLY C 160 -4.86 -36.48 23.88
C GLY C 160 -5.84 -35.54 23.20
N ASN C 161 -6.93 -36.14 22.70
CA ASN C 161 -7.93 -35.37 21.98
C ASN C 161 -8.71 -34.46 22.92
N ARG C 162 -9.21 -33.35 22.37
CA ARG C 162 -10.18 -32.48 23.01
C ARG C 162 -11.24 -32.10 21.98
N THR C 163 -12.47 -31.96 22.45
CA THR C 163 -13.54 -31.48 21.58
C THR C 163 -13.71 -29.99 21.80
N ILE C 164 -13.58 -29.23 20.71
CA ILE C 164 -13.65 -27.77 20.72
C ILE C 164 -14.72 -27.39 19.70
N ASN C 165 -15.80 -26.76 20.18
CA ASN C 165 -16.89 -26.35 19.30
C ASN C 165 -17.37 -27.53 18.45
N GLY C 166 -17.47 -28.69 19.08
CA GLY C 166 -17.94 -29.89 18.43
C GLY C 166 -16.96 -30.57 17.50
N LYS C 167 -15.73 -30.05 17.40
CA LYS C 167 -14.70 -30.63 16.53
C LYS C 167 -13.66 -31.32 17.38
N ILE C 168 -13.29 -32.53 16.99
CA ILE C 168 -12.25 -33.27 17.68
C ILE C 168 -10.91 -32.71 17.22
N MSE C 169 -10.14 -32.19 18.17
CA MSE C 169 -8.83 -31.59 17.91
C MSE C 169 -7.75 -32.32 18.72
O MSE C 169 -8.02 -32.90 19.78
CB MSE C 169 -8.83 -30.11 18.25
CG MSE C 169 -9.87 -29.29 17.49
SE MSE C 169 -9.51 -29.34 15.56
CE MSE C 169 -8.04 -28.08 15.47
H MSE C 169 -10.35 -32.19 19.00
HA MSE C 169 -8.62 -31.67 16.96
HB2 MSE C 169 -9.02 -30.00 19.21
HB3 MSE C 169 -7.95 -29.74 18.05
HG2 MSE C 169 -10.75 -29.67 17.65
HG3 MSE C 169 -9.83 -28.37 17.79
HE1 MSE C 169 -7.75 -28.00 14.55
HE2 MSE C 169 -8.35 -27.23 15.80
HE3 MSE C 169 -7.31 -28.41 16.02
N ASN C 170 -6.53 -32.29 18.20
CA ASN C 170 -5.43 -32.98 18.86
C ASN C 170 -4.19 -32.13 18.65
N PHE C 171 -3.43 -31.92 19.72
CA PHE C 171 -2.27 -31.04 19.72
C PHE C 171 -0.97 -31.81 19.91
N ASP C 172 -1.05 -33.14 19.86
CA ASP C 172 0.09 -34.02 20.12
C ASP C 172 0.88 -34.28 18.84
N VAL C 173 1.45 -33.21 18.31
CA VAL C 173 2.26 -33.21 17.09
C VAL C 173 3.71 -32.99 17.49
N ASP C 174 4.61 -33.35 16.57
CA ASP C 174 6.03 -33.08 16.77
C ASP C 174 6.27 -31.63 16.41
N ALA C 175 6.31 -30.78 17.43
CA ALA C 175 6.52 -29.36 17.28
C ALA C 175 7.43 -28.89 18.41
N ILE C 176 7.95 -27.68 18.29
CA ILE C 176 8.73 -27.10 19.38
C ILE C 176 7.84 -26.37 20.36
N MSE C 177 6.97 -25.52 19.82
CA MSE C 177 6.01 -24.79 20.62
C MSE C 177 4.62 -24.96 20.03
O MSE C 177 4.49 -25.05 18.80
CB MSE C 177 6.41 -23.32 20.68
CG MSE C 177 5.72 -22.53 21.71
SE MSE C 177 6.60 -20.74 21.83
CE MSE C 177 6.26 -20.48 23.70
H MSE C 177 6.94 -25.34 18.99
HA MSE C 177 6.01 -25.14 21.53
HB2 MSE C 177 7.37 -23.26 20.86
HB3 MSE C 177 6.22 -22.91 19.83
HG2 MSE C 177 4.80 -22.40 21.48
HG3 MSE C 177 5.81 -22.98 22.57
HE1 MSE C 177 6.62 -19.63 23.98
HE2 MSE C 177 5.30 -20.50 23.85
HE3 MSE C 177 6.67 -21.20 24.21
N VAL C 178 3.61 -25.02 20.90
CA VAL C 178 2.24 -25.27 20.50
C VAL C 178 1.33 -24.27 21.20
N ALA C 179 0.44 -23.64 20.42
CA ALA C 179 -0.60 -22.78 20.95
C ALA C 179 -1.88 -23.59 21.12
N ILE C 180 -2.46 -23.57 22.31
CA ILE C 180 -3.63 -24.37 22.66
C ILE C 180 -4.65 -23.48 23.35
N PRO C 181 -5.91 -23.45 22.94
CA PRO C 181 -6.88 -22.62 23.68
C PRO C 181 -7.01 -23.07 25.12
N ARG C 182 -7.36 -22.13 25.99
CA ARG C 182 -7.81 -22.50 27.32
C ARG C 182 -9.00 -23.44 27.22
N VAL C 183 -9.17 -24.28 28.25
CA VAL C 183 -10.32 -25.18 28.30
C VAL C 183 -11.60 -24.37 28.24
N GLY C 184 -12.47 -24.71 27.30
CA GLY C 184 -13.72 -23.99 27.14
C GLY C 184 -13.67 -22.88 26.12
N ASP C 185 -12.49 -22.50 25.64
CA ASP C 185 -12.33 -21.47 24.62
C ASP C 185 -12.05 -22.13 23.27
N TRP C 186 -12.21 -21.35 22.21
CA TRP C 186 -11.92 -21.81 20.87
C TRP C 186 -10.56 -21.40 20.34
N TYR C 187 -9.96 -20.35 20.88
CA TYR C 187 -8.71 -19.80 20.35
C TYR C 187 -7.69 -19.57 21.46
N ALA C 188 -6.43 -19.77 21.11
CA ALA C 188 -5.31 -19.31 21.93
C ALA C 188 -5.10 -17.85 21.55
N GLN C 189 -5.42 -16.95 22.47
CA GLN C 189 -5.60 -15.56 22.08
C GLN C 189 -4.96 -14.59 23.06
N ASN C 190 -4.82 -13.35 22.59
CA ASN C 190 -4.25 -12.27 23.40
C ASN C 190 -2.87 -12.62 23.91
N ASN C 191 -2.07 -13.25 23.06
CA ASN C 191 -0.69 -13.57 23.34
C ASN C 191 0.24 -12.58 22.65
N HIS C 192 1.42 -12.40 23.25
CA HIS C 192 2.36 -11.36 22.81
C HIS C 192 3.75 -11.93 23.00
N LEU C 193 4.29 -12.50 21.93
CA LEU C 193 5.56 -13.23 21.97
C LEU C 193 6.60 -12.43 21.22
N SER C 194 7.80 -12.31 21.78
CA SER C 194 8.84 -11.57 21.07
C SER C 194 10.24 -11.98 21.48
N GLY C 195 11.13 -11.97 20.50
CA GLY C 195 12.57 -11.94 20.74
C GLY C 195 13.23 -13.27 21.08
N PHE C 196 12.89 -14.34 20.39
CA PHE C 196 13.53 -15.62 20.67
C PHE C 196 13.43 -16.55 19.47
N THR C 197 14.14 -17.68 19.56
CA THR C 197 14.20 -18.66 18.48
C THR C 197 13.58 -19.98 18.92
N LEU C 198 13.09 -20.72 17.92
CA LEU C 198 12.58 -22.09 18.08
C LEU C 198 13.32 -22.94 17.08
N GLN C 199 14.17 -23.87 17.55
CA GLN C 199 14.94 -24.71 16.65
C GLN C 199 14.96 -26.16 17.11
N TYR C 200 15.01 -27.07 16.14
CA TYR C 200 15.43 -28.43 16.41
C TYR C 200 16.96 -28.51 16.43
N ASP C 201 17.46 -29.42 17.26
CA ASP C 201 18.86 -29.83 17.20
C ASP C 201 19.18 -30.25 15.76
N SER C 202 20.17 -29.59 15.15
CA SER C 202 20.38 -29.78 13.72
C SER C 202 20.80 -31.22 13.40
N ALA C 203 21.29 -31.97 14.39
CA ALA C 203 21.73 -33.35 14.17
C ALA C 203 20.56 -34.33 14.02
N LEU C 204 19.36 -33.95 14.41
CA LEU C 204 18.22 -34.87 14.31
C LEU C 204 17.97 -35.22 12.85
N PRO C 205 17.96 -36.50 12.46
CA PRO C 205 17.71 -36.82 11.04
C PRO C 205 16.32 -36.42 10.57
N THR C 206 15.33 -36.37 11.46
CA THR C 206 14.00 -35.91 11.11
C THR C 206 13.62 -34.72 11.96
N LYS C 207 13.03 -33.71 11.33
CA LYS C 207 12.61 -32.49 12.00
C LYS C 207 11.09 -32.38 11.99
N GLY C 208 10.58 -31.46 12.81
CA GLY C 208 9.14 -31.27 12.89
C GLY C 208 8.69 -29.85 12.59
N ILE C 209 7.64 -29.40 13.30
CA ILE C 209 7.06 -28.07 13.15
C ILE C 209 7.73 -27.13 14.15
N GLY C 210 8.02 -25.89 13.74
CA GLY C 210 8.53 -24.92 14.68
C GLY C 210 7.48 -24.50 15.69
N LEU C 211 6.46 -23.81 15.18
CA LEU C 211 5.33 -23.32 15.95
C LEU C 211 4.06 -23.90 15.35
N TYR C 212 3.38 -24.77 16.11
CA TYR C 212 2.07 -25.30 15.71
C TYR C 212 1.02 -24.50 16.48
N ALA C 213 0.33 -23.63 15.78
CA ALA C 213 -0.60 -22.67 16.37
C ALA C 213 -1.92 -22.78 15.63
N PRO C 214 -2.64 -23.88 15.83
CA PRO C 214 -3.78 -24.16 14.93
C PRO C 214 -4.88 -23.11 15.03
N LEU C 215 -5.27 -22.74 16.25
CA LEU C 215 -6.39 -21.85 16.51
C LEU C 215 -5.85 -20.68 17.32
N ILE C 216 -5.67 -19.53 16.67
CA ILE C 216 -5.11 -18.35 17.33
C ILE C 216 -5.87 -17.10 16.95
N ALA C 217 -5.80 -16.11 17.83
CA ALA C 217 -6.49 -14.86 17.58
C ALA C 217 -5.89 -13.73 18.41
N LEU C 218 -6.08 -12.51 17.92
CA LEU C 218 -5.93 -11.31 18.73
C LEU C 218 -4.57 -11.27 19.41
N SER C 219 -3.52 -11.49 18.62
CA SER C 219 -2.18 -11.70 19.18
C SER C 219 -1.14 -10.95 18.36
N THR C 220 0.03 -10.75 18.97
CA THR C 220 1.18 -10.20 18.27
C THR C 220 2.36 -11.16 18.42
N TYR C 221 3.07 -11.36 17.30
CA TYR C 221 4.25 -12.18 17.24
C TYR C 221 5.34 -11.30 16.65
N LYS C 222 6.44 -11.13 17.37
CA LYS C 222 7.50 -10.24 16.90
C LYS C 222 8.88 -10.85 17.10
N SER C 223 9.74 -10.75 16.09
CA SER C 223 11.16 -11.11 16.25
C SER C 223 11.28 -12.54 16.77
N ILE C 224 10.60 -13.44 16.08
CA ILE C 224 10.66 -14.86 16.36
CA ILE C 224 10.63 -14.87 16.36
C ILE C 224 11.28 -15.55 15.17
N LEU C 225 12.29 -16.37 15.43
CA LEU C 225 12.98 -17.11 14.39
C LEU C 225 12.73 -18.59 14.61
N THR C 226 12.22 -19.27 13.62
CA THR C 226 12.23 -20.73 13.67
CA THR C 226 12.16 -20.73 13.63
C THR C 226 13.08 -21.25 12.53
N LYS C 227 13.96 -22.20 12.86
CA LYS C 227 14.82 -22.80 11.86
C LYS C 227 15.18 -24.22 12.29
N ASN C 228 15.84 -24.93 11.38
CA ASN C 228 16.04 -26.37 11.45
C ASN C 228 14.70 -27.09 11.64
N THR C 229 13.71 -26.69 10.87
CA THR C 229 12.40 -27.31 10.92
C THR C 229 12.04 -27.94 9.59
N PHE C 230 11.04 -28.82 9.65
CA PHE C 230 10.38 -29.32 8.44
C PHE C 230 9.32 -28.34 7.95
N GLU C 231 8.51 -27.83 8.90
CA GLU C 231 7.49 -26.83 8.65
C GLU C 231 7.69 -25.73 9.68
N GLY C 232 7.68 -24.49 9.26
CA GLY C 232 8.06 -23.42 10.17
C GLY C 232 6.97 -23.02 11.14
N ILE C 233 5.95 -22.34 10.60
CA ILE C 233 4.81 -21.87 11.35
C ILE C 233 3.57 -22.43 10.67
N LYS C 234 2.68 -23.05 11.44
CA LYS C 234 1.57 -23.80 10.88
C LYS C 234 0.31 -23.51 11.68
N SER C 235 -0.74 -23.04 10.99
CA SER C 235 -1.98 -22.64 11.63
C SER C 235 -3.17 -23.06 10.77
N VAL C 236 -4.34 -23.17 11.41
CA VAL C 236 -5.59 -23.57 10.77
C VAL C 236 -6.56 -22.38 10.66
N ASP C 237 -6.77 -21.68 11.77
CA ASP C 237 -7.74 -20.59 11.86
C ASP C 237 -7.08 -19.51 12.71
N ALA C 238 -6.63 -18.45 12.05
CA ALA C 238 -5.98 -17.31 12.70
C ALA C 238 -6.73 -16.04 12.34
N TRP C 239 -7.01 -15.19 13.33
CA TRP C 239 -7.68 -13.94 13.03
C TRP C 239 -7.16 -12.83 13.94
N MSE C 240 -7.00 -11.65 13.34
CA MSE C 240 -6.51 -10.46 14.07
C MSE C 240 -5.17 -10.74 14.74
O MSE C 240 -5.03 -10.63 15.96
CB MSE C 240 -7.54 -10.00 15.12
CG MSE C 240 -8.70 -9.23 14.53
SE MSE C 240 -8.05 -7.46 13.97
CE MSE C 240 -9.58 -6.97 12.92
H MSE C 240 -7.18 -11.49 12.52
HA MSE C 240 -6.40 -9.73 13.43
HB2 MSE C 240 -7.90 -10.78 15.56
HB3 MSE C 240 -7.09 -9.43 15.76
HG2 MSE C 240 -9.05 -9.69 13.76
HG3 MSE C 240 -9.38 -9.11 15.21
HE1 MSE C 240 -9.44 -6.09 12.53
HE2 MSE C 240 -9.70 -7.63 12.20
HE3 MSE C 240 -10.37 -6.97 13.48
N CYS C 241 -4.16 -11.12 13.94
CA CYS C 241 -2.81 -11.31 14.43
C CYS C 241 -1.84 -10.53 13.56
N THR C 242 -0.81 -9.96 14.20
CA THR C 242 0.27 -9.35 13.47
C THR C 242 1.56 -10.09 13.74
N TRP C 243 2.41 -10.12 12.71
CA TRP C 243 3.66 -10.83 12.68
C TRP C 243 4.70 -9.85 12.17
N GLU C 244 5.67 -9.51 13.00
CA GLU C 244 6.68 -8.53 12.64
C GLU C 244 8.03 -9.19 12.83
N ARG C 245 8.84 -9.20 11.76
CA ARG C 245 10.20 -9.73 11.84
C ARG C 245 10.19 -11.19 12.31
N VAL C 246 9.27 -11.97 11.75
CA VAL C 246 9.20 -13.40 12.00
C VAL C 246 9.86 -14.10 10.83
N GLN C 247 10.78 -14.99 11.13
CA GLN C 247 11.50 -15.74 10.11
C GLN C 247 11.16 -17.20 10.27
N ALA C 248 10.78 -17.84 9.16
CA ALA C 248 10.50 -19.28 9.15
C ALA C 248 11.42 -19.94 8.13
N SER C 249 12.41 -20.65 8.63
CA SER C 249 13.35 -21.40 7.82
CA SER C 249 13.35 -21.41 7.83
C SER C 249 12.99 -22.88 7.95
N ALA C 250 12.63 -23.49 6.83
CA ALA C 250 12.05 -24.83 6.87
C ALA C 250 12.49 -25.58 5.63
N SER C 251 12.58 -26.91 5.76
CA SER C 251 12.95 -27.70 4.61
C SER C 251 11.81 -27.94 3.64
N SER C 252 10.55 -27.87 4.10
CA SER C 252 9.40 -28.18 3.25
C SER C 252 8.50 -26.96 3.05
N ARG C 253 7.85 -26.43 4.09
CA ARG C 253 7.00 -25.25 3.98
C ARG C 253 7.32 -24.30 5.12
N SER C 254 7.59 -23.04 4.79
CA SER C 254 7.94 -22.07 5.81
C SER C 254 6.74 -21.59 6.62
N PHE C 255 5.75 -21.00 5.94
CA PHE C 255 4.52 -20.49 6.54
C PHE C 255 3.32 -21.24 5.98
N ILE C 256 2.48 -21.77 6.87
CA ILE C 256 1.27 -22.49 6.49
C ILE C 256 0.12 -21.88 7.27
N PHE C 257 -0.86 -21.33 6.56
CA PHE C 257 -2.08 -20.82 7.17
C PHE C 257 -3.29 -21.46 6.48
N GLY C 258 -4.30 -21.74 7.28
CA GLY C 258 -5.45 -22.44 6.73
C GLY C 258 -5.20 -23.92 6.48
N HIS C 259 -4.27 -24.52 7.22
CA HIS C 259 -4.01 -25.97 7.18
C HIS C 259 -5.31 -26.75 7.19
N THR C 260 -5.47 -27.64 6.21
CA THR C 260 -6.71 -28.37 6.00
C THR C 260 -6.76 -29.71 6.73
N GLY C 261 -5.70 -30.07 7.44
CA GLY C 261 -5.56 -31.42 7.96
C GLY C 261 -6.14 -31.71 9.33
N THR C 262 -7.08 -30.89 9.79
CA THR C 262 -7.78 -31.12 11.05
C THR C 262 -9.28 -31.11 10.81
N ALA C 263 -10.03 -31.41 11.88
CA ALA C 263 -11.49 -31.37 11.83
C ALA C 263 -12.03 -29.95 11.74
N TRP C 264 -11.21 -28.95 12.04
CA TRP C 264 -11.64 -27.56 12.05
C TRP C 264 -11.62 -26.99 10.63
N THR C 265 -12.67 -26.27 10.28
CA THR C 265 -12.77 -25.65 8.97
C THR C 265 -11.79 -24.49 8.85
N PRO C 266 -10.84 -24.52 7.92
CA PRO C 266 -9.87 -23.43 7.83
C PRO C 266 -10.56 -22.12 7.49
N ASN C 267 -10.08 -21.06 8.12
CA ASN C 267 -10.55 -19.71 7.85
C ASN C 267 -9.62 -18.75 8.57
N ASN C 268 -9.34 -17.61 7.95
CA ASN C 268 -8.42 -16.65 8.53
C ASN C 268 -8.89 -15.24 8.18
N THR C 269 -8.63 -14.28 9.06
CA THR C 269 -8.79 -12.89 8.70
C THR C 269 -7.64 -12.06 9.27
N THR C 270 -7.44 -10.91 8.63
CA THR C 270 -6.64 -9.80 9.15
C THR C 270 -5.32 -10.26 9.80
N GLN C 271 -4.51 -10.92 8.98
CA GLN C 271 -3.14 -11.25 9.32
C GLN C 271 -2.22 -10.26 8.62
N THR C 272 -1.35 -9.60 9.37
CA THR C 272 -0.36 -8.68 8.80
C THR C 272 1.03 -9.27 9.04
N PHE C 273 1.87 -9.18 7.99
CA PHE C 273 3.26 -9.64 8.06
C PHE C 273 4.12 -8.47 7.62
N ILE C 274 5.01 -8.02 8.51
CA ILE C 274 5.90 -6.90 8.24
C ILE C 274 7.34 -7.37 8.45
N GLY C 275 8.14 -7.30 7.39
CA GLY C 275 9.54 -7.70 7.50
C GLY C 275 9.71 -9.15 7.89
N CYS C 276 8.81 -10.01 7.45
CA CYS C 276 8.93 -11.44 7.69
C CYS C 276 9.71 -12.10 6.55
N TRP C 277 10.22 -13.29 6.81
CA TRP C 277 11.24 -13.89 5.96
C TRP C 277 11.03 -15.39 5.89
N ALA C 278 10.74 -15.90 4.70
CA ALA C 278 10.67 -17.34 4.45
C ALA C 278 11.99 -17.78 3.82
N THR C 279 12.60 -18.84 4.34
CA THR C 279 13.82 -19.31 3.71
C THR C 279 13.80 -20.83 3.62
N ASP C 280 14.49 -21.35 2.60
CA ASP C 280 14.94 -22.73 2.46
C ASP C 280 13.84 -23.70 2.05
N ALA C 281 12.58 -23.32 2.10
CA ALA C 281 11.50 -24.25 1.82
C ALA C 281 11.65 -24.92 0.45
N GLY C 282 11.42 -26.24 0.44
CA GLY C 282 11.58 -27.03 -0.77
C GLY C 282 10.28 -27.36 -1.48
N LEU C 283 9.14 -27.08 -0.85
CA LEU C 283 7.81 -27.33 -1.40
C LEU C 283 7.05 -26.05 -1.68
N TYR C 284 6.74 -25.26 -0.63
CA TYR C 284 6.14 -23.94 -0.76
C TYR C 284 6.79 -23.00 0.25
N GLY C 285 7.07 -21.77 -0.18
CA GLY C 285 7.46 -20.74 0.75
C GLY C 285 6.31 -20.41 1.68
N TRP C 286 5.20 -19.96 1.08
CA TRP C 286 3.97 -19.64 1.78
C TRP C 286 2.86 -20.51 1.23
N ASP C 287 2.15 -21.21 2.11
CA ASP C 287 1.03 -22.07 1.74
C ASP C 287 -0.18 -21.46 2.46
N LEU C 288 -0.97 -20.67 1.73
CA LEU C 288 -2.05 -19.88 2.29
C LEU C 288 -3.40 -20.38 1.79
N ASN C 289 -4.30 -20.64 2.72
CA ASN C 289 -5.65 -21.10 2.41
C ASN C 289 -6.63 -20.29 3.23
N LYS C 290 -7.64 -19.73 2.57
CA LYS C 290 -8.67 -18.92 3.21
C LYS C 290 -8.06 -17.79 4.03
N MSE C 291 -7.05 -17.14 3.46
CA MSE C 291 -6.39 -16.01 4.13
C MSE C 291 -7.03 -14.71 3.65
O MSE C 291 -6.65 -14.16 2.60
CB MSE C 291 -4.90 -16.02 3.87
CG MSE C 291 -4.14 -15.18 4.86
SE MSE C 291 -3.95 -16.16 6.57
CE MSE C 291 -2.06 -15.59 6.67
H MSE C 291 -6.71 -17.33 2.69
HA MSE C 291 -6.54 -16.09 5.09
HB2 MSE C 291 -4.56 -16.92 3.92
HB3 MSE C 291 -4.73 -15.65 2.98
HG2 MSE C 291 -3.25 -14.99 4.52
HG3 MSE C 291 -4.63 -14.36 5.03
HE1 MSE C 291 -1.67 -15.95 7.48
HE2 MSE C 291 -1.59 -15.93 5.89
HE3 MSE C 291 -2.02 -14.62 6.69
N GLN C 292 -8.00 -14.20 4.41
CA GLN C 292 -8.72 -12.99 4.03
CA GLN C 292 -8.72 -12.99 4.03
C GLN C 292 -8.09 -11.78 4.71
N GLY C 293 -8.04 -10.66 3.98
CA GLY C 293 -7.54 -9.42 4.58
C GLY C 293 -6.10 -9.47 5.03
N CYS C 294 -5.24 -10.06 4.21
CA CYS C 294 -3.85 -10.32 4.53
C CYS C 294 -2.93 -9.33 3.81
N THR C 295 -2.07 -8.65 4.57
CA THR C 295 -1.11 -7.69 4.03
C THR C 295 0.29 -8.16 4.40
N MSE C 296 1.16 -8.22 3.39
CA MSE C 296 2.59 -8.46 3.57
C MSE C 296 3.34 -7.18 3.14
O MSE C 296 3.12 -6.68 2.03
CB MSE C 296 3.02 -9.67 2.73
CG MSE C 296 2.19 -10.92 2.99
SE MSE C 296 2.71 -12.27 1.66
CE MSE C 296 4.54 -12.53 2.20
H MSE C 296 0.94 -8.12 2.57
HA MSE C 296 2.77 -8.65 4.50
HB2 MSE C 296 2.93 -9.45 1.79
HB3 MSE C 296 3.94 -9.88 2.94
HG2 MSE C 296 2.38 -11.26 3.88
HG3 MSE C 296 1.25 -10.72 2.89
HE1 MSE C 296 4.94 -13.21 1.62
HE2 MSE C 296 5.01 -11.70 2.12
HE3 MSE C 296 4.55 -12.84 3.12
N ILE C 297 4.18 -6.67 4.03
CA ILE C 297 4.93 -5.44 3.82
C ILE C 297 6.41 -5.74 3.94
N SER C 298 7.15 -5.46 2.86
CA SER C 298 8.61 -5.60 2.85
C SER C 298 9.06 -6.92 3.46
N CYS C 299 8.41 -8.00 3.01
CA CYS C 299 8.77 -9.37 3.35
C CYS C 299 9.73 -9.89 2.29
N GLY C 300 10.43 -10.98 2.63
CA GLY C 300 11.37 -11.58 1.73
C GLY C 300 11.28 -13.10 1.73
N ALA C 301 11.94 -13.71 0.75
CA ALA C 301 11.97 -15.16 0.63
C ALA C 301 13.25 -15.53 -0.08
N ASP C 302 14.10 -16.29 0.59
CA ASP C 302 15.41 -16.66 0.07
C ASP C 302 15.54 -18.18 -0.02
N PHE C 303 16.13 -18.62 -1.12
CA PHE C 303 16.57 -20.01 -1.30
C PHE C 303 15.42 -21.00 -1.17
N VAL C 304 14.35 -20.67 -1.85
CA VAL C 304 13.19 -21.55 -1.96
C VAL C 304 13.38 -22.43 -3.19
N GLY C 305 13.28 -23.74 -3.00
CA GLY C 305 13.70 -24.67 -4.03
C GLY C 305 15.21 -24.78 -4.17
N ALA C 306 15.67 -25.75 -4.94
CA ALA C 306 17.09 -25.87 -5.26
C ALA C 306 17.23 -26.33 -6.70
N ASP C 307 18.42 -26.09 -7.26
CA ASP C 307 18.66 -26.44 -8.66
C ASP C 307 18.48 -27.94 -8.84
N GLY C 308 17.55 -28.31 -9.74
CA GLY C 308 17.22 -29.70 -9.96
C GLY C 308 16.19 -30.27 -9.01
N SER C 309 15.82 -29.52 -7.97
CA SER C 309 14.82 -29.95 -6.98
C SER C 309 13.90 -28.77 -6.74
N PRO C 310 13.09 -28.42 -7.74
CA PRO C 310 12.23 -27.23 -7.60
C PRO C 310 11.18 -27.39 -6.52
N ALA C 311 10.85 -26.27 -5.89
CA ALA C 311 9.61 -26.13 -5.15
C ALA C 311 8.43 -26.14 -6.12
N LYS C 312 7.23 -26.42 -5.60
CA LYS C 312 6.06 -26.29 -6.45
C LYS C 312 5.73 -24.82 -6.70
N ALA C 313 5.74 -24.00 -5.65
CA ALA C 313 5.50 -22.57 -5.81
C ALA C 313 6.16 -21.81 -4.69
N LEU C 314 6.60 -20.58 -4.98
CA LEU C 314 6.98 -19.69 -3.91
C LEU C 314 5.77 -19.36 -3.04
N PHE C 315 4.68 -18.92 -3.66
CA PHE C 315 3.42 -18.63 -2.99
C PHE C 315 2.32 -19.50 -3.55
N LYS C 316 1.66 -20.26 -2.69
CA LYS C 316 0.42 -20.96 -3.02
C LYS C 316 -0.68 -20.25 -2.25
N ILE C 317 -1.62 -19.64 -2.98
CA ILE C 317 -2.63 -18.76 -2.39
C ILE C 317 -4.00 -19.21 -2.88
N VAL C 318 -4.81 -19.77 -1.99
CA VAL C 318 -6.06 -20.43 -2.33
C VAL C 318 -7.16 -19.78 -1.52
N TYR C 319 -8.22 -19.36 -2.22
CA TYR C 319 -9.41 -18.71 -1.62
C TYR C 319 -9.03 -17.67 -0.58
N SER C 320 -8.15 -16.76 -0.99
CA SER C 320 -7.56 -15.73 -0.14
C SER C 320 -7.57 -14.38 -0.85
N ASN C 321 -7.37 -13.29 -0.09
CA ASN C 321 -7.06 -12.01 -0.72
C ASN C 321 -5.89 -11.38 0.03
N VAL C 322 -4.82 -11.09 -0.72
CA VAL C 322 -3.52 -10.74 -0.19
C VAL C 322 -2.98 -9.55 -0.96
N THR C 323 -2.41 -8.58 -0.25
CA THR C 323 -1.63 -7.49 -0.84
C THR C 323 -0.19 -7.65 -0.41
N MSE C 324 0.72 -7.61 -1.37
CA MSE C 324 2.18 -7.63 -1.13
C MSE C 324 2.74 -6.27 -1.51
O MSE C 324 2.73 -5.88 -2.68
CB MSE C 324 2.88 -8.74 -1.92
CG MSE C 324 2.26 -10.09 -1.71
SE MSE C 324 3.37 -11.37 -2.69
CE MSE C 324 2.23 -12.93 -2.49
H MSE C 324 0.53 -7.58 -2.21
HA MSE C 324 2.33 -7.79 -0.19
HB2 MSE C 324 2.82 -8.53 -2.87
HB3 MSE C 324 3.81 -8.79 -1.65
HG2 MSE C 324 2.28 -10.32 -0.77
HG3 MSE C 324 1.37 -10.11 -2.07
HE1 MSE C 324 2.64 -13.68 -2.92
HE2 MSE C 324 2.12 -13.11 -1.55
HE3 MSE C 324 1.37 -12.73 -2.89
N VAL C 325 3.22 -5.54 -0.51
CA VAL C 325 3.73 -4.17 -0.64
C VAL C 325 5.24 -4.21 -0.53
N THR C 326 5.92 -3.96 -1.65
CA THR C 326 7.39 -3.89 -1.74
C THR C 326 8.06 -5.14 -1.15
N CYS C 327 7.54 -6.30 -1.51
CA CYS C 327 8.12 -7.56 -1.06
C CYS C 327 9.17 -8.03 -2.07
N MSE C 328 9.91 -9.07 -1.66
CA MSE C 328 11.10 -9.50 -2.41
C MSE C 328 11.25 -11.02 -2.39
O MSE C 328 10.68 -11.70 -1.54
CB MSE C 328 12.40 -8.88 -1.87
CG MSE C 328 12.43 -7.38 -1.92
SE MSE C 328 14.23 -6.76 -1.56
CE MSE C 328 15.19 -7.50 -3.12
H MSE C 328 9.75 -9.54 -0.96
HA MSE C 328 11.01 -9.23 -3.34
HB2 MSE C 328 12.51 -9.14 -0.94
HB3 MSE C 328 13.15 -9.20 -2.39
HG2 MSE C 328 12.16 -7.08 -2.81
HG3 MSE C 328 11.82 -7.02 -1.25
HE1 MSE C 328 16.12 -7.25 -3.05
HE2 MSE C 328 15.11 -8.46 -3.10
HE3 MSE C 328 14.81 -7.13 -3.93
N ASN C 329 11.99 -11.55 -3.35
CA ASN C 329 12.53 -12.90 -3.23
C ASN C 329 13.90 -12.90 -3.86
N GLU C 330 14.76 -13.81 -3.39
CA GLU C 330 16.07 -14.01 -4.01
C GLU C 330 16.34 -15.51 -4.06
N HIS C 331 16.62 -16.01 -5.26
CA HIS C 331 17.04 -17.39 -5.53
C HIS C 331 15.86 -18.31 -5.41
N LEU C 332 15.20 -18.56 -6.53
CA LEU C 332 13.96 -19.34 -6.57
C LEU C 332 14.08 -20.39 -7.66
N HIS C 333 13.90 -21.65 -7.28
CA HIS C 333 13.75 -22.77 -8.20
C HIS C 333 12.36 -23.32 -7.92
N ALA C 334 11.39 -22.98 -8.76
CA ALA C 334 10.02 -23.42 -8.51
C ALA C 334 9.27 -23.52 -9.84
N GLN C 335 8.22 -24.33 -9.84
CA GLN C 335 7.37 -24.44 -11.03
C GLN C 335 6.51 -23.20 -11.24
N ASN C 336 5.97 -22.62 -10.16
CA ASN C 336 5.26 -21.36 -10.21
C ASN C 336 5.89 -20.38 -9.23
N PHE C 337 5.86 -19.11 -9.61
CA PHE C 337 6.13 -18.04 -8.67
C PHE C 337 4.92 -17.87 -7.76
N LEU C 338 3.75 -17.68 -8.37
CA LEU C 338 2.48 -17.59 -7.65
C LEU C 338 1.49 -18.57 -8.25
N TYR C 339 0.92 -19.43 -7.40
CA TYR C 339 -0.24 -20.23 -7.75
C TYR C 339 -1.43 -19.59 -7.04
N ALA C 340 -2.39 -19.08 -7.80
CA ALA C 340 -3.55 -18.39 -7.23
C ALA C 340 -4.80 -19.10 -7.71
N GLU C 341 -5.60 -19.58 -6.75
CA GLU C 341 -6.84 -20.29 -7.04
C GLU C 341 -7.93 -19.64 -6.19
N GLY C 342 -8.94 -19.06 -6.84
CA GLY C 342 -9.99 -18.37 -6.13
C GLY C 342 -9.52 -17.21 -5.28
N SER C 343 -8.43 -16.54 -5.69
CA SER C 343 -7.77 -15.57 -4.84
C SER C 343 -7.55 -14.23 -5.55
N GLU C 344 -7.53 -13.18 -4.74
CA GLU C 344 -7.19 -11.85 -5.21
C GLU C 344 -5.83 -11.50 -4.63
N VAL C 345 -4.87 -11.22 -5.51
CA VAL C 345 -3.50 -10.93 -5.08
C VAL C 345 -3.02 -9.67 -5.80
N ASN C 346 -2.66 -8.65 -5.04
CA ASN C 346 -2.13 -7.41 -5.59
C ASN C 346 -0.67 -7.38 -5.19
N ILE C 347 0.21 -7.44 -6.18
CA ILE C 347 1.65 -7.48 -5.97
C ILE C 347 2.18 -6.14 -6.44
N SER C 348 2.54 -5.28 -5.49
CA SER C 348 2.88 -3.89 -5.78
CA SER C 348 2.89 -3.89 -5.80
CA SER C 348 2.90 -3.90 -5.81
C SER C 348 4.37 -3.66 -5.51
N ASN C 349 5.10 -3.24 -6.55
CA ASN C 349 6.51 -2.86 -6.43
C ASN C 349 7.35 -4.02 -5.88
N PHE C 350 7.08 -5.23 -6.36
CA PHE C 350 7.91 -6.38 -6.03
C PHE C 350 9.33 -6.20 -6.58
N ASN C 351 10.27 -6.91 -5.97
CA ASN C 351 11.65 -6.96 -6.48
C ASN C 351 12.11 -8.40 -6.32
N GLY C 352 11.99 -9.18 -7.40
CA GLY C 352 12.29 -10.60 -7.39
C GLY C 352 13.53 -10.88 -8.22
N GLN C 353 14.45 -11.62 -7.64
CA GLN C 353 15.78 -11.83 -8.20
C GLN C 353 16.12 -13.30 -8.31
N ALA C 354 16.84 -13.65 -9.36
CA ALA C 354 17.42 -14.98 -9.54
C ALA C 354 16.33 -16.05 -9.47
N ILE C 355 15.37 -15.93 -10.39
CA ILE C 355 14.26 -16.87 -10.50
C ILE C 355 14.52 -17.73 -11.73
N TYR C 356 14.76 -19.02 -11.54
CA TYR C 356 15.19 -19.90 -12.62
C TYR C 356 13.97 -20.65 -13.12
N ASN C 357 13.30 -20.04 -14.11
CA ASN C 357 12.00 -20.51 -14.61
C ASN C 357 12.21 -21.54 -15.71
N LYS C 358 12.70 -22.72 -15.29
CA LYS C 358 13.04 -23.80 -16.22
C LYS C 358 12.39 -25.13 -15.85
N TYR C 359 11.31 -25.13 -15.06
CA TYR C 359 10.77 -26.35 -14.50
C TYR C 359 9.38 -26.63 -15.05
N LYS C 360 9.08 -27.91 -15.26
CA LYS C 360 7.84 -28.33 -15.86
C LYS C 360 7.27 -29.52 -15.11
N PRO C 361 5.94 -29.63 -15.05
CA PRO C 361 5.33 -30.85 -14.49
C PRO C 361 5.47 -32.03 -15.43
N ALA C 362 5.46 -33.23 -14.85
CA ALA C 362 5.48 -34.43 -15.68
C ALA C 362 4.25 -34.50 -16.58
N THR C 363 3.08 -34.20 -16.01
CA THR C 363 1.81 -34.17 -16.74
C THR C 363 1.11 -32.86 -16.40
N SER C 364 0.82 -32.06 -17.41
CA SER C 364 0.25 -30.74 -17.15
C SER C 364 -1.27 -30.79 -17.11
N SER C 365 -1.85 -29.75 -16.51
CA SER C 365 -3.29 -29.60 -16.44
C SER C 365 -3.59 -28.14 -16.11
N TRP C 366 -4.88 -27.82 -16.05
CA TRP C 366 -5.30 -26.43 -15.81
C TRP C 366 -4.70 -25.85 -14.54
N ASN C 367 -4.47 -26.68 -13.52
CA ASN C 367 -3.95 -26.20 -12.25
C ASN C 367 -2.54 -26.71 -11.94
N ASN C 368 -1.79 -27.17 -12.95
CA ASN C 368 -0.46 -27.72 -12.73
C ASN C 368 0.32 -27.51 -14.03
N ASN C 369 0.93 -26.33 -14.18
CA ASN C 369 1.52 -26.01 -15.47
C ASN C 369 2.73 -25.12 -15.27
N ASN C 370 3.49 -24.94 -16.35
CA ASN C 370 4.77 -24.22 -16.27
C ASN C 370 4.59 -22.72 -16.56
N SER C 371 3.97 -22.05 -15.60
CA SER C 371 3.77 -20.60 -15.66
C SER C 371 4.28 -19.95 -14.37
N MSE C 372 4.80 -18.73 -14.49
CA MSE C 372 5.23 -18.01 -13.30
C MSE C 372 4.01 -17.60 -12.48
O MSE C 372 4.01 -17.76 -11.26
CB MSE C 372 6.10 -16.81 -13.66
CG MSE C 372 7.51 -17.20 -14.12
SE MSE C 372 8.54 -18.08 -12.70
CE MSE C 372 8.16 -19.93 -13.11
H MSE C 372 4.93 -18.31 -15.24
HA MSE C 372 5.77 -18.61 -12.75
HB2 MSE C 372 5.68 -16.32 -14.39
HB3 MSE C 372 6.20 -16.24 -12.89
HG2 MSE C 372 7.44 -17.82 -14.86
HG3 MSE C 372 7.98 -16.40 -14.40
HE1 MSE C 372 8.62 -20.50 -12.48
HE2 MSE C 372 7.20 -20.08 -13.06
HE3 MSE C 372 8.47 -20.13 -14.01
N PHE C 373 2.97 -17.11 -13.16
CA PHE C 373 1.69 -16.76 -12.53
C PHE C 373 0.63 -17.72 -13.03
N CYS C 374 0.23 -18.67 -12.19
CA CYS C 374 -0.80 -19.64 -12.53
C CYS C 374 -2.08 -19.13 -11.87
N VAL C 375 -2.97 -18.55 -12.67
CA VAL C 375 -4.07 -17.71 -12.20
C VAL C 375 -5.39 -18.39 -12.57
N VAL C 376 -6.00 -19.09 -11.61
CA VAL C 376 -7.08 -20.02 -11.94
C VAL C 376 -8.29 -19.82 -11.03
N SER C 377 -9.44 -20.32 -11.50
CA SER C 377 -10.69 -20.39 -10.74
C SER C 377 -11.07 -19.06 -10.10
N ASN C 378 -11.42 -18.10 -10.96
CA ASN C 378 -11.93 -16.78 -10.56
C ASN C 378 -10.94 -16.03 -9.69
N SER C 379 -9.66 -16.10 -10.04
CA SER C 379 -8.66 -15.31 -9.34
C SER C 379 -8.54 -13.95 -10.00
N LYS C 380 -7.91 -13.03 -9.27
CA LYS C 380 -7.58 -11.70 -9.78
C LYS C 380 -6.17 -11.41 -9.32
N VAL C 381 -5.24 -11.28 -10.27
CA VAL C 381 -3.85 -11.05 -9.93
C VAL C 381 -3.40 -9.82 -10.70
N LYS C 382 -2.79 -8.87 -9.99
CA LYS C 382 -2.32 -7.64 -10.62
C LYS C 382 -0.88 -7.39 -10.22
N LEU C 383 -0.05 -7.09 -11.21
CA LEU C 383 1.33 -6.63 -11.00
C LEU C 383 1.32 -5.10 -11.16
N THR C 384 1.41 -4.39 -10.05
CA THR C 384 1.50 -2.94 -10.04
C THR C 384 2.97 -2.58 -9.95
N GLY C 385 3.56 -2.22 -11.08
CA GLY C 385 5.00 -2.05 -11.15
C GLY C 385 5.71 -3.32 -10.78
N GLY C 386 6.86 -3.15 -10.13
CA GLY C 386 7.73 -4.24 -9.75
C GLY C 386 8.72 -4.62 -10.84
N SER C 387 9.69 -5.42 -10.40
CA SER C 387 10.72 -5.97 -11.27
CA SER C 387 10.72 -5.97 -11.26
CA SER C 387 10.71 -5.98 -11.27
C SER C 387 10.84 -7.46 -10.97
N PHE C 388 10.76 -8.29 -12.00
CA PHE C 388 10.73 -9.73 -11.83
C PHE C 388 11.87 -10.38 -12.61
N GLY C 389 12.82 -10.95 -11.87
CA GLY C 389 14.04 -11.48 -12.45
C GLY C 389 13.89 -12.91 -12.96
N PHE C 390 12.89 -13.14 -13.81
CA PHE C 390 12.73 -14.44 -14.46
C PHE C 390 13.86 -14.60 -15.46
N ALA C 391 14.68 -15.64 -15.29
CA ALA C 391 15.95 -15.70 -16.01
C ALA C 391 15.79 -16.02 -17.49
N TYR C 392 14.74 -16.76 -17.87
CA TYR C 392 14.71 -17.41 -19.17
C TYR C 392 13.50 -17.05 -20.01
N ASN C 393 13.74 -16.79 -21.29
CA ASN C 393 12.74 -16.91 -22.33
C ASN C 393 13.28 -17.86 -23.39
N SER C 394 12.54 -18.04 -24.48
CA SER C 394 12.86 -19.13 -25.39
C SER C 394 14.18 -18.92 -26.13
N SER C 395 14.73 -17.73 -26.08
CA SER C 395 15.99 -17.47 -26.78
CA SER C 395 15.99 -17.43 -26.76
C SER C 395 17.22 -17.74 -25.92
N ASP C 396 17.05 -18.11 -24.65
CA ASP C 396 18.19 -18.38 -23.80
C ASP C 396 19.04 -19.51 -24.40
N PRO C 397 20.36 -19.34 -24.51
CA PRO C 397 21.17 -20.36 -25.19
C PRO C 397 21.32 -21.65 -24.40
N THR C 398 21.06 -21.65 -23.10
CA THR C 398 21.25 -22.82 -22.26
C THR C 398 19.95 -23.46 -21.80
N GLN C 399 18.92 -22.66 -21.53
CA GLN C 399 17.66 -23.16 -20.98
C GLN C 399 16.46 -22.73 -21.82
N GLY C 400 16.68 -22.20 -23.01
CA GLY C 400 15.58 -21.64 -23.78
C GLY C 400 14.51 -22.68 -24.07
N ALA C 401 14.92 -23.92 -24.31
CA ALA C 401 13.95 -24.99 -24.57
C ALA C 401 13.18 -25.39 -23.32
N ASN C 402 13.53 -24.88 -22.15
CA ASN C 402 12.89 -25.25 -20.89
C ASN C 402 12.13 -24.11 -20.23
N CYS C 403 12.04 -22.94 -20.87
CA CYS C 403 11.53 -21.76 -20.20
C CYS C 403 10.04 -21.87 -19.93
N SER C 404 9.60 -21.15 -18.92
CA SER C 404 8.20 -21.11 -18.52
C SER C 404 7.45 -20.03 -19.29
N ALA C 405 6.12 -20.09 -19.21
CA ALA C 405 5.30 -18.94 -19.54
C ALA C 405 5.40 -17.90 -18.43
N LEU C 406 5.01 -16.65 -18.76
CA LEU C 406 4.80 -15.67 -17.69
C LEU C 406 3.53 -16.00 -16.92
N ALA C 407 2.44 -16.30 -17.62
CA ALA C 407 1.17 -16.47 -16.94
C ALA C 407 0.28 -17.40 -17.73
N TYR C 408 -0.54 -18.15 -16.98
CA TYR C 408 -1.68 -18.89 -17.48
C TYR C 408 -2.90 -18.41 -16.70
N VAL C 409 -3.94 -18.02 -17.42
CA VAL C 409 -5.12 -17.38 -16.84
C VAL C 409 -6.36 -18.11 -17.33
N GLU C 410 -7.14 -18.66 -16.40
CA GLU C 410 -8.26 -19.50 -16.81
C GLU C 410 -9.40 -19.40 -15.82
N GLY C 411 -10.53 -20.00 -16.21
CA GLY C 411 -11.64 -20.20 -15.30
C GLY C 411 -12.24 -18.95 -14.69
N GLY C 412 -12.46 -17.92 -15.49
CA GLY C 412 -13.05 -16.68 -15.02
C GLY C 412 -12.05 -15.72 -14.39
N SER C 413 -10.77 -16.06 -14.38
CA SER C 413 -9.78 -15.23 -13.71
C SER C 413 -9.45 -14.00 -14.53
N VAL C 414 -8.75 -13.05 -13.88
CA VAL C 414 -8.24 -11.85 -14.53
C VAL C 414 -6.80 -11.62 -14.09
N PHE C 415 -5.96 -11.24 -15.06
CA PHE C 415 -4.54 -10.99 -14.84
C PHE C 415 -4.19 -9.65 -15.45
N GLU C 416 -3.56 -8.79 -14.67
CA GLU C 416 -3.26 -7.42 -15.05
C GLU C 416 -1.78 -7.16 -14.85
N VAL C 417 -1.13 -6.59 -15.86
CA VAL C 417 0.29 -6.23 -15.79
C VAL C 417 0.42 -4.77 -16.17
N SER C 418 0.92 -3.95 -15.24
CA SER C 418 1.10 -2.51 -15.48
C SER C 418 2.19 -2.25 -16.52
N PRO C 419 2.18 -1.05 -17.15
CA PRO C 419 3.22 -0.75 -18.16
C PRO C 419 4.60 -0.54 -17.57
N GLU C 420 4.70 -0.30 -16.28
CA GLU C 420 5.98 -0.06 -15.64
C GLU C 420 6.54 -1.30 -14.93
N THR C 421 5.82 -2.43 -14.97
CA THR C 421 6.41 -3.69 -14.53
C THR C 421 7.54 -4.06 -15.48
N THR C 422 8.67 -4.51 -14.92
CA THR C 422 9.81 -4.89 -15.72
C THR C 422 10.22 -6.33 -15.40
N PHE C 423 10.90 -6.92 -16.39
CA PHE C 423 11.31 -8.31 -16.38
C PHE C 423 12.77 -8.40 -16.80
N ALA C 424 13.48 -9.41 -16.28
CA ALA C 424 14.92 -9.47 -16.58
C ALA C 424 15.18 -9.75 -18.07
N VAL C 425 14.31 -10.53 -18.70
CA VAL C 425 14.40 -10.76 -20.14
C VAL C 425 13.02 -10.50 -20.73
N PRO C 426 12.97 -10.21 -22.04
CA PRO C 426 11.69 -9.79 -22.64
C PRO C 426 10.61 -10.86 -22.65
N LEU C 427 9.38 -10.41 -22.45
CA LEU C 427 8.20 -11.21 -22.74
C LEU C 427 8.09 -11.46 -24.24
N GLU C 428 7.40 -12.52 -24.60
CA GLU C 428 7.44 -12.96 -26.00
C GLU C 428 6.14 -12.83 -26.74
N GLU C 429 4.99 -13.05 -26.10
CA GLU C 429 3.71 -13.02 -26.80
C GLU C 429 2.59 -13.09 -25.77
N ILE C 430 1.37 -12.85 -26.26
CA ILE C 430 0.16 -12.93 -25.44
C ILE C 430 -0.97 -13.39 -26.37
N GLY C 431 -1.81 -14.30 -25.89
CA GLY C 431 -2.89 -14.78 -26.74
C GLY C 431 -3.73 -15.85 -26.07
N ILE C 432 -4.86 -16.14 -26.72
CA ILE C 432 -5.75 -17.20 -26.27
C ILE C 432 -5.08 -18.56 -26.50
N SER C 433 -5.22 -19.48 -25.55
CA SER C 433 -4.60 -20.79 -25.66
C SER C 433 -5.51 -21.86 -25.08
N SER C 434 -5.58 -23.00 -25.77
CA SER C 434 -6.22 -24.19 -25.22
C SER C 434 -5.20 -25.16 -24.63
N LEU C 435 -3.92 -24.78 -24.55
CA LEU C 435 -2.87 -25.64 -24.03
C LEU C 435 -2.69 -25.43 -22.53
N THR C 436 -2.00 -26.37 -21.89
CA THR C 436 -1.58 -26.20 -20.50
C THR C 436 -0.08 -26.45 -20.33
N ALA C 437 0.67 -26.33 -21.42
CA ALA C 437 2.11 -26.49 -21.40
C ALA C 437 2.67 -25.52 -22.42
N PHE C 438 3.65 -24.72 -22.01
CA PHE C 438 4.06 -23.56 -22.80
C PHE C 438 5.56 -23.61 -23.05
N THR C 439 5.97 -22.91 -24.11
CA THR C 439 7.36 -22.92 -24.57
C THR C 439 7.90 -21.51 -24.81
N LYS C 440 7.17 -20.47 -24.43
CA LYS C 440 7.66 -19.10 -24.52
C LYS C 440 7.22 -18.35 -23.28
N LEU C 441 7.96 -17.30 -22.95
CA LEU C 441 7.65 -16.45 -21.79
C LEU C 441 6.52 -15.51 -22.18
N GLY C 442 5.30 -16.07 -22.21
CA GLY C 442 4.14 -15.37 -22.70
C GLY C 442 2.99 -15.38 -21.71
N VAL C 443 1.94 -14.66 -22.10
CA VAL C 443 0.71 -14.59 -21.33
C VAL C 443 -0.35 -15.36 -22.10
N TYR C 444 -0.82 -16.46 -21.51
CA TYR C 444 -1.76 -17.36 -22.16
C TYR C 444 -3.05 -17.41 -21.36
N TYR C 445 -4.19 -17.24 -22.04
CA TYR C 445 -5.46 -17.20 -21.33
C TYR C 445 -6.53 -17.91 -22.14
N THR C 446 -7.55 -18.39 -21.43
CA THR C 446 -8.64 -19.12 -22.07
C THR C 446 -9.74 -18.17 -22.49
N THR C 447 -10.73 -18.70 -23.22
CA THR C 447 -11.84 -17.87 -23.66
C THR C 447 -12.73 -17.46 -22.49
N ASN C 448 -12.57 -18.08 -21.33
CA ASN C 448 -13.31 -17.70 -20.14
C ASN C 448 -12.35 -17.06 -19.15
N ALA C 449 -11.60 -16.06 -19.61
CA ALA C 449 -10.64 -15.37 -18.78
C ALA C 449 -10.49 -13.95 -19.32
N SER C 450 -9.93 -13.07 -18.51
CA SER C 450 -9.71 -11.68 -18.90
C SER C 450 -8.27 -11.28 -18.63
N VAL C 451 -7.73 -10.43 -19.50
CA VAL C 451 -6.39 -9.89 -19.31
C VAL C 451 -6.39 -8.41 -19.62
N ASP C 452 -5.51 -7.69 -18.93
CA ASP C 452 -5.18 -6.29 -19.22
C ASP C 452 -3.69 -6.20 -18.95
N ALA C 453 -2.88 -6.47 -19.97
CA ALA C 453 -1.44 -6.64 -19.80
C ALA C 453 -0.66 -5.90 -20.88
N TYR C 454 0.34 -5.15 -20.44
CA TYR C 454 1.34 -4.64 -21.37
C TYR C 454 2.30 -5.73 -21.74
N VAL C 455 2.54 -5.87 -23.05
CA VAL C 455 3.55 -6.76 -23.59
C VAL C 455 4.30 -6.01 -24.68
N LYS C 456 5.60 -5.82 -24.48
CA LYS C 456 6.45 -5.10 -25.43
C LYS C 456 5.89 -3.73 -25.78
N GLY C 457 5.39 -3.04 -24.75
CA GLY C 457 4.92 -1.68 -24.88
C GLY C 457 3.52 -1.53 -25.43
N VAL C 458 2.82 -2.64 -25.64
CA VAL C 458 1.45 -2.64 -26.16
C VAL C 458 0.53 -3.20 -25.10
N ARG C 459 -0.54 -2.47 -24.80
CA ARG C 459 -1.53 -2.86 -23.82
C ARG C 459 -2.54 -3.75 -24.52
N TYR C 460 -2.76 -4.94 -23.98
CA TYR C 460 -3.74 -5.89 -24.51
C TYR C 460 -4.85 -6.07 -23.50
N GLN C 461 -6.08 -5.82 -23.92
CA GLN C 461 -7.24 -6.01 -23.07
C GLN C 461 -8.18 -6.98 -23.78
N ASP C 462 -8.65 -8.00 -23.06
CA ASP C 462 -9.54 -8.97 -23.66
C ASP C 462 -10.32 -9.65 -22.54
N GLY C 463 -11.50 -10.14 -22.87
CA GLY C 463 -12.32 -10.90 -21.94
C GLY C 463 -13.55 -10.12 -21.47
N ALA C 464 -14.40 -10.84 -20.71
CA ALA C 464 -15.68 -10.28 -20.29
C ALA C 464 -15.51 -9.07 -19.38
N LYS C 465 -14.42 -8.96 -18.64
CA LYS C 465 -14.23 -7.79 -17.79
C LYS C 465 -13.85 -6.54 -18.58
N PHE C 466 -13.54 -6.69 -19.87
CA PHE C 466 -13.08 -5.59 -20.73
C PHE C 466 -13.91 -5.62 -22.02
N SER C 467 -15.21 -5.34 -21.90
CA SER C 467 -16.10 -5.39 -23.06
C SER C 467 -16.18 -4.07 -23.83
N GLY C 468 -15.96 -2.95 -23.17
CA GLY C 468 -16.14 -1.70 -23.86
C GLY C 468 -15.56 -0.55 -23.05
N LEU C 469 -15.46 0.59 -23.72
CA LEU C 469 -14.91 1.81 -23.16
C LEU C 469 -15.76 2.96 -23.69
N VAL C 470 -16.44 3.65 -22.77
CA VAL C 470 -17.38 4.70 -23.11
C VAL C 470 -16.91 5.95 -22.40
N MSE C 471 -16.45 6.94 -23.14
CA MSE C 471 -15.86 8.11 -22.50
C MSE C 471 -16.40 9.37 -23.14
O MSE C 471 -16.44 9.51 -24.36
CB MSE C 471 -14.34 8.07 -22.57
CG MSE C 471 -13.76 8.03 -23.95
SE MSE C 471 -11.79 7.80 -23.85
CE MSE C 471 -11.35 8.94 -25.23
H MSE C 471 -16.46 6.96 -24.01
HA MSE C 471 -16.11 8.10 -21.57
HB2 MSE C 471 -13.99 8.87 -22.14
HB3 MSE C 471 -14.03 7.28 -22.10
HG2 MSE C 471 -14.13 7.27 -24.44
HG3 MSE C 471 -13.95 8.85 -24.42
HE1 MSE C 471 -10.39 8.96 -25.33
HE2 MSE C 471 -11.77 8.62 -26.05
HE3 MSE C 471 -11.68 9.83 -25.02
N ASP C 472 -16.85 10.27 -22.27
CA ASP C 472 -17.24 11.60 -22.71
C ASP C 472 -15.99 12.48 -22.76
N SER C 473 -15.09 12.09 -23.66
CA SER C 473 -13.74 12.63 -23.72
C SER C 473 -13.28 12.57 -25.16
N TYR C 474 -12.44 13.51 -25.55
CA TYR C 474 -11.88 13.44 -26.89
C TYR C 474 -10.65 12.54 -26.89
N LEU C 475 -10.28 12.09 -28.10
CA LEU C 475 -9.29 11.04 -28.24
C LEU C 475 -8.39 11.40 -29.40
N SER C 476 -7.09 11.35 -29.15
CA SER C 476 -6.09 11.54 -30.20
C SER C 476 -5.13 10.36 -30.15
N THR C 477 -4.92 9.70 -31.29
CA THR C 477 -4.06 8.52 -31.39
C THR C 477 -3.08 8.69 -32.56
N SER C 478 -2.12 7.78 -32.60
CA SER C 478 -1.19 7.70 -33.73
C SER C 478 -1.56 6.52 -34.63
N ALA C 479 -1.06 6.57 -35.86
CA ALA C 479 -1.18 5.42 -36.76
C ALA C 479 -0.18 4.33 -36.35
N LYS C 480 -0.51 3.08 -36.71
CA LYS C 480 0.48 2.02 -36.64
C LYS C 480 1.35 2.05 -37.88
N SER C 481 2.66 2.16 -37.69
CA SER C 481 3.57 2.26 -38.82
C SER C 481 3.91 0.86 -39.34
N LEU C 482 3.56 0.60 -40.59
CA LEU C 482 3.74 -0.71 -41.17
C LEU C 482 5.15 -0.91 -41.69
N GLY C 483 5.64 -2.13 -41.57
CA GLY C 483 6.87 -2.51 -42.25
C GLY C 483 6.57 -3.03 -43.64
N ASN C 484 7.29 -4.07 -44.07
CA ASN C 484 7.01 -4.69 -45.36
C ASN C 484 5.90 -5.73 -45.17
N GLU C 485 4.67 -5.23 -45.08
CA GLU C 485 3.54 -6.09 -44.76
C GLU C 485 2.32 -5.72 -45.59
N SER C 486 1.46 -6.71 -45.80
CA SER C 486 0.27 -6.55 -46.62
C SER C 486 -0.89 -6.01 -45.80
N ILE C 487 -1.52 -4.93 -46.29
CA ILE C 487 -2.74 -4.44 -45.64
C ILE C 487 -3.95 -5.30 -45.96
N THR C 488 -3.80 -6.26 -46.87
CA THR C 488 -4.85 -7.25 -47.10
C THR C 488 -4.90 -8.30 -46.01
N ASN C 489 -3.83 -8.48 -45.26
CA ASN C 489 -3.68 -9.60 -44.34
C ASN C 489 -3.57 -9.12 -42.90
N LEU C 490 -4.35 -8.08 -42.56
CA LEU C 490 -4.40 -7.52 -41.22
C LEU C 490 -5.75 -7.77 -40.55
N ARG C 491 -6.52 -8.73 -41.08
CA ARG C 491 -7.86 -8.97 -40.55
C ARG C 491 -7.84 -9.84 -39.30
N GLY C 492 -6.80 -10.63 -39.12
CA GLY C 492 -6.62 -11.41 -37.91
C GLY C 492 -5.93 -10.64 -36.79
N SER C 493 -5.03 -9.71 -37.14
CA SER C 493 -4.16 -9.10 -36.15
C SER C 493 -4.64 -7.74 -35.68
N LEU C 494 -5.48 -7.06 -36.46
CA LEU C 494 -5.97 -5.74 -36.10
C LEU C 494 -7.47 -5.66 -36.34
N GLY C 495 -8.13 -4.86 -35.52
CA GLY C 495 -9.55 -4.57 -35.72
C GLY C 495 -9.75 -3.26 -36.43
N ASN C 496 -10.42 -2.33 -35.77
CA ASN C 496 -10.50 -0.95 -36.23
C ASN C 496 -9.19 -0.26 -35.83
N ALA C 497 -8.46 0.24 -36.81
CA ALA C 497 -7.12 0.74 -36.55
C ALA C 497 -6.71 1.63 -37.72
N VAL C 498 -5.91 2.66 -37.42
CA VAL C 498 -5.31 3.51 -38.44
C VAL C 498 -3.90 3.01 -38.69
N LEU C 499 -3.53 2.90 -39.97
CA LEU C 499 -2.25 2.43 -40.44
C LEU C 499 -1.56 3.53 -41.25
N VAL C 500 -0.24 3.57 -41.20
CA VAL C 500 0.53 4.42 -42.10
C VAL C 500 1.58 3.57 -42.78
N GLN C 501 1.75 3.77 -44.07
CA GLN C 501 2.86 3.19 -44.80
C GLN C 501 3.64 4.36 -45.39
N SER C 502 4.75 4.70 -44.74
CA SER C 502 5.53 5.84 -45.17
C SER C 502 6.64 5.48 -46.13
N SER C 503 6.88 4.19 -46.39
CA SER C 503 7.89 3.76 -47.34
C SER C 503 7.26 3.48 -48.70
N THR C 504 7.72 4.20 -49.73
CA THR C 504 7.20 3.94 -51.06
C THR C 504 7.66 2.58 -51.58
N ALA C 505 8.74 2.03 -51.02
CA ALA C 505 9.18 0.69 -51.43
C ALA C 505 8.25 -0.39 -50.91
N ASN C 506 7.61 -0.15 -49.76
CA ASN C 506 6.72 -1.14 -49.17
C ASN C 506 5.25 -0.90 -49.52
N ALA C 507 4.91 0.27 -50.07
CA ALA C 507 3.57 0.55 -50.57
C ALA C 507 3.47 -0.03 -51.97
N THR C 508 3.05 -1.29 -52.05
CA THR C 508 3.04 -2.03 -53.29
C THR C 508 1.68 -2.66 -53.52
N VAL C 509 1.39 -2.97 -54.78
CA VAL C 509 0.17 -3.69 -55.09
C VAL C 509 0.21 -5.09 -54.48
N ALA C 510 1.39 -5.71 -54.46
CA ALA C 510 1.53 -7.00 -53.78
C ALA C 510 1.18 -6.92 -52.30
N ASN C 511 1.39 -5.76 -51.66
CA ASN C 511 1.03 -5.57 -50.27
C ASN C 511 -0.37 -4.99 -50.09
N GLY C 512 -1.20 -5.04 -51.12
CA GLY C 512 -2.61 -4.75 -50.98
C GLY C 512 -3.02 -3.33 -51.29
N PHE C 513 -2.08 -2.48 -51.74
CA PHE C 513 -2.44 -1.10 -52.04
C PHE C 513 -2.94 -0.97 -53.48
N PRO C 514 -3.78 0.05 -53.77
CA PRO C 514 -4.33 0.17 -55.14
C PRO C 514 -3.27 0.56 -56.16
N SER C 515 -2.21 1.24 -55.73
CA SER C 515 -1.15 1.70 -56.61
CA SER C 515 -1.12 1.56 -56.63
C SER C 515 0.15 1.75 -55.81
N SER C 516 1.27 1.40 -56.42
CA SER C 516 2.53 1.39 -55.71
CA SER C 516 2.54 1.38 -55.72
C SER C 516 3.20 2.76 -55.69
N GLY C 517 4.19 2.90 -54.81
CA GLY C 517 5.16 3.98 -54.92
C GLY C 517 4.77 5.29 -54.31
N VAL C 518 3.78 5.30 -53.43
CA VAL C 518 3.27 6.52 -52.84
C VAL C 518 2.92 6.17 -51.40
N PRO C 519 3.16 7.05 -50.43
CA PRO C 519 2.77 6.76 -49.05
C PRO C 519 1.27 6.77 -48.86
N TYR C 520 0.83 6.06 -47.84
CA TYR C 520 -0.59 5.92 -47.52
C TYR C 520 -0.86 6.14 -46.04
N LEU C 521 -2.03 6.72 -45.78
CA LEU C 521 -2.76 6.53 -44.53
C LEU C 521 -3.96 5.64 -44.84
N VAL C 522 -4.22 4.66 -43.99
CA VAL C 522 -5.34 3.74 -44.19
C VAL C 522 -6.13 3.63 -42.90
N GLN C 523 -7.43 3.89 -42.97
CA GLN C 523 -8.34 3.52 -41.89
C GLN C 523 -8.86 2.11 -42.17
N GLN C 524 -8.62 1.18 -41.25
CA GLN C 524 -9.24 -0.13 -41.29
C GLN C 524 -10.38 -0.17 -40.28
N TRP C 525 -11.52 -0.68 -40.74
CA TRP C 525 -12.63 -1.03 -39.87
C TRP C 525 -12.80 -2.54 -39.82
N SER C 526 -13.36 -3.03 -38.71
CA SER C 526 -13.51 -4.46 -38.48
C SER C 526 -14.68 -4.71 -37.54
N SER C 527 -15.34 -5.86 -37.71
CA SER C 527 -16.19 -6.36 -36.64
C SER C 527 -15.37 -6.63 -35.37
N ALA C 528 -14.20 -7.24 -35.54
CA ALA C 528 -13.24 -7.56 -34.48
C ALA C 528 -12.10 -8.34 -35.12
N ALA C 529 -10.87 -8.09 -34.71
CA ALA C 529 -9.77 -8.95 -35.13
C ALA C 529 -10.07 -10.41 -34.77
N GLY C 530 -9.89 -11.30 -35.74
CA GLY C 530 -10.15 -12.71 -35.49
C GLY C 530 -9.87 -13.55 -36.71
N ASN C 531 -10.12 -14.87 -36.57
CA ASN C 531 -9.94 -15.78 -37.69
C ASN C 531 -10.82 -15.42 -38.87
N ASN C 532 -12.00 -14.87 -38.60
CA ASN C 532 -12.90 -14.35 -39.63
C ASN C 532 -13.47 -13.04 -39.14
N SER C 533 -13.72 -12.14 -40.08
CA SER C 533 -14.22 -10.82 -39.70
C SER C 533 -14.81 -10.12 -40.91
N TYR C 534 -15.72 -9.19 -40.63
CA TYR C 534 -16.10 -8.16 -41.58
C TYR C 534 -15.07 -7.04 -41.53
N ASN C 535 -14.74 -6.49 -42.70
CA ASN C 535 -13.76 -5.41 -42.77
C ASN C 535 -14.13 -4.39 -43.82
N ALA C 536 -13.61 -3.19 -43.61
CA ALA C 536 -13.62 -2.16 -44.63
C ALA C 536 -12.34 -1.36 -44.49
N GLN C 537 -11.87 -0.79 -45.60
CA GLN C 537 -10.71 0.09 -45.55
C GLN C 537 -10.95 1.34 -46.38
N LEU C 538 -10.47 2.47 -45.85
CA LEU C 538 -10.36 3.71 -46.59
C LEU C 538 -8.89 4.05 -46.70
N ALA C 539 -8.39 4.16 -47.92
CA ALA C 539 -6.98 4.42 -48.18
C ALA C 539 -6.82 5.78 -48.83
N PHE C 540 -5.89 6.57 -48.29
CA PHE C 540 -5.45 7.85 -48.81
C PHE C 540 -4.07 7.64 -49.41
N ALA C 541 -3.98 7.76 -50.74
CA ALA C 541 -2.70 7.70 -51.44
C ALA C 541 -2.21 9.14 -51.49
N ILE C 542 -1.26 9.47 -50.63
CA ILE C 542 -0.90 10.86 -50.35
C ILE C 542 0.31 11.26 -51.17
N SER C 543 0.07 12.11 -52.17
CA SER C 543 1.11 12.73 -52.98
C SER C 543 1.37 14.15 -52.47
N SER C 544 2.34 14.83 -53.09
CA SER C 544 2.84 16.08 -52.51
C SER C 544 1.76 17.16 -52.47
N ALA C 545 0.84 17.15 -53.44
CA ALA C 545 -0.18 18.19 -53.54
C ALA C 545 -1.51 17.64 -54.03
N SER C 546 -1.74 16.33 -53.88
CA SER C 546 -2.98 15.72 -54.32
C SER C 546 -3.07 14.34 -53.68
N ALA C 547 -4.25 13.73 -53.82
CA ALA C 547 -4.40 12.37 -53.36
C ALA C 547 -5.41 11.65 -54.25
N THR C 548 -5.40 10.32 -54.15
CA THR C 548 -6.54 9.52 -54.57
C THR C 548 -7.12 8.82 -53.34
N PHE C 549 -8.42 8.59 -53.39
CA PHE C 549 -9.22 8.14 -52.26
C PHE C 549 -9.90 6.83 -52.62
N TRP C 550 -9.76 5.83 -51.77
CA TRP C 550 -10.15 4.46 -52.11
C TRP C 550 -10.90 3.78 -50.98
N LEU C 551 -11.95 3.04 -51.33
CA LEU C 551 -12.69 2.22 -50.38
C LEU C 551 -12.72 0.77 -50.85
N ARG C 552 -12.69 -0.17 -49.90
CA ARG C 552 -13.02 -1.56 -50.19
C ARG C 552 -13.57 -2.22 -48.95
N THR C 553 -14.22 -3.35 -49.16
CA THR C 553 -14.84 -4.11 -48.08
C THR C 553 -14.44 -5.58 -48.19
N GLY C 554 -14.46 -6.25 -47.03
CA GLY C 554 -14.33 -7.69 -46.97
C GLY C 554 -15.46 -8.32 -46.20
N ASP C 555 -16.25 -9.16 -46.86
CA ASP C 555 -17.30 -9.90 -46.20
C ASP C 555 -16.69 -10.95 -45.29
N TYR C 556 -17.45 -11.32 -44.26
CA TYR C 556 -17.02 -12.36 -43.35
C TYR C 556 -16.82 -13.65 -44.11
N GLY C 557 -15.61 -14.21 -44.04
CA GLY C 557 -15.33 -15.45 -44.74
C GLY C 557 -14.99 -15.30 -46.21
N GLN C 558 -14.87 -14.08 -46.71
CA GLN C 558 -14.57 -13.82 -48.10
C GLN C 558 -13.32 -12.95 -48.22
N ALA C 559 -12.66 -13.07 -49.36
CA ALA C 559 -11.57 -12.15 -49.66
C ALA C 559 -12.09 -10.73 -49.84
N TYR C 560 -11.21 -9.77 -49.67
CA TYR C 560 -11.55 -8.38 -49.96
C TYR C 560 -12.04 -8.25 -51.39
N ALA C 561 -13.05 -7.40 -51.55
CA ALA C 561 -13.51 -6.95 -52.85
C ALA C 561 -12.52 -5.94 -53.44
N SER C 562 -12.73 -5.62 -54.72
CA SER C 562 -11.85 -4.70 -55.42
C SER C 562 -11.89 -3.31 -54.82
N TRP C 563 -10.75 -2.62 -54.89
CA TRP C 563 -10.70 -1.22 -54.47
C TRP C 563 -11.58 -0.35 -55.37
N CYS C 564 -12.21 0.66 -54.76
CA CYS C 564 -13.11 1.59 -55.44
C CYS C 564 -12.59 3.02 -55.27
N ARG C 565 -12.18 3.64 -56.37
CA ARG C 565 -11.68 5.02 -56.37
C ARG C 565 -12.86 6.01 -56.37
N LEU C 566 -12.89 6.90 -55.37
CA LEU C 566 -13.99 7.85 -55.24
C LEU C 566 -13.91 8.95 -56.27
N TYR C 567 -15.08 9.32 -56.79
CA TYR C 567 -15.24 10.45 -57.68
C TYR C 567 -15.52 11.73 -56.88
N HIS C 568 -14.88 12.82 -57.25
CA HIS C 568 -15.01 14.08 -56.53
C HIS C 568 -14.74 15.22 -57.49
N TYR C 569 -15.04 16.45 -57.05
CA TYR C 569 -15.18 17.54 -58.00
C TYR C 569 -13.85 18.10 -58.48
N ARG C 570 -12.73 17.65 -57.95
CA ARG C 570 -11.41 18.07 -58.39
C ARG C 570 -10.73 17.01 -59.25
N ASP C 571 -11.50 16.10 -59.86
CA ASP C 571 -10.94 15.04 -60.69
C ASP C 571 -11.88 14.77 -61.86
N SER C 572 -11.30 14.30 -62.96
CA SER C 572 -12.10 13.68 -64.00
C SER C 572 -12.76 12.41 -63.45
N LEU C 573 -13.77 11.92 -64.16
CA LEU C 573 -14.44 10.67 -63.79
C LEU C 573 -14.04 9.60 -64.80
N ILE C 574 -13.03 8.81 -64.46
CA ILE C 574 -12.51 7.82 -65.39
C ILE C 574 -12.92 6.45 -64.86
N PRO C 575 -13.80 5.72 -65.54
CA PRO C 575 -14.26 4.43 -65.02
C PRO C 575 -13.15 3.40 -64.96
N ALA C 576 -13.37 2.40 -64.10
CA ALA C 576 -12.39 1.35 -63.85
C ALA C 576 -12.18 0.47 -65.08
N ALA C 577 -13.18 0.37 -65.92
CA ALA C 577 -13.08 -0.39 -67.16
C ALA C 577 -13.90 0.34 -68.20
N THR C 578 -13.48 0.24 -69.47
CA THR C 578 -14.13 0.95 -70.54
C THR C 578 -15.44 0.25 -70.91
N ASN C 579 -16.38 1.03 -71.43
CA ASN C 579 -17.59 0.49 -72.06
C ASN C 579 -18.32 -0.46 -71.12
N THR C 580 -18.37 -0.09 -69.83
CA THR C 580 -18.95 -0.96 -68.79
C THR C 580 -20.02 -0.24 -67.97
N TYR C 581 -19.72 0.98 -67.53
CA TYR C 581 -20.55 1.71 -66.59
C TYR C 581 -21.27 2.86 -67.28
N ASP C 582 -22.45 3.20 -66.76
CA ASP C 582 -23.32 4.20 -67.35
C ASP C 582 -23.41 5.48 -66.52
N LEU C 583 -23.73 6.57 -67.20
CA LEU C 583 -24.21 7.80 -66.58
C LEU C 583 -25.72 7.75 -66.65
N GLY C 584 -26.35 7.53 -65.50
CA GLY C 584 -27.79 7.43 -65.44
C GLY C 584 -28.30 6.06 -65.87
N SER C 585 -29.63 5.94 -65.86
CA SER C 585 -30.34 4.79 -66.43
C SER C 585 -31.62 5.30 -67.07
N SER C 586 -32.28 4.43 -67.86
CA SER C 586 -33.51 4.85 -68.52
C SER C 586 -34.54 5.32 -67.50
N GLY C 587 -34.56 4.72 -66.31
CA GLY C 587 -35.49 5.09 -65.26
C GLY C 587 -35.01 6.16 -64.28
N SER C 588 -33.71 6.49 -64.30
CA SER C 588 -33.14 7.53 -63.43
CA SER C 588 -33.16 7.54 -63.43
C SER C 588 -32.15 8.34 -64.26
N THR C 589 -32.66 9.35 -64.96
CA THR C 589 -31.86 10.17 -65.86
C THR C 589 -31.20 11.31 -65.10
N PHE C 590 -30.09 11.80 -65.65
CA PHE C 590 -29.65 13.15 -65.31
C PHE C 590 -30.48 14.14 -66.09
N ARG C 591 -30.83 15.24 -65.44
CA ARG C 591 -31.70 16.25 -66.04
C ARG C 591 -31.04 16.91 -67.25
N ASN C 592 -29.91 17.59 -67.02
CA ASN C 592 -29.14 18.22 -68.09
C ASN C 592 -27.67 17.85 -67.94
N ALA C 593 -26.92 18.06 -69.01
CA ALA C 593 -25.47 17.92 -68.98
C ALA C 593 -24.86 19.12 -69.68
N TYR C 594 -23.89 19.76 -69.03
CA TYR C 594 -23.26 20.96 -69.55
C TYR C 594 -21.82 20.63 -69.90
N LEU C 595 -21.52 20.58 -71.19
CA LEU C 595 -20.19 20.28 -71.69
C LEU C 595 -19.65 21.48 -72.45
N GLN C 596 -18.32 21.68 -72.37
CA GLN C 596 -17.69 22.69 -73.20
C GLN C 596 -17.67 22.26 -74.66
N ASN C 597 -17.55 20.97 -74.91
CA ASN C 597 -17.48 20.43 -76.26
C ASN C 597 -18.51 19.33 -76.43
N ALA C 598 -18.89 19.10 -77.69
CA ALA C 598 -19.83 18.03 -78.00
C ALA C 598 -19.29 16.69 -77.54
N VAL C 599 -20.20 15.80 -77.14
CA VAL C 599 -19.81 14.47 -76.70
C VAL C 599 -18.92 13.81 -77.75
N THR C 600 -17.89 13.10 -77.28
CA THR C 600 -17.02 12.32 -78.14
C THR C 600 -17.52 10.87 -78.10
N VAL C 601 -18.09 10.40 -79.21
CA VAL C 601 -18.62 9.04 -79.29
C VAL C 601 -17.52 8.15 -79.88
N VAL C 602 -17.00 7.25 -79.06
CA VAL C 602 -15.83 6.46 -79.42
C VAL C 602 -16.21 5.26 -80.31
ZN ZN D . 16.27 -8.76 49.40
#